data_7ZIP
#
_entry.id   7ZIP
#
_cell.length_a   144.734
_cell.length_b   152.505
_cell.length_c   62.952
_cell.angle_alpha   90.000
_cell.angle_beta   90.000
_cell.angle_gamma   90.000
#
_symmetry.space_group_name_H-M   'P 21 21 2'
#
loop_
_entity.id
_entity.type
_entity.pdbx_description
1 polymer 'Major capsid protein VP1'
2 branched 'N-acetyl-alpha-neuraminic acid-(2-3)-beta-D-galactopyranose-(1-4)-beta-D-glucopyranose'
3 water water
#
_entity_poly.entity_id   1
_entity_poly.type   'polypeptide(L)'
_entity_poly.pdbx_seq_one_letter_code
;GSHMGGVEVLEVKTGVDAITEVECFLNPEMGDPDENLRGFSLKLSAENDFSSDSPERKMLPCYSTARIPLPNLNEDLTCG
NLLMWEAVTVQTEVIGITSMLNLHAGSQKVHEHGGGKPIQGSNFHFFAVGGDPLEMQGVLMNYRTKYPDGTITPKNPTAQ
SQVMNTDHKAYLDKNNAYPVECWVPDPSRNENTRYFGTFTGGENVPPVLHVTNTATTVLLDEQGVGPLCKADSLYVSAAD
ICGLFTNSSGTQQWRGLARYFKIRLRKRSVKNPYP
;
_entity_poly.pdbx_strand_id   AAA,BBB,CCC,DDD,EEE
#
# COMPACT_ATOMS: atom_id res chain seq x y z
N VAL A 7 -25.67 -21.47 24.40
CA VAL A 7 -26.72 -21.58 23.36
C VAL A 7 -26.26 -22.56 22.27
N GLU A 8 -27.05 -23.61 21.99
CA GLU A 8 -26.93 -24.42 20.74
C GLU A 8 -27.73 -23.69 19.67
N VAL A 9 -27.16 -23.52 18.47
CA VAL A 9 -27.75 -22.64 17.41
C VAL A 9 -28.50 -23.48 16.37
N LEU A 10 -29.78 -23.17 16.11
CA LEU A 10 -30.62 -23.95 15.18
C LEU A 10 -30.89 -23.11 13.93
N GLU A 11 -32.13 -23.14 13.43
CA GLU A 11 -32.49 -22.56 12.11
C GLU A 11 -32.63 -21.05 12.25
N VAL A 12 -32.25 -20.30 11.21
CA VAL A 12 -32.77 -18.92 10.98
C VAL A 12 -34.30 -19.03 10.93
N LYS A 13 -35.03 -18.19 11.68
CA LYS A 13 -36.49 -17.97 11.56
C LYS A 13 -36.75 -16.93 10.47
N THR A 14 -37.54 -17.28 9.45
CA THR A 14 -38.15 -16.34 8.48
C THR A 14 -39.62 -16.19 8.83
N GLY A 15 -40.30 -15.25 8.16
CA GLY A 15 -41.71 -14.92 8.41
C GLY A 15 -41.88 -13.42 8.54
N VAL A 16 -43.06 -12.98 8.94
CA VAL A 16 -43.37 -11.54 9.18
C VAL A 16 -42.49 -11.08 10.34
N ASP A 17 -41.91 -9.90 10.21
CA ASP A 17 -41.17 -9.24 11.31
C ASP A 17 -40.03 -10.14 11.84
N ALA A 18 -39.37 -10.93 10.98
CA ALA A 18 -38.22 -11.77 11.37
C ALA A 18 -36.90 -11.05 11.04
N ILE A 19 -36.99 -9.81 10.59
CA ILE A 19 -35.78 -9.01 10.23
C ILE A 19 -35.97 -7.62 10.82
N THR A 20 -34.91 -7.00 11.33
CA THR A 20 -34.95 -5.56 11.68
C THR A 20 -33.61 -4.91 11.31
N GLU A 21 -33.61 -3.59 11.24
CA GLU A 21 -32.43 -2.75 10.96
C GLU A 21 -32.40 -1.66 12.01
N VAL A 22 -31.26 -1.47 12.66
CA VAL A 22 -31.07 -0.36 13.64
C VAL A 22 -29.90 0.48 13.16
N GLU A 23 -29.97 1.77 13.44
CA GLU A 23 -28.84 2.66 13.12
C GLU A 23 -28.53 3.54 14.32
N CYS A 24 -27.37 4.17 14.28
CA CYS A 24 -26.79 4.94 15.42
CA CYS A 24 -26.96 5.17 15.29
C CYS A 24 -25.66 5.83 14.86
N PHE A 25 -25.45 7.01 15.44
CA PHE A 25 -24.19 7.81 15.34
C PHE A 25 -23.57 7.76 16.73
N LEU A 26 -22.36 7.25 16.86
CA LEU A 26 -21.57 7.28 18.11
C LEU A 26 -20.61 8.48 18.08
N ASN A 27 -20.82 9.43 18.98
CA ASN A 27 -19.90 10.59 19.14
C ASN A 27 -18.55 10.13 19.66
N PRO A 28 -17.48 10.80 19.22
CA PRO A 28 -16.14 10.49 19.72
C PRO A 28 -15.96 11.12 21.12
N GLU A 29 -15.02 10.57 21.90
CA GLU A 29 -14.70 10.98 23.29
C GLU A 29 -13.18 11.25 23.40
N MET A 30 -12.77 12.39 22.85
CA MET A 30 -11.36 12.78 22.69
C MET A 30 -10.86 13.55 23.90
N GLY A 31 -11.76 13.98 24.80
CA GLY A 31 -11.40 14.64 26.08
C GLY A 31 -12.19 15.92 26.28
N ASP A 32 -12.41 16.70 25.22
CA ASP A 32 -13.33 17.87 25.20
C ASP A 32 -12.86 18.88 26.25
N PRO A 33 -11.71 19.54 26.02
CA PRO A 33 -11.04 20.31 27.08
C PRO A 33 -11.76 21.60 27.55
N ASP A 34 -12.66 22.13 26.74
CA ASP A 34 -13.56 23.24 27.16
C ASP A 34 -14.87 23.11 26.39
N GLU A 35 -15.85 23.96 26.72
CA GLU A 35 -17.23 23.92 26.15
C GLU A 35 -17.21 24.15 24.63
N ASN A 36 -16.11 24.69 24.05
CA ASN A 36 -16.04 25.03 22.59
C ASN A 36 -15.20 24.02 21.78
N LEU A 37 -14.44 23.14 22.43
CA LEU A 37 -13.48 22.23 21.74
C LEU A 37 -13.94 20.77 21.85
N ARG A 38 -15.25 20.53 21.77
CA ARG A 38 -15.85 19.20 21.58
C ARG A 38 -15.22 18.53 20.34
N GLY A 39 -14.76 17.28 20.47
CA GLY A 39 -14.14 16.53 19.37
C GLY A 39 -12.63 16.66 19.34
N PHE A 40 -12.05 17.44 20.27
CA PHE A 40 -10.57 17.56 20.46
C PHE A 40 -10.20 17.09 21.85
N SER A 41 -8.93 16.79 22.06
CA SER A 41 -8.32 16.61 23.40
C SER A 41 -7.74 17.93 23.89
N LEU A 42 -7.45 17.99 25.19
CA LEU A 42 -6.45 18.93 25.75
C LEU A 42 -5.10 18.78 25.01
N LYS A 43 -4.36 19.87 24.93
CA LYS A 43 -3.01 19.91 24.33
C LYS A 43 -2.15 18.82 25.00
N LEU A 44 -1.31 18.15 24.21
CA LEU A 44 -0.46 17.04 24.67
C LEU A 44 0.74 17.63 25.41
N SER A 45 1.02 17.06 26.57
CA SER A 45 2.30 17.15 27.30
C SER A 45 3.30 16.22 26.60
N ALA A 46 4.57 16.44 26.83
CA ALA A 46 5.65 15.56 26.31
C ALA A 46 6.77 15.44 27.33
N GLU A 47 7.47 14.31 27.29
CA GLU A 47 8.81 14.13 27.94
C GLU A 47 8.64 13.89 29.45
N ASN A 48 7.44 13.55 29.93
CA ASN A 48 7.27 13.17 31.36
C ASN A 48 8.14 11.94 31.62
N ASP A 49 8.96 11.97 32.67
CA ASP A 49 9.66 10.77 33.16
C ASP A 49 8.60 9.70 33.45
N PHE A 50 8.93 8.43 33.19
CA PHE A 50 8.03 7.28 33.45
C PHE A 50 7.59 7.27 34.92
N SER A 51 8.47 7.74 35.82
CA SER A 51 8.26 7.80 37.30
C SER A 51 7.32 8.97 37.69
N SER A 52 7.05 9.91 36.79
CA SER A 52 6.25 11.12 37.08
CA SER A 52 6.21 11.11 37.10
C SER A 52 5.33 11.44 35.90
N ASP A 53 4.42 10.53 35.56
CA ASP A 53 3.59 10.64 34.33
C ASP A 53 2.12 10.63 34.74
N SER A 54 1.53 11.82 34.79
CA SER A 54 0.18 12.12 35.36
C SER A 54 -0.62 12.86 34.33
N PRO A 55 -1.11 12.18 33.26
CA PRO A 55 -1.98 12.84 32.29
C PRO A 55 -3.32 13.30 32.88
N GLU A 56 -3.72 14.51 32.49
CA GLU A 56 -5.05 15.07 32.80
C GLU A 56 -6.12 14.31 32.02
N ARG A 57 -7.30 14.17 32.60
CA ARG A 57 -8.44 13.43 32.01
C ARG A 57 -8.71 13.95 30.60
N LYS A 58 -8.70 15.26 30.40
CA LYS A 58 -9.17 15.89 29.14
C LYS A 58 -8.15 15.67 28.01
N MET A 59 -6.97 15.14 28.31
CA MET A 59 -5.89 14.87 27.32
C MET A 59 -6.04 13.45 26.74
N LEU A 60 -6.90 12.61 27.34
CA LEU A 60 -6.91 11.15 27.03
C LEU A 60 -8.15 10.76 26.24
N PRO A 61 -8.01 10.47 24.92
CA PRO A 61 -9.13 9.95 24.16
C PRO A 61 -9.61 8.65 24.83
N CYS A 62 -10.92 8.42 24.85
CA CYS A 62 -11.51 7.17 25.39
C CYS A 62 -12.34 6.47 24.31
N TYR A 63 -12.60 5.19 24.51
CA TYR A 63 -13.55 4.40 23.70
C TYR A 63 -14.97 4.95 23.88
N SER A 64 -15.73 4.92 22.79
CA SER A 64 -17.17 5.27 22.72
C SER A 64 -17.94 3.95 22.75
N THR A 65 -19.10 3.91 23.39
CA THR A 65 -19.94 2.69 23.38
C THR A 65 -21.37 3.05 23.72
N ALA A 66 -22.31 2.25 23.21
CA ALA A 66 -23.75 2.43 23.41
C ALA A 66 -24.40 1.08 23.26
N ARG A 67 -25.50 0.89 23.99
CA ARG A 67 -26.38 -0.29 23.92
C ARG A 67 -27.63 0.12 23.14
N ILE A 68 -28.00 -0.64 22.10
CA ILE A 68 -29.22 -0.41 21.28
C ILE A 68 -30.27 -1.46 21.66
N PRO A 69 -31.42 -1.07 22.25
CA PRO A 69 -32.51 -2.02 22.52
C PRO A 69 -33.14 -2.53 21.21
N LEU A 70 -33.50 -3.80 21.20
CA LEU A 70 -34.10 -4.52 20.04
C LEU A 70 -35.49 -4.96 20.46
N PRO A 71 -36.41 -5.19 19.51
CA PRO A 71 -37.74 -5.70 19.85
C PRO A 71 -37.69 -6.95 20.75
N ASN A 72 -38.49 -6.91 21.82
CA ASN A 72 -38.46 -7.90 22.92
C ASN A 72 -38.84 -9.27 22.38
N LEU A 73 -37.98 -10.27 22.59
CA LEU A 73 -38.26 -11.68 22.23
C LEU A 73 -38.38 -12.45 23.53
N ASN A 74 -39.13 -13.54 23.51
CA ASN A 74 -39.40 -14.31 24.75
C ASN A 74 -38.13 -15.10 25.12
N GLU A 75 -37.49 -14.76 26.24
CA GLU A 75 -36.40 -15.56 26.86
C GLU A 75 -37.02 -16.62 27.76
N LEU A 83 -35.96 -17.91 20.34
CA LEU A 83 -35.49 -16.91 19.33
C LEU A 83 -34.57 -15.85 19.97
N MET A 84 -33.44 -15.58 19.33
CA MET A 84 -32.61 -14.39 19.61
C MET A 84 -32.38 -13.63 18.31
N TRP A 85 -32.21 -12.31 18.41
CA TRP A 85 -31.72 -11.45 17.31
C TRP A 85 -30.24 -11.80 17.02
N GLU A 86 -29.94 -11.97 15.74
CA GLU A 86 -28.59 -12.30 15.23
C GLU A 86 -28.19 -11.16 14.29
N ALA A 87 -27.07 -10.51 14.57
CA ALA A 87 -26.56 -9.40 13.73
C ALA A 87 -25.87 -10.01 12.51
N VAL A 88 -26.25 -9.62 11.29
CA VAL A 88 -25.80 -10.24 10.01
CA VAL A 88 -25.70 -10.29 10.06
C VAL A 88 -24.79 -9.34 9.29
N THR A 89 -25.08 -8.06 9.22
CA THR A 89 -24.23 -7.08 8.49
C THR A 89 -24.16 -5.76 9.24
N VAL A 90 -23.06 -5.03 9.05
CA VAL A 90 -22.95 -3.63 9.50
C VAL A 90 -22.42 -2.79 8.34
N GLN A 91 -23.09 -1.68 8.08
CA GLN A 91 -22.54 -0.55 7.28
CA GLN A 91 -22.60 -0.51 7.29
C GLN A 91 -22.05 0.50 8.28
N THR A 92 -20.81 0.94 8.13
CA THR A 92 -20.17 1.90 9.08
C THR A 92 -19.23 2.83 8.33
N GLU A 93 -19.17 4.10 8.74
CA GLU A 93 -18.15 5.03 8.21
C GLU A 93 -17.96 6.15 9.21
N VAL A 94 -16.86 6.87 9.02
CA VAL A 94 -16.52 8.04 9.86
C VAL A 94 -17.15 9.27 9.21
N ILE A 95 -17.74 10.09 10.07
CA ILE A 95 -18.61 11.25 9.69
C ILE A 95 -17.84 12.54 9.91
N GLY A 96 -17.70 13.29 8.84
CA GLY A 96 -17.15 14.66 8.86
C GLY A 96 -15.70 14.69 8.43
N ILE A 97 -15.26 13.73 7.62
CA ILE A 97 -13.84 13.68 7.19
C ILE A 97 -13.44 14.96 6.43
N THR A 98 -14.36 15.59 5.69
CA THR A 98 -14.03 16.79 4.89
C THR A 98 -13.80 18.02 5.79
N SER A 99 -14.15 17.95 7.08
CA SER A 99 -13.96 19.09 8.03
C SER A 99 -12.45 19.37 8.16
N MET A 100 -11.62 18.38 7.88
CA MET A 100 -10.13 18.51 7.89
C MET A 100 -9.63 19.39 6.74
N LEU A 101 -10.49 19.79 5.81
CA LEU A 101 -10.12 20.76 4.72
C LEU A 101 -10.24 22.21 5.19
N ASN A 102 -10.68 22.46 6.43
CA ASN A 102 -10.51 23.79 7.09
C ASN A 102 -9.04 23.93 7.54
N LEU A 103 -8.23 24.65 6.75
CA LEU A 103 -6.83 24.99 7.08
C LEU A 103 -6.71 26.49 7.42
N HIS A 104 -7.82 27.22 7.54
CA HIS A 104 -7.80 28.68 7.86
C HIS A 104 -7.90 28.90 9.39
N ALA A 105 -8.42 27.92 10.15
CA ALA A 105 -8.76 28.04 11.58
C ALA A 105 -7.74 27.32 12.47
N GLY A 106 -7.00 28.09 13.28
CA GLY A 106 -6.26 27.60 14.47
C GLY A 106 -4.94 26.94 14.14
N SER A 107 -4.78 26.36 12.95
CA SER A 107 -3.62 25.50 12.63
C SER A 107 -2.39 26.35 12.24
N GLN A 108 -1.22 25.95 12.73
CA GLN A 108 0.09 26.58 12.45
C GLN A 108 0.32 26.58 10.93
N LYS A 109 0.70 27.73 10.38
CA LYS A 109 1.05 27.88 8.95
C LYS A 109 2.17 26.87 8.66
N VAL A 110 2.16 26.25 7.48
CA VAL A 110 3.17 25.22 7.09
C VAL A 110 4.51 25.92 6.82
N HIS A 111 4.45 27.20 6.42
CA HIS A 111 5.62 28.10 6.19
C HIS A 111 5.06 29.53 6.04
N GLU A 112 5.96 30.52 6.01
CA GLU A 112 5.58 31.94 5.85
C GLU A 112 4.67 32.08 4.63
N HIS A 113 3.48 32.70 4.80
CA HIS A 113 2.50 32.98 3.72
C HIS A 113 1.74 31.72 3.28
N GLY A 114 2.01 30.59 3.91
CA GLY A 114 1.35 29.29 3.64
C GLY A 114 -0.01 29.13 4.32
N GLY A 115 -0.74 28.09 3.91
CA GLY A 115 -1.99 27.68 4.58
C GLY A 115 -1.70 26.97 5.89
N GLY A 116 -2.73 26.63 6.65
CA GLY A 116 -2.61 25.87 7.91
C GLY A 116 -2.15 24.44 7.70
N LYS A 117 -1.52 23.88 8.73
CA LYS A 117 -1.01 22.48 8.75
C LYS A 117 -2.23 21.55 8.84
N PRO A 118 -2.43 20.64 7.88
CA PRO A 118 -3.46 19.62 8.03
C PRO A 118 -3.29 18.79 9.30
N ILE A 119 -4.41 18.24 9.78
CA ILE A 119 -4.35 17.16 10.79
C ILE A 119 -3.60 15.98 10.20
N GLN A 120 -2.68 15.40 10.99
CA GLN A 120 -1.89 14.22 10.55
C GLN A 120 -1.21 13.62 11.78
N GLY A 121 -0.58 12.46 11.61
CA GLY A 121 0.13 11.76 12.68
C GLY A 121 -0.64 10.53 13.09
N SER A 122 -0.31 10.00 14.26
CA SER A 122 -0.79 8.67 14.72
C SER A 122 -2.32 8.64 14.67
N ASN A 123 -2.91 7.56 14.20
CA ASN A 123 -4.38 7.49 14.16
C ASN A 123 -4.78 6.05 14.48
N PHE A 124 -6.01 5.92 14.96
CA PHE A 124 -6.61 4.63 15.33
C PHE A 124 -8.09 4.68 14.92
N HIS A 125 -8.51 3.67 14.16
CA HIS A 125 -9.88 3.54 13.61
C HIS A 125 -10.36 2.14 13.99
N PHE A 126 -11.40 2.11 14.82
CA PHE A 126 -11.87 0.90 15.51
C PHE A 126 -13.39 0.91 15.63
N PHE A 127 -13.98 -0.27 15.43
CA PHE A 127 -15.42 -0.50 15.69
C PHE A 127 -15.67 -1.96 16.05
N ALA A 128 -16.75 -2.17 16.79
CA ALA A 128 -17.20 -3.50 17.23
C ALA A 128 -18.72 -3.51 17.23
N VAL A 129 -19.29 -4.67 16.87
CA VAL A 129 -20.73 -5.00 16.98
C VAL A 129 -20.83 -6.34 17.72
N GLY A 130 -21.57 -6.38 18.83
CA GLY A 130 -21.81 -7.67 19.53
C GLY A 130 -23.16 -7.71 20.23
N GLY A 131 -23.50 -8.90 20.75
CA GLY A 131 -24.66 -9.13 21.64
C GLY A 131 -24.28 -9.12 23.12
N ASP A 132 -23.00 -8.89 23.42
CA ASP A 132 -22.44 -8.58 24.76
C ASP A 132 -21.55 -7.35 24.67
N PRO A 133 -21.30 -6.67 25.81
CA PRO A 133 -20.32 -5.59 25.82
C PRO A 133 -18.95 -6.09 25.31
N LEU A 134 -18.23 -5.24 24.58
CA LEU A 134 -16.87 -5.55 24.07
C LEU A 134 -16.00 -5.91 25.27
N GLU A 135 -15.26 -6.99 25.15
CA GLU A 135 -14.31 -7.47 26.19
CA GLU A 135 -14.31 -7.47 26.19
C GLU A 135 -12.93 -6.95 25.82
N MET A 136 -12.25 -6.32 26.78
CA MET A 136 -10.97 -5.63 26.54
C MET A 136 -9.88 -6.22 27.43
N GLN A 137 -8.64 -6.14 26.94
CA GLN A 137 -7.37 -6.51 27.62
C GLN A 137 -6.57 -5.21 27.79
N GLY A 138 -6.01 -5.00 28.98
CA GLY A 138 -5.20 -3.81 29.31
C GLY A 138 -3.76 -4.04 28.94
N VAL A 139 -3.15 -3.05 28.29
CA VAL A 139 -1.67 -3.01 28.07
C VAL A 139 -1.25 -1.56 28.16
N LEU A 140 -0.16 -1.28 28.88
CA LEU A 140 0.30 0.10 29.12
C LEU A 140 1.66 0.33 28.46
N MET A 141 1.87 1.54 27.94
CA MET A 141 3.23 2.02 27.55
C MET A 141 4.12 2.02 28.80
N ASN A 142 3.58 2.52 29.92
CA ASN A 142 4.31 2.76 31.19
C ASN A 142 3.40 2.34 32.35
N TYR A 143 3.68 1.22 32.99
CA TYR A 143 2.81 0.67 34.06
C TYR A 143 2.73 1.68 35.21
N ARG A 144 3.62 2.67 35.27
CA ARG A 144 3.69 3.62 36.42
C ARG A 144 2.90 4.88 36.12
N THR A 145 2.31 4.98 34.92
CA THR A 145 1.43 6.13 34.61
C THR A 145 0.40 6.27 35.76
N LYS A 146 0.23 7.49 36.24
CA LYS A 146 -0.80 7.86 37.24
C LYS A 146 -2.02 8.40 36.48
N TYR A 147 -3.04 7.55 36.27
CA TYR A 147 -4.25 7.95 35.50
C TYR A 147 -5.19 8.77 36.38
N PRO A 148 -5.92 9.72 35.77
CA PRO A 148 -6.77 10.67 36.51
C PRO A 148 -8.18 10.16 36.84
N ASP A 149 -8.80 10.74 37.88
CA ASP A 149 -10.19 10.43 38.31
C ASP A 149 -11.10 10.51 37.08
N GLY A 150 -12.08 9.62 37.02
CA GLY A 150 -13.05 9.55 35.92
C GLY A 150 -12.60 8.64 34.78
N THR A 151 -11.36 8.13 34.82
CA THR A 151 -10.91 7.08 33.87
C THR A 151 -10.97 5.74 34.58
N ILE A 152 -11.20 4.69 33.81
CA ILE A 152 -11.09 3.28 34.27
C ILE A 152 -9.90 2.68 33.52
N THR A 153 -8.84 2.28 34.24
CA THR A 153 -7.55 1.90 33.63
C THR A 153 -7.14 0.62 34.32
N PRO A 154 -6.19 -0.13 33.75
CA PRO A 154 -5.75 -1.38 34.33
C PRO A 154 -5.46 -1.20 35.82
N LYS A 155 -6.07 -2.06 36.65
CA LYS A 155 -6.11 -1.95 38.12
C LYS A 155 -4.81 -2.55 38.63
N ASN A 156 -4.07 -1.79 39.43
CA ASN A 156 -2.91 -2.33 40.20
C ASN A 156 -1.88 -2.92 39.23
N PRO A 157 -1.43 -2.14 38.23
CA PRO A 157 -0.51 -2.67 37.23
C PRO A 157 0.88 -2.98 37.80
N THR A 158 1.59 -3.87 37.12
CA THR A 158 2.99 -4.21 37.40
C THR A 158 3.76 -4.05 36.10
N ALA A 159 5.05 -4.38 36.09
CA ALA A 159 5.93 -4.24 34.90
C ALA A 159 5.39 -5.11 33.76
N GLN A 160 4.83 -6.27 34.09
CA GLN A 160 4.31 -7.23 33.08
C GLN A 160 3.14 -6.60 32.31
N SER A 161 2.49 -5.60 32.90
CA SER A 161 1.37 -4.84 32.31
C SER A 161 1.81 -4.05 31.07
N GLN A 162 3.12 -3.84 30.90
CA GLN A 162 3.75 -3.27 29.67
C GLN A 162 3.79 -4.30 28.55
N VAL A 163 3.65 -5.58 28.86
CA VAL A 163 3.54 -6.65 27.83
C VAL A 163 2.15 -7.28 28.06
N MET A 164 2.03 -8.54 28.43
CA MET A 164 0.69 -9.14 28.68
C MET A 164 0.57 -9.52 30.15
N ASN A 165 -0.39 -8.90 30.80
CA ASN A 165 -0.78 -9.24 32.20
C ASN A 165 -2.26 -9.67 32.15
N THR A 166 -2.52 -10.97 32.30
CA THR A 166 -3.88 -11.58 32.14
C THR A 166 -4.86 -11.09 33.23
N ASP A 167 -4.42 -10.37 34.25
CA ASP A 167 -5.38 -9.80 35.23
C ASP A 167 -6.15 -8.62 34.65
N HIS A 168 -5.67 -7.95 33.60
CA HIS A 168 -6.34 -6.73 33.09
C HIS A 168 -7.45 -7.09 32.09
N LYS A 169 -8.59 -7.61 32.58
CA LYS A 169 -9.80 -7.86 31.77
C LYS A 169 -10.90 -6.87 32.16
N ALA A 170 -11.57 -6.28 31.17
CA ALA A 170 -12.67 -5.34 31.45
C ALA A 170 -13.73 -5.54 30.37
N TYR A 171 -14.97 -5.17 30.68
CA TYR A 171 -16.04 -4.92 29.69
C TYR A 171 -16.01 -3.42 29.38
N LEU A 172 -16.15 -3.08 28.11
CA LEU A 172 -16.42 -1.69 27.69
C LEU A 172 -17.88 -1.36 28.09
N ASP A 173 -18.09 -1.03 29.37
CA ASP A 173 -19.44 -0.94 29.99
C ASP A 173 -19.73 0.50 30.39
N LYS A 174 -18.94 1.46 29.91
CA LYS A 174 -19.14 2.88 30.22
C LYS A 174 -18.49 3.70 29.12
N ASN A 175 -19.26 4.62 28.54
CA ASN A 175 -18.81 5.60 27.52
C ASN A 175 -17.88 6.63 28.17
N ASN A 176 -16.87 7.11 27.44
CA ASN A 176 -16.02 8.24 27.90
C ASN A 176 -15.33 7.93 29.25
N ALA A 177 -14.73 6.76 29.37
CA ALA A 177 -14.13 6.31 30.64
C ALA A 177 -12.89 5.44 30.41
N TYR A 178 -12.89 4.54 29.41
CA TYR A 178 -11.76 3.61 29.12
C TYR A 178 -10.78 4.26 28.14
N PRO A 179 -9.59 4.73 28.59
CA PRO A 179 -8.69 5.41 27.67
C PRO A 179 -8.22 4.44 26.56
N VAL A 180 -8.15 4.96 25.34
CA VAL A 180 -7.73 4.15 24.16
C VAL A 180 -6.31 3.65 24.42
N GLU A 181 -5.44 4.48 25.02
CA GLU A 181 -4.01 4.12 25.23
C GLU A 181 -3.87 2.94 26.19
N CYS A 182 -4.89 2.55 26.95
CA CYS A 182 -4.77 1.53 28.04
C CYS A 182 -5.36 0.19 27.64
N TRP A 183 -6.21 0.15 26.61
CA TRP A 183 -7.09 -1.00 26.37
C TRP A 183 -7.10 -1.37 24.90
N VAL A 184 -7.17 -2.66 24.64
CA VAL A 184 -7.40 -3.22 23.28
C VAL A 184 -8.51 -4.23 23.38
N PRO A 185 -9.16 -4.56 22.25
CA PRO A 185 -10.10 -5.69 22.24
C PRO A 185 -9.34 -6.97 22.55
N ASP A 186 -9.96 -7.86 23.35
CA ASP A 186 -9.35 -9.13 23.83
C ASP A 186 -9.68 -10.23 22.83
N PRO A 187 -8.71 -10.74 22.04
CA PRO A 187 -8.98 -11.82 21.08
C PRO A 187 -9.22 -13.16 21.77
N SER A 188 -8.85 -13.30 23.03
CA SER A 188 -9.12 -14.53 23.81
C SER A 188 -10.57 -14.59 24.28
N ARG A 189 -11.37 -13.52 24.15
CA ARG A 189 -12.82 -13.54 24.55
C ARG A 189 -13.67 -13.11 23.35
N ASN A 190 -14.73 -12.32 23.55
CA ASN A 190 -15.53 -11.71 22.47
C ASN A 190 -16.06 -12.83 21.54
N GLU A 191 -16.55 -13.93 22.12
CA GLU A 191 -17.18 -15.05 21.39
C GLU A 191 -18.38 -14.50 20.59
N ASN A 192 -19.01 -13.45 21.10
CA ASN A 192 -20.31 -12.95 20.63
C ASN A 192 -20.21 -11.51 20.10
N THR A 193 -18.99 -11.07 19.75
CA THR A 193 -18.69 -9.72 19.21
C THR A 193 -17.80 -9.88 17.97
N ARG A 194 -17.97 -9.04 16.96
CA ARG A 194 -16.96 -8.88 15.88
C ARG A 194 -16.35 -7.48 16.05
N TYR A 195 -15.03 -7.39 16.00
CA TYR A 195 -14.28 -6.12 16.15
C TYR A 195 -13.23 -6.03 15.04
N PHE A 196 -12.90 -4.79 14.70
CA PHE A 196 -12.01 -4.46 13.56
C PHE A 196 -11.30 -3.14 13.91
N GLY A 197 -9.96 -3.15 13.89
CA GLY A 197 -9.19 -1.95 14.19
C GLY A 197 -7.91 -1.89 13.40
N THR A 198 -7.50 -0.67 13.03
CA THR A 198 -6.15 -0.37 12.48
C THR A 198 -5.52 0.81 13.23
N PHE A 199 -4.31 0.60 13.75
CA PHE A 199 -3.40 1.60 14.34
C PHE A 199 -2.32 1.93 13.30
N THR A 200 -2.16 3.20 12.94
CA THR A 200 -1.03 3.71 12.12
C THR A 200 -0.31 4.78 12.94
N GLY A 201 0.94 4.56 13.33
CA GLY A 201 1.68 5.53 14.15
C GLY A 201 2.72 6.29 13.35
N GLY A 202 3.01 7.53 13.72
CA GLY A 202 4.12 8.31 13.14
C GLY A 202 3.73 9.76 13.05
N GLU A 203 4.70 10.66 13.09
CA GLU A 203 4.42 12.11 13.25
C GLU A 203 3.73 12.60 11.97
N ASN A 204 4.11 12.05 10.81
CA ASN A 204 3.65 12.63 9.52
C ASN A 204 2.62 11.76 8.82
N VAL A 205 2.06 10.74 9.51
CA VAL A 205 1.09 9.78 8.90
C VAL A 205 -0.09 10.57 8.32
N PRO A 206 -0.38 10.41 7.02
CA PRO A 206 -1.59 11.00 6.43
C PRO A 206 -2.82 10.23 6.85
N PRO A 207 -3.91 10.90 7.29
CA PRO A 207 -5.19 10.23 7.46
C PRO A 207 -5.69 9.79 6.07
N VAL A 208 -6.18 8.56 5.97
CA VAL A 208 -6.81 8.02 4.72
C VAL A 208 -8.18 7.49 5.11
N LEU A 209 -9.26 8.12 4.69
CA LEU A 209 -10.59 7.72 5.17
C LEU A 209 -11.52 7.60 3.97
N HIS A 210 -12.29 6.52 3.91
CA HIS A 210 -13.16 6.14 2.78
C HIS A 210 -14.60 6.31 3.22
N VAL A 211 -15.47 6.84 2.37
CA VAL A 211 -16.94 6.82 2.59
C VAL A 211 -17.63 6.18 1.40
N THR A 212 -18.65 5.37 1.67
CA THR A 212 -19.60 4.86 0.65
C THR A 212 -20.75 4.15 1.36
N ASN A 213 -21.95 4.31 0.83
CA ASN A 213 -23.18 3.62 1.33
C ASN A 213 -23.36 2.29 0.58
N THR A 214 -22.34 1.77 -0.14
CA THR A 214 -22.47 0.52 -0.93
C THR A 214 -21.63 -0.59 -0.29
N ALA A 215 -20.92 -0.32 0.80
CA ALA A 215 -19.98 -1.29 1.42
C ALA A 215 -20.60 -1.86 2.70
N THR A 216 -20.57 -3.17 2.83
CA THR A 216 -21.18 -3.88 3.98
CA THR A 216 -21.20 -3.90 3.96
C THR A 216 -20.17 -4.90 4.49
N THR A 217 -20.06 -5.03 5.82
CA THR A 217 -19.20 -6.00 6.52
C THR A 217 -20.10 -7.14 7.01
N VAL A 218 -19.80 -8.37 6.62
CA VAL A 218 -20.63 -9.56 7.01
C VAL A 218 -20.13 -10.00 8.39
N LEU A 219 -21.06 -10.15 9.36
CA LEU A 219 -20.69 -10.43 10.77
C LEU A 219 -20.80 -11.92 11.05
N LEU A 220 -21.11 -12.72 10.04
CA LEU A 220 -21.32 -14.18 10.23
C LEU A 220 -19.95 -14.82 10.47
N ASP A 221 -19.85 -15.80 11.36
CA ASP A 221 -18.62 -16.60 11.58
C ASP A 221 -18.56 -17.70 10.50
N GLU A 222 -17.61 -18.62 10.62
CA GLU A 222 -17.36 -19.71 9.63
C GLU A 222 -18.62 -20.59 9.53
N GLN A 223 -19.40 -20.77 10.60
CA GLN A 223 -20.62 -21.62 10.61
C GLN A 223 -21.85 -20.84 10.10
N GLY A 224 -21.69 -19.57 9.69
CA GLY A 224 -22.82 -18.73 9.22
C GLY A 224 -23.58 -18.10 10.38
N VAL A 225 -22.96 -17.91 11.54
CA VAL A 225 -23.66 -17.37 12.75
C VAL A 225 -23.09 -15.99 13.12
N GLY A 226 -23.95 -14.98 13.18
CA GLY A 226 -23.61 -13.63 13.63
C GLY A 226 -23.67 -13.54 15.15
N PRO A 227 -23.20 -12.41 15.71
CA PRO A 227 -23.44 -12.06 17.10
C PRO A 227 -24.90 -12.27 17.51
N LEU A 228 -25.10 -12.95 18.63
CA LEU A 228 -26.44 -13.28 19.19
C LEU A 228 -26.71 -12.35 20.37
N CYS A 229 -27.83 -11.64 20.29
CA CYS A 229 -28.09 -10.52 21.19
C CYS A 229 -28.81 -11.06 22.42
N LYS A 230 -27.98 -11.48 23.37
CA LYS A 230 -28.31 -11.67 24.80
C LYS A 230 -29.19 -10.48 25.22
N ALA A 231 -30.35 -10.83 25.76
CA ALA A 231 -31.28 -9.91 26.41
C ALA A 231 -31.71 -8.82 25.44
N ASP A 232 -31.78 -9.09 24.13
CA ASP A 232 -32.36 -8.16 23.13
C ASP A 232 -31.63 -6.80 23.20
N SER A 233 -30.31 -6.82 23.41
CA SER A 233 -29.43 -5.63 23.38
C SER A 233 -28.36 -5.83 22.30
N LEU A 234 -28.11 -4.81 21.50
CA LEU A 234 -26.98 -4.78 20.53
C LEU A 234 -25.97 -3.74 21.02
N TYR A 235 -24.69 -4.10 21.07
CA TYR A 235 -23.61 -3.23 21.59
C TYR A 235 -22.75 -2.72 20.44
N VAL A 236 -22.59 -1.41 20.35
CA VAL A 236 -21.69 -0.78 19.33
C VAL A 236 -20.60 -0.06 20.11
N SER A 237 -19.37 -0.11 19.57
CA SER A 237 -18.15 0.47 20.18
C SER A 237 -17.32 1.07 19.06
N ALA A 238 -16.59 2.13 19.35
CA ALA A 238 -15.73 2.81 18.37
C ALA A 238 -14.60 3.57 19.05
N ALA A 239 -13.53 3.78 18.28
CA ALA A 239 -12.51 4.81 18.55
C ALA A 239 -12.01 5.28 17.20
N ASP A 240 -12.16 6.57 16.89
CA ASP A 240 -11.72 7.18 15.62
C ASP A 240 -10.88 8.42 15.94
N ILE A 241 -9.68 8.17 16.43
CA ILE A 241 -8.65 9.24 16.61
C ILE A 241 -8.05 9.47 15.22
N CYS A 242 -8.25 10.65 14.64
CA CYS A 242 -7.94 10.93 13.21
C CYS A 242 -6.50 11.42 13.00
N GLY A 243 -5.85 11.90 14.06
CA GLY A 243 -4.51 12.51 13.99
C GLY A 243 -4.39 13.66 14.97
N LEU A 244 -3.32 14.43 14.84
CA LEU A 244 -3.01 15.60 15.71
C LEU A 244 -3.26 16.91 14.96
N PHE A 245 -3.96 17.82 15.63
CA PHE A 245 -4.17 19.22 15.20
C PHE A 245 -2.99 20.01 15.75
N THR A 246 -2.27 20.77 14.94
CA THR A 246 -1.12 21.60 15.42
C THR A 246 -1.58 23.06 15.44
N ASN A 247 -1.70 23.61 16.64
CA ASN A 247 -2.02 25.05 16.86
C ASN A 247 -0.86 25.93 16.40
N SER A 248 -1.12 27.21 16.14
CA SER A 248 -0.09 28.20 15.72
CA SER A 248 -0.10 28.22 15.73
C SER A 248 1.10 28.23 16.70
N SER A 249 0.85 28.05 18.00
CA SER A 249 1.91 28.00 19.05
C SER A 249 2.80 26.77 18.89
N GLY A 250 2.34 25.72 18.21
CA GLY A 250 3.08 24.43 18.12
C GLY A 250 2.47 23.37 19.02
N THR A 251 1.52 23.73 19.87
CA THR A 251 0.87 22.72 20.75
C THR A 251 -0.02 21.81 19.89
N GLN A 252 -0.26 20.58 20.35
CA GLN A 252 -0.98 19.58 19.53
C GLN A 252 -2.12 19.00 20.35
N GLN A 253 -3.22 18.69 19.67
CA GLN A 253 -4.45 18.14 20.27
C GLN A 253 -4.93 17.00 19.38
N TRP A 254 -5.39 15.90 19.95
CA TRP A 254 -6.10 14.84 19.20
C TRP A 254 -7.38 15.42 18.60
N ARG A 255 -7.73 14.99 17.38
CA ARG A 255 -9.03 15.27 16.71
C ARG A 255 -9.70 13.92 16.43
N GLY A 256 -10.97 13.81 16.82
CA GLY A 256 -11.81 12.61 16.64
C GLY A 256 -13.08 12.96 15.91
N LEU A 257 -13.70 11.95 15.32
CA LEU A 257 -14.95 12.14 14.55
C LEU A 257 -15.92 11.05 14.95
N ALA A 258 -17.22 11.33 14.80
CA ALA A 258 -18.30 10.37 15.09
C ALA A 258 -18.27 9.22 14.06
N ARG A 259 -18.82 8.07 14.45
CA ARG A 259 -18.97 6.91 13.55
C ARG A 259 -20.44 6.54 13.43
N TYR A 260 -20.88 6.26 12.22
CA TYR A 260 -22.25 5.80 11.89
C TYR A 260 -22.24 4.29 11.82
N PHE A 261 -23.33 3.67 12.29
CA PHE A 261 -23.58 2.21 12.24
C PHE A 261 -24.98 1.97 11.72
N LYS A 262 -25.13 1.12 10.71
CA LYS A 262 -26.43 0.54 10.31
C LYS A 262 -26.27 -0.98 10.34
N ILE A 263 -27.00 -1.62 11.24
CA ILE A 263 -26.87 -3.07 11.57
C ILE A 263 -28.18 -3.79 11.20
N ARG A 264 -28.07 -4.81 10.36
CA ARG A 264 -29.23 -5.64 9.92
C ARG A 264 -29.22 -6.91 10.76
N LEU A 265 -30.35 -7.26 11.37
CA LEU A 265 -30.47 -8.46 12.23
C LEU A 265 -31.63 -9.33 11.73
N ARG A 266 -31.58 -10.59 12.13
CA ARG A 266 -32.58 -11.62 11.77
C ARG A 266 -32.84 -12.47 13.01
N LYS A 267 -34.00 -13.12 13.07
CA LYS A 267 -34.29 -14.00 14.22
C LYS A 267 -33.66 -15.37 13.96
N ARG A 268 -33.02 -15.90 15.01
CA ARG A 268 -32.35 -17.21 15.06
C ARG A 268 -32.89 -18.06 16.23
N SER A 269 -33.32 -19.30 15.95
CA SER A 269 -33.73 -20.29 16.98
C SER A 269 -32.46 -20.81 17.66
N VAL A 270 -32.46 -20.87 18.99
CA VAL A 270 -31.40 -21.52 19.82
C VAL A 270 -32.08 -22.32 20.94
N LYS A 271 -31.36 -23.30 21.54
CA LYS A 271 -31.91 -24.28 22.52
C LYS A 271 -31.38 -23.98 23.93
N GLU B 8 -42.79 0.40 -4.52
CA GLU B 8 -42.99 -1.03 -4.96
C GLU B 8 -42.43 -1.21 -6.36
N VAL B 9 -41.32 -1.94 -6.46
CA VAL B 9 -40.50 -2.09 -7.69
C VAL B 9 -40.83 -3.42 -8.38
N LEU B 10 -41.34 -3.39 -9.61
CA LEU B 10 -41.75 -4.62 -10.36
C LEU B 10 -40.62 -5.05 -11.29
N GLU B 11 -40.94 -5.40 -12.54
CA GLU B 11 -40.03 -6.02 -13.53
C GLU B 11 -39.27 -4.93 -14.30
N VAL B 12 -38.05 -5.27 -14.74
CA VAL B 12 -37.29 -4.54 -15.81
C VAL B 12 -37.97 -4.77 -17.17
N LYS B 13 -38.24 -3.70 -17.92
CA LYS B 13 -38.67 -3.72 -19.35
C LYS B 13 -37.43 -3.94 -20.23
N THR B 14 -37.46 -4.94 -21.12
CA THR B 14 -36.28 -5.46 -21.88
C THR B 14 -36.34 -5.07 -23.36
N ASP B 17 -36.28 -0.65 -27.44
CA ASP B 17 -35.52 0.61 -27.20
C ASP B 17 -35.71 1.03 -25.74
N ALA B 18 -35.06 0.33 -24.80
CA ALA B 18 -35.35 0.39 -23.34
C ALA B 18 -34.11 0.76 -22.50
N ILE B 19 -32.92 0.93 -23.12
CA ILE B 19 -31.62 1.23 -22.42
C ILE B 19 -31.02 2.50 -23.02
N THR B 20 -30.93 3.59 -22.24
CA THR B 20 -30.28 4.87 -22.65
C THR B 20 -28.95 5.05 -21.91
N GLU B 21 -28.11 5.92 -22.45
CA GLU B 21 -26.86 6.41 -21.81
C GLU B 21 -26.95 7.93 -21.74
N VAL B 22 -26.53 8.51 -20.63
CA VAL B 22 -26.30 9.98 -20.55
C VAL B 22 -24.85 10.17 -20.10
N GLU B 23 -24.21 11.22 -20.60
CA GLU B 23 -22.83 11.54 -20.19
C GLU B 23 -22.78 13.03 -19.86
N CYS B 24 -21.87 13.40 -18.99
CA CYS B 24 -21.76 14.77 -18.44
CA CYS B 24 -21.68 14.82 -18.65
C CYS B 24 -20.30 15.00 -18.04
N PHE B 25 -19.76 16.19 -18.25
CA PHE B 25 -18.47 16.64 -17.65
C PHE B 25 -18.85 17.68 -16.60
N LEU B 26 -18.65 17.38 -15.33
CA LEU B 26 -18.96 18.29 -14.20
C LEU B 26 -17.71 19.10 -13.80
N ASN B 27 -17.75 20.43 -13.96
CA ASN B 27 -16.61 21.32 -13.64
C ASN B 27 -16.44 21.39 -12.13
N PRO B 28 -15.19 21.53 -11.63
CA PRO B 28 -14.95 21.74 -10.20
C PRO B 28 -15.30 23.17 -9.80
N GLU B 29 -15.59 23.36 -8.50
CA GLU B 29 -15.93 24.66 -7.90
C GLU B 29 -14.99 24.93 -6.73
N MET B 30 -13.74 25.29 -7.05
CA MET B 30 -12.62 25.50 -6.09
C MET B 30 -12.63 26.93 -5.51
N GLY B 31 -13.42 27.84 -6.09
CA GLY B 31 -13.56 29.21 -5.59
C GLY B 31 -13.35 30.27 -6.68
N ASP B 32 -12.43 30.01 -7.62
CA ASP B 32 -12.20 30.82 -8.84
C ASP B 32 -11.97 32.27 -8.43
N PRO B 33 -10.79 32.60 -7.85
CA PRO B 33 -10.55 33.89 -7.19
C PRO B 33 -10.47 35.08 -8.14
N ASP B 34 -10.19 34.83 -9.42
CA ASP B 34 -10.26 35.85 -10.48
C ASP B 34 -10.52 35.08 -11.79
N GLU B 35 -10.77 35.81 -12.88
CA GLU B 35 -11.25 35.23 -14.15
C GLU B 35 -10.14 34.39 -14.81
N ASN B 36 -8.88 34.53 -14.41
CA ASN B 36 -7.77 33.73 -14.99
C ASN B 36 -7.57 32.40 -14.24
N LEU B 37 -8.09 32.27 -13.03
CA LEU B 37 -7.69 31.18 -12.10
C LEU B 37 -8.87 30.24 -11.84
N ARG B 38 -9.69 30.06 -12.86
CA ARG B 38 -10.70 28.98 -12.89
C ARG B 38 -10.02 27.66 -12.52
N GLY B 39 -10.56 26.93 -11.54
CA GLY B 39 -10.04 25.60 -11.13
C GLY B 39 -9.15 25.70 -9.91
N PHE B 40 -8.87 26.94 -9.46
CA PHE B 40 -8.07 27.24 -8.26
C PHE B 40 -8.94 27.95 -7.23
N SER B 41 -8.53 27.89 -5.97
CA SER B 41 -9.12 28.71 -4.88
C SER B 41 -8.31 30.00 -4.75
N LEU B 42 -8.82 30.92 -3.93
CA LEU B 42 -8.07 32.07 -3.37
C LEU B 42 -6.91 31.52 -2.51
N LYS B 43 -5.83 32.28 -2.36
CA LYS B 43 -4.73 32.05 -1.39
C LYS B 43 -5.38 31.59 -0.08
N LEU B 44 -4.83 30.56 0.55
CA LEU B 44 -5.27 30.11 1.87
C LEU B 44 -4.68 31.05 2.92
N SER B 45 -5.53 31.55 3.81
CA SER B 45 -5.19 32.16 5.12
C SER B 45 -4.77 31.05 6.08
N ALA B 46 -4.10 31.43 7.18
CA ALA B 46 -3.70 30.49 8.25
C ALA B 46 -3.77 31.17 9.62
N GLU B 47 -4.04 30.39 10.66
CA GLU B 47 -3.85 30.74 12.09
C GLU B 47 -4.93 31.71 12.59
N ASN B 48 -6.09 31.82 11.92
CA ASN B 48 -7.28 32.50 12.46
C ASN B 48 -7.63 31.87 13.82
N ASP B 49 -7.78 32.67 14.87
CA ASP B 49 -8.36 32.15 16.14
C ASP B 49 -9.73 31.54 15.80
N PHE B 50 -10.14 30.46 16.49
CA PHE B 50 -11.50 29.88 16.30
C PHE B 50 -12.56 30.97 16.50
N SER B 51 -12.29 31.95 17.38
CA SER B 51 -13.26 33.02 17.74
C SER B 51 -13.34 34.09 16.65
N SER B 52 -12.38 34.16 15.73
CA SER B 52 -12.43 35.14 14.60
C SER B 52 -11.98 34.48 13.30
N ASP B 53 -12.83 33.63 12.76
CA ASP B 53 -12.51 32.81 11.56
C ASP B 53 -13.54 33.14 10.49
N SER B 54 -13.21 34.06 9.59
CA SER B 54 -14.16 34.56 8.56
C SER B 54 -13.58 34.32 7.19
N PRO B 55 -13.64 33.07 6.69
CA PRO B 55 -13.08 32.74 5.37
C PRO B 55 -13.81 33.44 4.24
N GLU B 56 -13.06 33.96 3.28
CA GLU B 56 -13.61 34.56 2.05
C GLU B 56 -14.24 33.47 1.17
N ARG B 57 -15.28 33.81 0.43
CA ARG B 57 -16.00 32.84 -0.41
C ARG B 57 -15.04 32.16 -1.40
N LYS B 58 -14.13 32.91 -2.04
CA LYS B 58 -13.29 32.38 -3.16
C LYS B 58 -12.19 31.45 -2.62
N MET B 59 -12.04 31.34 -1.32
CA MET B 59 -11.07 30.44 -0.67
C MET B 59 -11.70 29.06 -0.37
N LEU B 60 -13.03 28.89 -0.53
CA LEU B 60 -13.72 27.64 -0.07
C LEU B 60 -14.20 26.82 -1.26
N PRO B 61 -13.58 25.66 -1.56
CA PRO B 61 -14.12 24.76 -2.56
C PRO B 61 -15.48 24.27 -2.10
N CYS B 62 -16.38 24.06 -3.07
CA CYS B 62 -17.77 23.63 -2.84
C CYS B 62 -18.03 22.36 -3.68
N TYR B 63 -19.02 21.57 -3.27
CA TYR B 63 -19.51 20.40 -4.06
C TYR B 63 -20.05 20.88 -5.40
N SER B 64 -19.78 20.11 -6.46
CA SER B 64 -20.39 20.33 -7.80
C SER B 64 -21.57 19.38 -7.92
N THR B 65 -22.63 19.81 -8.62
CA THR B 65 -23.80 18.96 -8.88
C THR B 65 -24.46 19.44 -10.18
N ALA B 66 -25.08 18.53 -10.91
CA ALA B 66 -25.98 18.84 -12.04
C ALA B 66 -27.16 17.87 -11.97
N ARG B 67 -28.34 18.36 -12.37
CA ARG B 67 -29.59 17.59 -12.56
C ARG B 67 -29.74 17.42 -14.06
N ILE B 68 -29.83 16.17 -14.54
CA ILE B 68 -30.00 15.79 -15.97
C ILE B 68 -31.44 15.32 -16.18
N PRO B 69 -32.26 16.11 -16.90
CA PRO B 69 -33.65 15.75 -17.15
C PRO B 69 -33.73 14.61 -18.16
N LEU B 70 -34.67 13.69 -17.92
CA LEU B 70 -34.87 12.49 -18.76
C LEU B 70 -36.29 12.52 -19.33
N PRO B 71 -36.54 11.86 -20.48
CA PRO B 71 -37.89 11.76 -21.02
C PRO B 71 -38.88 11.23 -19.97
N ASN B 72 -39.99 11.95 -19.77
CA ASN B 72 -41.14 11.57 -18.90
C ASN B 72 -41.87 10.37 -19.50
N LEU B 73 -41.72 9.19 -18.90
CA LEU B 73 -42.35 7.96 -19.46
C LEU B 73 -43.79 7.81 -18.93
N ASN B 74 -44.44 8.88 -18.45
CA ASN B 74 -45.83 8.77 -17.87
C ASN B 74 -46.71 9.92 -18.42
N LEU B 82 -46.63 2.88 -13.37
CA LEU B 82 -45.65 3.88 -13.87
C LEU B 82 -44.39 3.17 -14.38
N LEU B 83 -43.66 3.76 -15.34
CA LEU B 83 -42.27 3.34 -15.66
C LEU B 83 -41.33 4.43 -15.16
N MET B 84 -40.15 4.06 -14.70
CA MET B 84 -39.09 5.03 -14.27
C MET B 84 -37.74 4.59 -14.84
N TRP B 85 -36.90 5.57 -15.14
CA TRP B 85 -35.47 5.35 -15.49
C TRP B 85 -34.73 4.87 -14.22
N GLU B 86 -33.97 3.80 -14.37
CA GLU B 86 -33.18 3.16 -13.30
C GLU B 86 -31.70 3.25 -13.70
N ALA B 87 -30.85 3.82 -12.85
CA ALA B 87 -29.40 3.96 -13.13
C ALA B 87 -28.71 2.63 -12.80
N VAL B 88 -28.02 2.02 -13.76
CA VAL B 88 -27.52 0.64 -13.63
C VAL B 88 -26.00 0.60 -13.43
N THR B 89 -25.25 1.42 -14.18
CA THR B 89 -23.78 1.51 -14.10
C THR B 89 -23.34 2.96 -14.31
N VAL B 90 -22.13 3.27 -13.81
CA VAL B 90 -21.48 4.57 -14.06
C VAL B 90 -20.02 4.31 -14.40
N GLN B 91 -19.53 5.02 -15.40
CA GLN B 91 -18.09 5.12 -15.70
C GLN B 91 -17.73 6.57 -15.40
N THR B 92 -16.71 6.77 -14.57
CA THR B 92 -16.33 8.12 -14.10
C THR B 92 -14.81 8.23 -14.07
N GLU B 93 -14.32 9.44 -14.27
CA GLU B 93 -12.88 9.66 -14.40
C GLU B 93 -12.59 11.14 -14.13
N VAL B 94 -11.54 11.41 -13.37
CA VAL B 94 -11.06 12.80 -13.17
C VAL B 94 -10.32 13.22 -14.43
N ILE B 95 -10.57 14.44 -14.91
CA ILE B 95 -10.10 14.93 -16.24
C ILE B 95 -9.00 15.99 -16.10
N GLY B 96 -7.81 15.68 -16.67
CA GLY B 96 -6.66 16.60 -16.74
C GLY B 96 -5.58 16.28 -15.72
N ILE B 97 -5.43 15.03 -15.31
CA ILE B 97 -4.46 14.70 -14.22
C ILE B 97 -3.03 15.02 -14.66
N THR B 98 -2.75 14.98 -15.98
CA THR B 98 -1.40 15.25 -16.54
C THR B 98 -1.07 16.74 -16.47
N SER B 99 -2.05 17.62 -16.25
CA SER B 99 -1.76 19.08 -16.16
C SER B 99 -0.78 19.36 -15.03
N MET B 100 -0.71 18.47 -14.04
CA MET B 100 0.17 18.61 -12.86
C MET B 100 1.64 18.34 -13.21
N LEU B 101 1.94 17.96 -14.46
CA LEU B 101 3.34 17.81 -14.97
C LEU B 101 3.90 19.15 -15.46
N ASN B 102 3.08 20.21 -15.40
CA ASN B 102 3.54 21.60 -15.64
C ASN B 102 4.15 22.11 -14.34
N LEU B 103 5.47 22.05 -14.22
CA LEU B 103 6.22 22.50 -13.05
C LEU B 103 7.01 23.78 -13.40
N HIS B 104 6.76 24.36 -14.59
CA HIS B 104 7.41 25.62 -15.05
C HIS B 104 6.54 26.86 -14.77
N ALA B 105 5.21 26.71 -14.60
CA ALA B 105 4.28 27.85 -14.36
C ALA B 105 4.06 28.05 -12.85
N GLY B 106 4.46 29.20 -12.30
CA GLY B 106 3.95 29.76 -11.03
C GLY B 106 4.43 29.08 -9.75
N SER B 107 4.69 27.76 -9.77
CA SER B 107 5.07 27.03 -8.54
C SER B 107 6.50 27.38 -8.10
N GLN B 108 6.66 27.42 -6.78
CA GLN B 108 7.94 27.62 -6.05
C GLN B 108 8.95 26.52 -6.42
N LYS B 109 10.17 26.93 -6.73
CA LYS B 109 11.32 26.01 -6.98
C LYS B 109 11.47 25.10 -5.77
N VAL B 110 11.73 23.82 -5.99
CA VAL B 110 11.93 22.84 -4.89
C VAL B 110 13.24 23.21 -4.16
N HIS B 111 14.19 23.78 -4.88
CA HIS B 111 15.50 24.25 -4.35
C HIS B 111 16.14 25.15 -5.41
N GLU B 112 17.31 25.71 -5.16
CA GLU B 112 17.92 26.64 -6.13
C GLU B 112 18.27 25.89 -7.41
N HIS B 113 17.84 26.40 -8.56
CA HIS B 113 18.09 25.81 -9.92
C HIS B 113 17.15 24.63 -10.18
N GLY B 114 16.29 24.26 -9.24
CA GLY B 114 15.37 23.12 -9.37
C GLY B 114 14.08 23.53 -10.08
N GLY B 115 13.28 22.55 -10.51
CA GLY B 115 11.95 22.78 -11.09
C GLY B 115 10.92 23.17 -10.04
N GLY B 116 9.73 23.55 -10.49
CA GLY B 116 8.57 23.91 -9.64
C GLY B 116 8.18 22.77 -8.73
N LYS B 117 7.54 23.09 -7.61
CA LYS B 117 6.99 22.14 -6.62
C LYS B 117 5.68 21.58 -7.16
N PRO B 118 5.55 20.24 -7.27
CA PRO B 118 4.28 19.60 -7.60
C PRO B 118 3.13 20.00 -6.66
N ILE B 119 1.94 20.03 -7.21
CA ILE B 119 0.67 19.98 -6.40
C ILE B 119 0.72 18.74 -5.49
N GLN B 120 0.44 18.94 -4.22
CA GLN B 120 0.52 17.86 -3.21
C GLN B 120 -0.17 18.39 -1.96
N GLY B 121 -0.44 17.47 -1.04
CA GLY B 121 -1.15 17.74 0.22
C GLY B 121 -2.57 17.24 0.18
N SER B 122 -3.34 17.64 1.17
CA SER B 122 -4.70 17.11 1.44
C SER B 122 -5.51 17.07 0.14
N ASN B 123 -6.24 15.98 -0.07
CA ASN B 123 -7.09 15.85 -1.27
C ASN B 123 -8.34 15.04 -0.95
N PHE B 124 -9.35 15.22 -1.78
CA PHE B 124 -10.68 14.63 -1.59
C PHE B 124 -11.26 14.38 -2.96
N HIS B 125 -11.59 13.10 -3.20
CA HIS B 125 -12.09 12.61 -4.50
C HIS B 125 -13.41 11.93 -4.19
N PHE B 126 -14.48 12.45 -4.77
CA PHE B 126 -15.85 12.08 -4.38
C PHE B 126 -16.75 12.16 -5.60
N PHE B 127 -17.71 11.24 -5.69
CA PHE B 127 -18.78 11.30 -6.71
C PHE B 127 -20.00 10.57 -6.18
N ALA B 128 -21.18 10.95 -6.70
CA ALA B 128 -22.45 10.29 -6.42
C ALA B 128 -23.34 10.33 -7.67
N VAL B 129 -24.16 9.29 -7.79
CA VAL B 129 -25.24 9.15 -8.79
C VAL B 129 -26.52 8.73 -8.06
N GLY B 130 -27.62 9.44 -8.29
CA GLY B 130 -28.93 9.05 -7.77
C GLY B 130 -30.08 9.67 -8.51
N GLY B 131 -31.30 9.35 -8.06
CA GLY B 131 -32.57 9.83 -8.62
C GLY B 131 -33.17 10.90 -7.75
N ASP B 132 -32.44 11.33 -6.73
CA ASP B 132 -32.76 12.46 -5.85
C ASP B 132 -31.47 13.23 -5.62
N PRO B 133 -31.58 14.50 -5.17
CA PRO B 133 -30.38 15.25 -4.78
C PRO B 133 -29.64 14.49 -3.69
N LEU B 134 -28.30 14.61 -3.67
CA LEU B 134 -27.44 14.02 -2.63
C LEU B 134 -27.86 14.58 -1.26
N GLU B 135 -28.06 13.71 -0.29
CA GLU B 135 -28.44 14.13 1.08
CA GLU B 135 -28.44 14.13 1.08
C GLU B 135 -27.15 14.22 1.91
N MET B 136 -26.93 15.36 2.55
CA MET B 136 -25.65 15.67 3.23
C MET B 136 -25.88 15.92 4.73
N GLN B 137 -24.85 15.59 5.52
CA GLN B 137 -24.75 15.83 6.97
C GLN B 137 -23.68 16.89 7.18
N GLY B 138 -24.01 17.91 7.97
CA GLY B 138 -23.06 18.96 8.39
C GLY B 138 -22.13 18.50 9.49
N VAL B 139 -20.83 18.77 9.34
CA VAL B 139 -19.76 18.65 10.38
C VAL B 139 -18.71 19.74 10.15
N LEU B 140 -18.26 20.41 11.21
CA LEU B 140 -17.40 21.61 11.16
C LEU B 140 -16.13 21.33 11.96
N MET B 141 -14.98 21.81 11.48
CA MET B 141 -13.73 21.90 12.27
C MET B 141 -14.01 22.83 13.48
N ASN B 142 -14.69 23.97 13.23
CA ASN B 142 -14.88 25.07 14.22
C ASN B 142 -16.30 25.61 14.07
N TYR B 143 -17.19 25.35 15.03
CA TYR B 143 -18.63 25.70 14.94
C TYR B 143 -18.77 27.22 14.84
N ARG B 144 -17.80 27.97 15.35
CA ARG B 144 -17.84 29.47 15.41
C ARG B 144 -17.34 30.07 14.10
N THR B 145 -16.97 29.28 13.10
CA THR B 145 -16.59 29.84 11.79
C THR B 145 -17.75 30.74 11.29
N LYS B 146 -17.43 31.93 10.80
CA LYS B 146 -18.42 32.81 10.15
C LYS B 146 -18.22 32.63 8.65
N TYR B 147 -19.14 31.92 8.00
CA TYR B 147 -19.05 31.59 6.57
C TYR B 147 -19.58 32.75 5.76
N PRO B 148 -19.04 32.99 4.54
CA PRO B 148 -19.41 34.15 3.75
C PRO B 148 -20.75 34.01 3.04
N ASP B 149 -21.35 35.16 2.72
CA ASP B 149 -22.54 35.26 1.83
C ASP B 149 -22.27 34.44 0.56
N GLY B 150 -23.31 33.82 0.03
CA GLY B 150 -23.26 32.96 -1.15
C GLY B 150 -22.99 31.50 -0.78
N THR B 151 -22.53 31.19 0.43
CA THR B 151 -22.34 29.79 0.87
C THR B 151 -23.57 29.35 1.67
N ILE B 152 -23.82 28.05 1.65
CA ILE B 152 -24.88 27.38 2.45
C ILE B 152 -24.15 26.43 3.40
N THR B 153 -24.22 26.72 4.70
CA THR B 153 -23.46 26.04 5.77
C THR B 153 -24.42 25.71 6.92
N PRO B 154 -24.03 24.82 7.86
CA PRO B 154 -24.87 24.46 8.98
C PRO B 154 -25.46 25.68 9.70
N LYS B 155 -26.78 25.67 9.84
CA LYS B 155 -27.58 26.72 10.54
C LYS B 155 -27.56 26.44 12.05
N ASN B 156 -27.38 27.49 12.84
CA ASN B 156 -27.36 27.45 14.32
C ASN B 156 -26.44 26.36 14.84
N PRO B 157 -25.17 26.35 14.39
CA PRO B 157 -24.25 25.30 14.84
C PRO B 157 -23.91 25.54 16.33
N THR B 158 -23.54 24.47 17.03
CA THR B 158 -23.09 24.44 18.43
C THR B 158 -21.77 23.70 18.49
N ALA B 159 -21.17 23.59 19.68
CA ALA B 159 -19.95 22.76 19.87
C ALA B 159 -20.21 21.34 19.32
N GLN B 160 -21.44 20.82 19.44
CA GLN B 160 -21.76 19.44 19.00
C GLN B 160 -21.69 19.36 17.47
N SER B 161 -21.74 20.50 16.77
CA SER B 161 -21.51 20.57 15.31
C SER B 161 -20.06 20.19 14.94
N GLN B 162 -19.14 20.07 15.90
CA GLN B 162 -17.73 19.67 15.59
C GLN B 162 -17.67 18.13 15.60
N VAL B 163 -18.68 17.50 16.16
CA VAL B 163 -18.85 16.03 16.13
C VAL B 163 -20.15 15.75 15.34
N MET B 164 -21.16 15.10 15.90
CA MET B 164 -22.41 14.83 15.13
C MET B 164 -23.58 15.64 15.69
N ASN B 165 -24.12 16.55 14.89
CA ASN B 165 -25.35 17.32 15.20
C ASN B 165 -26.38 17.01 14.10
N THR B 166 -27.41 16.22 14.43
CA THR B 166 -28.48 15.75 13.52
C THR B 166 -29.33 16.90 13.00
N ASP B 167 -29.20 18.12 13.53
CA ASP B 167 -29.86 19.32 12.92
C ASP B 167 -29.33 19.56 11.50
N HIS B 168 -28.08 19.22 11.21
CA HIS B 168 -27.42 19.73 9.99
C HIS B 168 -27.69 18.76 8.83
N LYS B 169 -28.91 18.79 8.30
CA LYS B 169 -29.31 17.98 7.14
C LYS B 169 -29.51 18.94 5.98
N ALA B 170 -28.89 18.65 4.83
CA ALA B 170 -29.01 19.48 3.62
C ALA B 170 -29.19 18.57 2.42
N TYR B 171 -29.79 19.13 1.38
CA TYR B 171 -29.84 18.58 0.00
C TYR B 171 -28.79 19.33 -0.81
N LEU B 172 -28.01 18.62 -1.61
CA LEU B 172 -27.05 19.27 -2.53
C LEU B 172 -27.86 19.75 -3.73
N ASP B 173 -28.45 20.93 -3.61
CA ASP B 173 -29.52 21.43 -4.50
C ASP B 173 -29.10 22.75 -5.13
N LYS B 174 -27.82 23.09 -5.01
CA LYS B 174 -27.25 24.29 -5.66
C LYS B 174 -25.77 24.03 -5.93
N ASN B 175 -25.35 24.29 -7.16
CA ASN B 175 -23.95 24.15 -7.60
C ASN B 175 -23.15 25.28 -6.94
N ASN B 176 -21.92 25.02 -6.51
CA ASN B 176 -20.98 26.09 -6.05
C ASN B 176 -21.54 26.83 -4.83
N ALA B 177 -22.10 26.14 -3.84
CA ALA B 177 -22.72 26.81 -2.68
C ALA B 177 -22.38 26.07 -1.36
N TYR B 178 -22.32 24.74 -1.40
CA TYR B 178 -22.13 23.88 -0.21
C TYR B 178 -20.63 23.63 -0.06
N PRO B 179 -19.93 24.30 0.88
CA PRO B 179 -18.49 24.13 1.02
C PRO B 179 -18.16 22.68 1.38
N VAL B 180 -17.12 22.17 0.77
CA VAL B 180 -16.65 20.78 1.01
C VAL B 180 -16.28 20.64 2.49
N GLU B 181 -15.66 21.65 3.10
CA GLU B 181 -15.23 21.56 4.52
C GLU B 181 -16.43 21.44 5.48
N CYS B 182 -17.65 21.74 5.05
CA CYS B 182 -18.83 21.78 5.97
C CYS B 182 -19.69 20.53 5.90
N TRP B 183 -19.61 19.78 4.80
CA TRP B 183 -20.64 18.78 4.41
C TRP B 183 -20.02 17.45 3.96
N VAL B 184 -20.65 16.35 4.35
CA VAL B 184 -20.31 14.99 3.88
C VAL B 184 -21.59 14.33 3.41
N PRO B 185 -21.46 13.31 2.55
CA PRO B 185 -22.62 12.49 2.19
C PRO B 185 -23.16 11.86 3.47
N ASP B 186 -24.49 11.87 3.64
CA ASP B 186 -25.15 11.35 4.86
C ASP B 186 -25.42 9.84 4.71
N PRO B 187 -24.70 8.96 5.45
CA PRO B 187 -24.93 7.52 5.38
C PRO B 187 -26.28 7.10 5.99
N SER B 188 -26.93 7.96 6.80
CA SER B 188 -28.26 7.63 7.38
C SER B 188 -29.38 7.86 6.35
N ARG B 189 -29.08 8.50 5.22
CA ARG B 189 -30.11 8.72 4.17
C ARG B 189 -29.61 8.15 2.85
N ASN B 190 -29.83 8.85 1.74
CA ASN B 190 -29.35 8.45 0.41
C ASN B 190 -29.83 7.03 0.08
N GLU B 191 -31.10 6.70 0.36
CA GLU B 191 -31.71 5.41 -0.06
C GLU B 191 -31.65 5.29 -1.59
N ASN B 192 -31.71 6.40 -2.31
CA ASN B 192 -31.92 6.40 -3.78
C ASN B 192 -30.72 7.02 -4.50
N THR B 193 -29.55 7.03 -3.85
CA THR B 193 -28.25 7.53 -4.38
C THR B 193 -27.11 6.58 -3.96
N ARG B 194 -26.14 6.37 -4.82
CA ARG B 194 -24.89 5.65 -4.47
C ARG B 194 -23.75 6.68 -4.48
N TYR B 195 -22.96 6.70 -3.42
CA TYR B 195 -21.86 7.69 -3.28
C TYR B 195 -20.59 6.96 -2.84
N PHE B 196 -19.47 7.57 -3.20
CA PHE B 196 -18.08 7.04 -3.04
C PHE B 196 -17.12 8.22 -2.87
N GLY B 197 -16.32 8.18 -1.81
CA GLY B 197 -15.36 9.24 -1.49
C GLY B 197 -14.17 8.72 -0.75
N THR B 198 -13.01 9.33 -1.00
CA THR B 198 -11.75 9.10 -0.27
C THR B 198 -11.14 10.44 0.08
N PHE B 199 -10.91 10.63 1.37
CA PHE B 199 -10.14 11.76 1.90
C PHE B 199 -8.75 11.28 2.29
N THR B 200 -7.73 11.98 1.76
CA THR B 200 -6.30 11.77 2.10
C THR B 200 -5.76 13.12 2.59
N GLY B 201 -5.46 13.22 3.90
CA GLY B 201 -4.93 14.49 4.46
C GLY B 201 -3.44 14.50 4.73
N GLY B 202 -2.82 15.67 4.65
CA GLY B 202 -1.41 15.80 5.05
C GLY B 202 -0.75 16.89 4.27
N GLU B 203 0.38 17.40 4.75
N GLU B 203 0.39 17.36 4.74
CA GLU B 203 1.09 18.54 4.09
CA GLU B 203 1.10 18.53 4.17
C GLU B 203 1.67 18.12 2.75
C GLU B 203 1.76 18.15 2.83
N ASN B 204 2.25 16.92 2.70
CA ASN B 204 3.06 16.45 1.54
C ASN B 204 2.47 15.22 0.86
N VAL B 205 1.19 14.89 1.05
CA VAL B 205 0.61 13.63 0.49
C VAL B 205 0.69 13.73 -1.03
N PRO B 206 1.19 12.68 -1.71
CA PRO B 206 1.18 12.62 -3.18
C PRO B 206 -0.23 12.34 -3.73
N PRO B 207 -0.72 13.17 -4.68
CA PRO B 207 -1.89 12.79 -5.44
C PRO B 207 -1.59 11.49 -6.19
N VAL B 208 -2.54 10.56 -6.20
CA VAL B 208 -2.46 9.30 -6.98
C VAL B 208 -3.78 9.16 -7.72
N LEU B 209 -3.77 9.24 -9.05
CA LEU B 209 -5.02 9.24 -9.83
C LEU B 209 -4.86 8.31 -11.03
N HIS B 210 -5.86 7.44 -11.21
CA HIS B 210 -5.92 6.42 -12.27
C HIS B 210 -6.91 6.83 -13.36
N VAL B 211 -6.59 6.57 -14.61
CA VAL B 211 -7.55 6.72 -15.73
C VAL B 211 -7.64 5.38 -16.45
N THR B 212 -8.85 4.96 -16.79
CA THR B 212 -9.08 3.82 -17.72
C THR B 212 -10.52 3.89 -18.21
N ASN B 213 -10.73 3.55 -19.47
CA ASN B 213 -12.12 3.48 -20.01
C ASN B 213 -12.64 2.04 -19.85
N THR B 214 -11.96 1.20 -19.06
CA THR B 214 -12.34 -0.23 -18.90
C THR B 214 -13.02 -0.49 -17.55
N ALA B 215 -13.14 0.52 -16.68
CA ALA B 215 -13.68 0.39 -15.31
C ALA B 215 -15.14 0.87 -15.26
N THR B 216 -16.03 0.04 -14.73
CA THR B 216 -17.47 0.34 -14.53
C THR B 216 -17.85 0.08 -13.07
N THR B 217 -18.61 1.00 -12.48
CA THR B 217 -19.23 0.83 -11.14
C THR B 217 -20.70 0.42 -11.33
N VAL B 218 -21.09 -0.72 -10.77
CA VAL B 218 -22.51 -1.20 -10.77
C VAL B 218 -23.26 -0.44 -9.68
N LEU B 219 -24.43 0.11 -9.97
CA LEU B 219 -25.20 0.95 -9.00
C LEU B 219 -26.37 0.16 -8.39
N LEU B 220 -26.57 -1.11 -8.80
CA LEU B 220 -27.68 -1.96 -8.28
C LEU B 220 -27.42 -2.24 -6.82
N ASP B 221 -28.46 -2.24 -6.00
CA ASP B 221 -28.41 -2.63 -4.56
C ASP B 221 -28.52 -4.16 -4.45
N GLU B 222 -28.68 -4.70 -3.25
CA GLU B 222 -28.68 -6.18 -3.01
C GLU B 222 -29.83 -6.85 -3.81
N GLN B 223 -30.94 -6.15 -4.05
CA GLN B 223 -32.14 -6.72 -4.72
C GLN B 223 -32.08 -6.38 -6.21
N GLY B 224 -30.91 -5.99 -6.71
CA GLY B 224 -30.68 -5.75 -8.15
C GLY B 224 -31.34 -4.47 -8.62
N VAL B 225 -31.61 -3.52 -7.73
CA VAL B 225 -32.39 -2.28 -8.06
C VAL B 225 -31.45 -1.06 -7.99
N GLY B 226 -31.30 -0.35 -9.11
CA GLY B 226 -30.46 0.86 -9.18
C GLY B 226 -31.22 2.09 -8.69
N PRO B 227 -30.59 3.28 -8.56
CA PRO B 227 -31.34 4.50 -8.29
C PRO B 227 -32.47 4.68 -9.31
N LEU B 228 -33.59 5.19 -8.81
CA LEU B 228 -34.83 5.39 -9.61
C LEU B 228 -35.06 6.88 -9.75
N CYS B 229 -35.08 7.34 -10.99
CA CYS B 229 -35.19 8.79 -11.28
C CYS B 229 -36.62 9.23 -11.00
N LYS B 230 -36.86 9.60 -9.74
CA LYS B 230 -38.02 10.40 -9.25
C LYS B 230 -38.08 11.72 -10.07
N ALA B 231 -39.27 12.04 -10.55
CA ALA B 231 -39.59 13.23 -11.38
C ALA B 231 -38.64 13.30 -12.58
N ASP B 232 -38.24 12.16 -13.13
CA ASP B 232 -37.51 12.02 -14.42
C ASP B 232 -36.24 12.88 -14.41
N SER B 233 -35.55 12.91 -13.25
CA SER B 233 -34.28 13.63 -13.07
C SER B 233 -33.20 12.65 -12.54
N LEU B 234 -32.02 12.77 -13.14
CA LEU B 234 -30.79 12.05 -12.73
C LEU B 234 -29.81 13.08 -12.13
N TYR B 235 -29.23 12.75 -10.99
CA TYR B 235 -28.39 13.68 -10.20
C TYR B 235 -26.96 13.15 -10.18
N VAL B 236 -26.02 13.96 -10.65
CA VAL B 236 -24.56 13.72 -10.51
C VAL B 236 -23.95 14.78 -9.56
N SER B 237 -23.04 14.33 -8.70
CA SER B 237 -22.40 15.17 -7.66
C SER B 237 -20.92 14.78 -7.60
N ALA B 238 -20.04 15.73 -7.30
CA ALA B 238 -18.58 15.48 -7.26
C ALA B 238 -17.89 16.51 -6.38
N ALA B 239 -16.71 16.13 -5.92
CA ALA B 239 -15.69 17.02 -5.36
C ALA B 239 -14.35 16.35 -5.65
N ASP B 240 -13.47 17.04 -6.37
CA ASP B 240 -12.14 16.53 -6.74
C ASP B 240 -11.10 17.59 -6.43
N ILE B 241 -10.84 17.84 -5.15
CA ILE B 241 -9.70 18.67 -4.68
C ILE B 241 -8.42 17.82 -4.84
N CYS B 242 -7.51 18.22 -5.74
CA CYS B 242 -6.31 17.43 -6.11
C CYS B 242 -5.15 17.64 -5.11
N GLY B 243 -5.17 18.77 -4.42
CA GLY B 243 -4.13 19.14 -3.45
C GLY B 243 -3.86 20.63 -3.53
N LEU B 244 -2.72 21.05 -3.00
CA LEU B 244 -2.38 22.48 -2.88
C LEU B 244 -1.30 22.81 -3.90
N PHE B 245 -1.50 23.93 -4.61
CA PHE B 245 -0.49 24.57 -5.48
C PHE B 245 0.26 25.60 -4.62
N THR B 246 1.59 25.50 -4.53
CA THR B 246 2.45 26.46 -3.80
C THR B 246 3.08 27.46 -4.78
N ASN B 247 2.60 28.70 -4.77
CA ASN B 247 3.18 29.84 -5.50
C ASN B 247 4.64 30.06 -5.09
N SER B 248 5.45 30.69 -5.98
CA SER B 248 6.80 31.27 -5.71
C SER B 248 6.87 31.92 -4.33
N SER B 249 5.96 32.85 -4.06
CA SER B 249 5.81 33.59 -2.76
C SER B 249 5.69 32.65 -1.57
N GLY B 250 5.17 31.42 -1.75
CA GLY B 250 4.84 30.54 -0.62
C GLY B 250 3.34 30.48 -0.33
N THR B 251 2.53 31.34 -0.97
CA THR B 251 1.04 31.27 -0.81
C THR B 251 0.57 29.95 -1.46
N GLN B 252 -0.50 29.39 -0.91
CA GLN B 252 -1.07 28.10 -1.39
C GLN B 252 -2.51 28.33 -1.85
N GLN B 253 -2.92 27.55 -2.86
CA GLN B 253 -4.26 27.54 -3.46
C GLN B 253 -4.65 26.08 -3.72
N TRP B 254 -5.90 25.75 -3.46
CA TRP B 254 -6.48 24.45 -3.84
C TRP B 254 -6.50 24.41 -5.35
N ARG B 255 -6.26 23.23 -5.91
CA ARG B 255 -6.45 22.94 -7.35
C ARG B 255 -7.45 21.78 -7.47
N GLY B 256 -8.43 21.95 -8.33
CA GLY B 256 -9.45 20.94 -8.66
C GLY B 256 -9.53 20.68 -10.14
N LEU B 257 -10.11 19.54 -10.46
CA LEU B 257 -10.29 19.09 -11.85
C LEU B 257 -11.73 18.60 -12.04
N ALA B 258 -12.20 18.70 -13.27
CA ALA B 258 -13.52 18.23 -13.74
C ALA B 258 -13.56 16.71 -13.60
N ARG B 259 -14.79 16.20 -13.47
CA ARG B 259 -15.12 14.77 -13.43
C ARG B 259 -16.07 14.44 -14.59
N TYR B 260 -15.78 13.35 -15.30
CA TYR B 260 -16.65 12.79 -16.37
C TYR B 260 -17.56 11.76 -15.72
N PHE B 261 -18.79 11.66 -16.22
CA PHE B 261 -19.78 10.61 -15.89
C PHE B 261 -20.42 10.09 -17.19
N LYS B 262 -20.44 8.78 -17.36
CA LYS B 262 -21.28 8.08 -18.36
C LYS B 262 -22.16 7.06 -17.63
N ILE B 263 -23.47 7.26 -17.64
CA ILE B 263 -24.45 6.46 -16.84
C ILE B 263 -25.37 5.73 -17.80
N ARG B 264 -25.40 4.41 -17.67
CA ARG B 264 -26.35 3.50 -18.39
C ARG B 264 -27.65 3.44 -17.58
N LEU B 265 -28.79 3.76 -18.18
CA LEU B 265 -30.14 3.74 -17.53
C LEU B 265 -31.04 2.75 -18.28
N ARG B 266 -31.97 2.11 -17.57
CA ARG B 266 -32.93 1.14 -18.17
C ARG B 266 -34.32 1.50 -17.65
N LYS B 267 -35.35 1.04 -18.35
CA LYS B 267 -36.75 1.31 -17.96
C LYS B 267 -37.14 0.24 -16.94
N ARG B 268 -37.72 0.65 -15.81
CA ARG B 268 -38.14 -0.23 -14.70
C ARG B 268 -39.62 0.02 -14.41
N SER B 269 -40.41 -1.05 -14.36
CA SER B 269 -41.85 -0.98 -13.99
C SER B 269 -41.97 -0.85 -12.46
N VAL B 270 -42.84 0.05 -11.98
CA VAL B 270 -43.13 0.28 -10.52
C VAL B 270 -44.65 0.39 -10.32
N LYS B 271 -45.16 -0.11 -9.18
CA LYS B 271 -46.61 -0.12 -8.81
C LYS B 271 -47.10 1.30 -8.53
N VAL C 9 -20.26 -6.49 -36.60
CA VAL C 9 -19.41 -7.47 -35.85
C VAL C 9 -20.17 -8.80 -35.76
N LEU C 10 -19.72 -9.83 -36.48
CA LEU C 10 -20.38 -11.17 -36.53
C LEU C 10 -19.47 -12.22 -35.86
N GLU C 11 -19.13 -13.33 -36.54
CA GLU C 11 -18.49 -14.54 -35.93
C GLU C 11 -16.99 -14.34 -35.71
N VAL C 12 -16.43 -15.05 -34.73
CA VAL C 12 -14.96 -15.28 -34.52
C VAL C 12 -14.61 -16.64 -35.15
N ILE C 19 -5.25 -16.43 -35.60
CA ILE C 19 -4.52 -15.71 -34.52
C ILE C 19 -3.14 -15.24 -35.03
N THR C 20 -2.76 -13.99 -34.73
CA THR C 20 -1.40 -13.46 -35.00
C THR C 20 -0.93 -12.63 -33.80
N GLU C 21 0.38 -12.50 -33.61
CA GLU C 21 0.98 -11.64 -32.57
C GLU C 21 1.89 -10.61 -33.22
N VAL C 22 1.75 -9.34 -32.86
CA VAL C 22 2.66 -8.24 -33.25
C VAL C 22 3.35 -7.71 -31.98
N GLU C 23 4.51 -7.08 -32.14
CA GLU C 23 5.24 -6.56 -30.97
C GLU C 23 5.95 -5.30 -31.40
N CYS C 24 6.19 -4.41 -30.45
CA CYS C 24 6.84 -3.08 -30.67
CA CYS C 24 7.03 -3.21 -30.70
C CYS C 24 7.56 -2.68 -29.37
N PHE C 25 8.77 -2.14 -29.44
CA PHE C 25 9.42 -1.33 -28.39
C PHE C 25 9.22 0.14 -28.77
N LEU C 26 8.33 0.84 -28.08
CA LEU C 26 8.04 2.28 -28.33
C LEU C 26 8.98 3.15 -27.48
N ASN C 27 9.81 3.94 -28.13
CA ASN C 27 10.75 4.87 -27.44
C ASN C 27 10.00 6.01 -26.76
N PRO C 28 10.52 6.48 -25.61
CA PRO C 28 9.93 7.63 -24.92
C PRO C 28 10.30 8.92 -25.66
N GLU C 29 9.49 9.96 -25.51
CA GLU C 29 9.77 11.30 -26.08
C GLU C 29 9.84 12.33 -24.95
N MET C 30 10.98 12.41 -24.26
CA MET C 30 11.15 13.24 -23.05
C MET C 30 11.62 14.65 -23.42
N GLY C 31 12.07 14.87 -24.65
CA GLY C 31 12.55 16.19 -25.11
C GLY C 31 13.90 16.07 -25.80
N ASP C 32 14.80 15.20 -25.33
CA ASP C 32 16.12 14.89 -25.94
C ASP C 32 16.86 16.22 -26.20
N PRO C 33 17.37 16.89 -25.14
CA PRO C 33 17.91 18.24 -25.26
C PRO C 33 19.22 18.34 -26.04
N ASP C 34 19.93 17.21 -26.21
CA ASP C 34 21.10 17.16 -27.12
C ASP C 34 21.28 15.70 -27.53
N GLU C 35 22.27 15.43 -28.38
CA GLU C 35 22.50 14.12 -29.03
C GLU C 35 22.88 13.06 -27.98
N ASN C 36 23.49 13.46 -26.87
CA ASN C 36 23.91 12.53 -25.78
C ASN C 36 22.81 12.24 -24.76
N LEU C 37 21.76 13.07 -24.67
CA LEU C 37 20.77 13.03 -23.54
C LEU C 37 19.40 12.56 -24.06
N ARG C 38 19.42 11.64 -25.02
CA ARG C 38 18.27 10.82 -25.44
C ARG C 38 17.65 10.17 -24.18
N GLY C 39 16.34 10.36 -23.97
CA GLY C 39 15.54 9.78 -22.87
C GLY C 39 15.36 10.73 -21.71
N PHE C 40 15.98 11.90 -21.79
CA PHE C 40 15.90 12.97 -20.78
C PHE C 40 15.25 14.19 -21.41
N SER C 41 14.70 15.07 -20.58
CA SER C 41 14.22 16.40 -20.99
C SER C 41 15.36 17.40 -20.79
N LEU C 42 15.21 18.59 -21.39
CA LEU C 42 15.94 19.82 -21.02
C LEU C 42 15.69 20.09 -19.52
N LYS C 43 16.64 20.74 -18.84
CA LYS C 43 16.51 21.09 -17.41
C LYS C 43 15.22 21.90 -17.21
N LEU C 44 14.56 21.74 -16.07
CA LEU C 44 13.27 22.42 -15.79
C LEU C 44 13.49 23.87 -15.34
N SER C 45 12.72 24.78 -15.94
CA SER C 45 12.51 26.17 -15.42
C SER C 45 11.57 26.08 -14.21
N ALA C 46 11.53 27.12 -13.39
CA ALA C 46 10.57 27.27 -12.28
C ALA C 46 10.14 28.74 -12.13
N GLU C 47 8.95 28.95 -11.57
CA GLU C 47 8.51 30.24 -10.99
C GLU C 47 8.17 31.24 -12.10
N ASN C 48 7.91 30.79 -13.33
CA ASN C 48 7.37 31.67 -14.40
C ASN C 48 5.98 32.15 -13.97
N ASP C 49 5.73 33.45 -14.03
CA ASP C 49 4.37 34.01 -13.84
C ASP C 49 3.47 33.38 -14.91
N PHE C 50 2.21 33.12 -14.56
CA PHE C 50 1.19 32.56 -15.49
C PHE C 50 1.11 33.44 -16.75
N SER C 51 1.36 34.75 -16.64
CA SER C 51 1.33 35.75 -17.75
C SER C 51 2.58 35.68 -18.64
N SER C 52 3.70 35.09 -18.19
CA SER C 52 4.93 34.91 -19.04
C SER C 52 5.54 33.52 -18.83
N ASP C 53 4.88 32.51 -19.38
CA ASP C 53 5.22 31.07 -19.25
C ASP C 53 5.38 30.54 -20.67
N SER C 54 6.62 30.49 -21.14
CA SER C 54 7.00 30.12 -22.53
C SER C 54 8.00 28.99 -22.45
N PRO C 55 7.57 27.73 -22.17
CA PRO C 55 8.52 26.63 -22.05
C PRO C 55 9.14 26.27 -23.41
N GLU C 56 10.41 25.88 -23.39
CA GLU C 56 11.17 25.38 -24.57
C GLU C 56 10.67 23.98 -24.93
N ARG C 57 10.60 23.70 -26.24
CA ARG C 57 10.15 22.39 -26.76
CA ARG C 57 10.20 22.38 -26.81
C ARG C 57 10.89 21.23 -26.07
N LYS C 58 12.20 21.34 -25.87
CA LYS C 58 13.00 20.18 -25.37
C LYS C 58 12.73 19.93 -23.87
N MET C 59 12.01 20.83 -23.21
CA MET C 59 11.65 20.71 -21.78
C MET C 59 10.36 19.88 -21.61
N LEU C 60 9.62 19.60 -22.69
CA LEU C 60 8.21 19.09 -22.61
C LEU C 60 8.12 17.64 -23.08
N PRO C 61 7.99 16.67 -22.15
CA PRO C 61 7.69 15.30 -22.56
C PRO C 61 6.41 15.23 -23.41
N CYS C 62 6.41 14.42 -24.46
CA CYS C 62 5.22 14.20 -25.32
C CYS C 62 4.84 12.72 -25.30
N TYR C 63 3.57 12.46 -25.59
CA TYR C 63 3.06 11.10 -25.82
C TYR C 63 3.86 10.48 -26.97
N SER C 64 4.11 9.19 -26.84
CA SER C 64 4.64 8.29 -27.89
C SER C 64 3.49 7.59 -28.57
N THR C 65 3.64 7.32 -29.85
CA THR C 65 2.65 6.53 -30.61
C THR C 65 3.33 5.91 -31.83
N ALA C 66 2.77 4.79 -32.26
CA ALA C 66 3.18 4.05 -33.48
C ALA C 66 1.93 3.38 -34.07
N ARG C 67 1.79 3.48 -35.40
CA ARG C 67 0.81 2.74 -36.24
C ARG C 67 1.48 1.44 -36.69
N ILE C 68 0.95 0.28 -36.31
CA ILE C 68 1.57 -1.02 -36.72
C ILE C 68 0.73 -1.62 -37.85
N PRO C 69 1.28 -1.72 -39.08
CA PRO C 69 0.54 -2.29 -40.21
C PRO C 69 0.34 -3.80 -40.05
N LEU C 70 -0.84 -4.30 -40.38
CA LEU C 70 -1.22 -5.72 -40.17
C LEU C 70 -1.47 -6.42 -41.50
N PRO C 71 -1.22 -7.74 -41.62
CA PRO C 71 -1.57 -8.49 -42.82
C PRO C 71 -2.96 -8.11 -43.36
N ASN C 72 -3.06 -7.81 -44.66
CA ASN C 72 -4.36 -7.59 -45.38
C ASN C 72 -5.01 -8.95 -45.68
N LEU C 82 -14.65 -8.31 -45.38
CA LEU C 82 -15.57 -8.90 -44.37
C LEU C 82 -14.79 -9.52 -43.20
N LEU C 83 -13.46 -9.34 -43.14
CA LEU C 83 -12.60 -9.84 -42.03
C LEU C 83 -11.72 -8.71 -41.52
N MET C 84 -11.69 -8.48 -40.21
CA MET C 84 -10.72 -7.51 -39.63
C MET C 84 -10.03 -8.11 -38.41
N TRP C 85 -8.80 -7.65 -38.18
CA TRP C 85 -7.98 -8.03 -37.01
C TRP C 85 -8.61 -7.41 -35.76
N GLU C 86 -8.88 -8.24 -34.75
CA GLU C 86 -9.42 -7.84 -33.43
C GLU C 86 -8.33 -8.04 -32.38
N ALA C 87 -7.91 -6.98 -31.68
CA ALA C 87 -6.91 -7.05 -30.58
C ALA C 87 -7.56 -7.70 -29.36
N VAL C 88 -7.00 -8.82 -28.86
CA VAL C 88 -7.63 -9.66 -27.80
C VAL C 88 -6.92 -9.46 -26.45
N THR C 89 -5.59 -9.43 -26.45
CA THR C 89 -4.75 -9.25 -25.23
C THR C 89 -3.51 -8.42 -25.50
N VAL C 90 -2.95 -7.80 -24.45
CA VAL C 90 -1.65 -7.08 -24.56
C VAL C 90 -0.83 -7.46 -23.34
N GLN C 91 0.43 -7.73 -23.61
CA GLN C 91 1.49 -7.77 -22.57
C GLN C 91 2.31 -6.50 -22.73
N THR C 92 2.61 -5.82 -21.64
CA THR C 92 3.37 -4.55 -21.73
C THR C 92 4.23 -4.42 -20.50
N GLU C 93 5.37 -3.77 -20.65
CA GLU C 93 6.21 -3.40 -19.48
C GLU C 93 7.19 -2.31 -19.89
N VAL C 94 7.65 -1.60 -18.88
CA VAL C 94 8.58 -0.46 -19.05
C VAL C 94 9.98 -1.08 -19.10
N ILE C 95 10.79 -0.66 -20.06
CA ILE C 95 12.10 -1.30 -20.36
C ILE C 95 13.25 -0.47 -19.78
N GLY C 96 14.05 -1.09 -18.91
CA GLY C 96 15.34 -0.52 -18.44
C GLY C 96 15.22 0.11 -17.06
N ILE C 97 14.36 -0.42 -16.21
CA ILE C 97 14.05 0.18 -14.90
C ILE C 97 15.30 0.11 -14.02
N THR C 98 16.14 -0.92 -14.17
CA THR C 98 17.35 -1.08 -13.35
C THR C 98 18.40 -0.01 -13.69
N SER C 99 18.26 0.69 -14.80
CA SER C 99 19.21 1.75 -15.21
C SER C 99 19.23 2.88 -14.16
N MET C 100 18.16 2.99 -13.36
CA MET C 100 18.09 3.96 -12.24
C MET C 100 18.96 3.51 -11.05
N LEU C 101 19.53 2.31 -11.09
CA LEU C 101 20.56 1.92 -10.07
C LEU C 101 21.96 2.50 -10.34
N ASN C 102 22.16 3.21 -11.44
CA ASN C 102 23.37 4.02 -11.69
C ASN C 102 23.22 5.32 -10.89
N LEU C 103 23.88 5.35 -9.73
CA LEU C 103 23.91 6.52 -8.83
C LEU C 103 25.31 7.21 -8.87
N HIS C 104 26.16 6.82 -9.83
CA HIS C 104 27.58 7.31 -9.95
C HIS C 104 27.68 8.44 -10.97
N ALA C 105 26.77 8.49 -11.95
CA ALA C 105 26.78 9.40 -13.11
C ALA C 105 25.84 10.58 -12.87
N GLY C 106 26.41 11.80 -12.83
CA GLY C 106 25.69 13.08 -12.98
C GLY C 106 24.80 13.51 -11.83
N SER C 107 24.29 12.62 -11.00
CA SER C 107 23.27 13.00 -9.99
C SER C 107 23.96 13.59 -8.76
N GLN C 108 23.27 14.54 -8.12
CA GLN C 108 23.75 15.24 -6.90
C GLN C 108 23.91 14.22 -5.78
N LYS C 109 25.00 14.32 -5.03
CA LYS C 109 25.24 13.50 -3.80
C LYS C 109 24.09 13.74 -2.81
N VAL C 110 23.64 12.70 -2.11
CA VAL C 110 22.52 12.82 -1.13
C VAL C 110 23.03 13.56 0.10
N HIS C 111 24.33 13.49 0.38
CA HIS C 111 25.03 14.21 1.48
C HIS C 111 26.55 14.08 1.25
N GLU C 112 27.37 14.70 2.11
CA GLU C 112 28.85 14.60 2.05
C GLU C 112 29.24 13.12 2.07
N HIS C 113 30.04 12.69 1.12
CA HIS C 113 30.61 11.31 0.98
C HIS C 113 29.53 10.34 0.48
N GLY C 114 28.29 10.80 0.23
CA GLY C 114 27.16 9.90 -0.10
C GLY C 114 27.06 9.59 -1.57
N GLY C 115 26.26 8.60 -1.96
CA GLY C 115 26.04 8.33 -3.40
C GLY C 115 25.11 9.35 -4.04
N GLY C 116 24.92 9.24 -5.35
CA GLY C 116 24.00 10.09 -6.12
C GLY C 116 22.55 9.94 -5.70
N LYS C 117 21.76 10.98 -5.97
CA LYS C 117 20.32 11.05 -5.62
C LYS C 117 19.55 10.23 -6.66
N PRO C 118 18.75 9.24 -6.23
CA PRO C 118 17.89 8.51 -7.15
C PRO C 118 16.91 9.42 -7.89
N ILE C 119 16.59 9.04 -9.12
CA ILE C 119 15.40 9.54 -9.86
C ILE C 119 14.17 9.31 -8.96
N GLN C 120 13.41 10.38 -8.76
CA GLN C 120 12.20 10.40 -7.91
C GLN C 120 11.37 11.65 -8.27
N GLY C 121 10.17 11.72 -7.75
CA GLY C 121 9.26 12.84 -8.03
C GLY C 121 8.11 12.39 -8.89
N SER C 122 7.35 13.35 -9.40
CA SER C 122 6.11 13.14 -10.19
C SER C 122 6.37 12.13 -11.32
N ASN C 123 5.46 11.19 -11.52
CA ASN C 123 5.62 10.20 -12.59
C ASN C 123 4.25 9.93 -13.20
N PHE C 124 4.27 9.52 -14.45
CA PHE C 124 3.05 9.14 -15.20
C PHE C 124 3.40 7.94 -16.07
N HIS C 125 2.61 6.88 -15.94
CA HIS C 125 2.75 5.62 -16.70
C HIS C 125 1.41 5.32 -17.36
N PHE C 126 1.44 5.27 -18.69
CA PHE C 126 0.21 5.21 -19.49
C PHE C 126 0.49 4.38 -20.72
N PHE C 127 -0.49 3.60 -21.13
CA PHE C 127 -0.47 2.89 -22.42
C PHE C 127 -1.88 2.76 -22.94
N ALA C 128 -2.01 2.72 -24.27
CA ALA C 128 -3.28 2.45 -24.97
C ALA C 128 -3.04 1.52 -26.14
N VAL C 129 -4.03 0.67 -26.42
CA VAL C 129 -4.08 -0.22 -27.62
C VAL C 129 -5.40 0.05 -28.34
N GLY C 130 -5.38 0.35 -29.64
CA GLY C 130 -6.66 0.59 -30.33
C GLY C 130 -6.61 0.34 -31.82
N GLY C 131 -7.78 0.38 -32.45
CA GLY C 131 -7.97 0.21 -33.91
C GLY C 131 -7.99 1.55 -34.62
N ASP C 132 -8.02 2.63 -33.86
CA ASP C 132 -7.94 4.03 -34.36
C ASP C 132 -6.94 4.76 -33.48
N PRO C 133 -6.40 5.92 -33.88
CA PRO C 133 -5.57 6.69 -32.97
C PRO C 133 -6.32 6.99 -31.67
N LEU C 134 -5.55 7.15 -30.60
CA LEU C 134 -6.08 7.55 -29.27
C LEU C 134 -6.75 8.92 -29.40
N GLU C 135 -7.91 9.05 -28.78
CA GLU C 135 -8.66 10.32 -28.72
CA GLU C 135 -8.66 10.32 -28.73
C GLU C 135 -8.32 10.99 -27.39
N MET C 136 -7.96 12.27 -27.47
CA MET C 136 -7.49 13.03 -26.30
C MET C 136 -8.36 14.28 -26.07
N GLN C 137 -8.37 14.73 -24.81
CA GLN C 137 -9.06 15.94 -24.31
C GLN C 137 -7.96 16.83 -23.72
N GLY C 138 -7.94 18.11 -24.12
CA GLY C 138 -7.02 19.12 -23.59
C GLY C 138 -7.44 19.63 -22.22
N VAL C 139 -6.49 19.69 -21.31
CA VAL C 139 -6.62 20.40 -20.00
C VAL C 139 -5.26 21.00 -19.65
N LEU C 140 -5.26 22.24 -19.17
CA LEU C 140 -4.03 23.01 -18.94
C LEU C 140 -3.91 23.42 -17.49
N MET C 141 -2.70 23.37 -16.92
CA MET C 141 -2.48 23.97 -15.60
C MET C 141 -2.71 25.48 -15.73
N ASN C 142 -2.28 26.06 -16.85
CA ASN C 142 -2.23 27.54 -17.06
C ASN C 142 -2.66 27.82 -18.49
N TYR C 143 -3.89 28.29 -18.74
CA TYR C 143 -4.38 28.50 -20.13
C TYR C 143 -3.48 29.49 -20.87
N ARG C 144 -2.78 30.35 -20.14
CA ARG C 144 -1.98 31.48 -20.72
C ARG C 144 -0.59 30.98 -21.14
N THR C 145 -0.26 29.70 -20.93
CA THR C 145 1.04 29.15 -21.35
C THR C 145 1.19 29.38 -22.85
N LYS C 146 2.34 29.91 -23.28
CA LYS C 146 2.71 30.00 -24.72
C LYS C 146 3.55 28.78 -25.06
N TYR C 147 3.01 27.85 -25.85
CA TYR C 147 3.69 26.58 -26.16
C TYR C 147 4.53 26.79 -27.41
N PRO C 148 5.67 26.11 -27.52
CA PRO C 148 6.62 26.36 -28.60
C PRO C 148 6.31 25.58 -29.88
N ASP C 149 6.85 26.08 -31.00
CA ASP C 149 6.78 25.47 -32.34
C ASP C 149 7.22 24.01 -32.23
N GLY C 150 6.54 23.14 -32.94
CA GLY C 150 6.77 21.69 -32.90
C GLY C 150 5.80 20.98 -31.95
N THR C 151 5.11 21.71 -31.07
CA THR C 151 4.08 21.13 -30.16
C THR C 151 2.68 21.36 -30.75
N ILE C 152 1.80 20.39 -30.58
CA ILE C 152 0.33 20.53 -30.82
C ILE C 152 -0.36 20.59 -29.45
N THR C 153 -0.92 21.78 -29.11
CA THR C 153 -1.56 22.09 -27.80
C THR C 153 -2.94 22.68 -28.03
N PRO C 154 -3.80 22.75 -26.98
CA PRO C 154 -5.16 23.25 -27.14
C PRO C 154 -5.20 24.64 -27.82
N LYS C 155 -6.05 24.74 -28.85
CA LYS C 155 -6.22 25.94 -29.71
C LYS C 155 -7.22 26.88 -29.03
N ASN C 156 -6.91 28.18 -29.01
CA ASN C 156 -7.74 29.27 -28.41
C ASN C 156 -8.14 28.88 -26.99
N PRO C 157 -7.16 28.58 -26.11
CA PRO C 157 -7.50 28.22 -24.75
C PRO C 157 -8.10 29.44 -24.04
N THR C 158 -8.98 29.16 -23.07
CA THR C 158 -9.60 30.15 -22.17
C THR C 158 -9.40 29.69 -20.73
N ALA C 159 -9.89 30.45 -19.76
CA ALA C 159 -9.86 30.05 -18.33
C ALA C 159 -10.54 28.68 -18.17
N GLN C 160 -11.54 28.37 -19.00
CA GLN C 160 -12.29 27.09 -18.92
C GLN C 160 -11.38 25.91 -19.36
N SER C 161 -10.28 26.18 -20.06
CA SER C 161 -9.28 25.14 -20.45
C SER C 161 -8.51 24.62 -19.22
N GLN C 162 -8.61 25.29 -18.07
CA GLN C 162 -8.00 24.85 -16.80
C GLN C 162 -8.93 23.84 -16.13
N VAL C 163 -10.17 23.78 -16.57
CA VAL C 163 -11.16 22.76 -16.14
C VAL C 163 -11.57 22.01 -17.40
N MET C 164 -12.85 21.90 -17.70
CA MET C 164 -13.29 21.15 -18.89
C MET C 164 -13.76 22.12 -19.97
N ASN C 165 -13.03 22.19 -21.07
CA ASN C 165 -13.40 22.96 -22.28
C ASN C 165 -13.52 21.94 -23.41
N THR C 166 -14.75 21.61 -23.82
CA THR C 166 -15.09 20.55 -24.82
C THR C 166 -14.51 20.90 -26.19
N ASP C 167 -13.98 22.11 -26.43
CA ASP C 167 -13.32 22.42 -27.72
C ASP C 167 -12.06 21.58 -27.92
N HIS C 168 -11.35 21.21 -26.84
CA HIS C 168 -9.95 20.68 -26.94
C HIS C 168 -9.98 19.18 -27.20
N LYS C 169 -10.33 18.80 -28.43
CA LYS C 169 -10.39 17.40 -28.91
C LYS C 169 -9.21 17.19 -29.86
N ALA C 170 -8.47 16.09 -29.73
CA ALA C 170 -7.34 15.76 -30.63
C ALA C 170 -7.23 14.25 -30.80
N TYR C 171 -6.65 13.85 -31.92
CA TYR C 171 -6.17 12.47 -32.19
C TYR C 171 -4.69 12.45 -31.86
N LEU C 172 -4.24 11.40 -31.17
CA LEU C 172 -2.78 11.17 -31.00
C LEU C 172 -2.28 10.61 -32.34
N ASP C 173 -1.99 11.52 -33.28
CA ASP C 173 -1.69 11.20 -34.71
C ASP C 173 -0.25 11.58 -35.08
N LYS C 174 0.55 12.08 -34.14
CA LYS C 174 1.97 12.40 -34.39
C LYS C 174 2.79 12.04 -33.13
N ASN C 175 3.83 11.23 -33.33
CA ASN C 175 4.86 10.94 -32.30
C ASN C 175 5.58 12.24 -31.95
N ASN C 176 5.89 12.43 -30.66
CA ASN C 176 6.75 13.53 -30.17
C ASN C 176 6.19 14.92 -30.52
N ALA C 177 4.89 15.16 -30.31
CA ALA C 177 4.21 16.43 -30.67
C ALA C 177 3.23 16.93 -29.60
N TYR C 178 2.47 16.01 -29.00
CA TYR C 178 1.40 16.36 -28.03
C TYR C 178 2.01 16.32 -26.63
N PRO C 179 2.27 17.45 -25.96
CA PRO C 179 2.85 17.40 -24.62
C PRO C 179 1.93 16.68 -23.64
N VAL C 180 2.55 15.86 -22.79
CA VAL C 180 1.82 15.04 -21.78
C VAL C 180 1.06 16.01 -20.86
N GLU C 181 1.67 17.15 -20.50
CA GLU C 181 1.06 18.14 -19.58
C GLU C 181 -0.22 18.78 -20.17
N CYS C 182 -0.52 18.62 -21.47
CA CYS C 182 -1.65 19.33 -22.15
C CYS C 182 -2.83 18.40 -22.43
N TRP C 183 -2.62 17.09 -22.40
CA TRP C 183 -3.61 16.14 -23.00
C TRP C 183 -3.79 14.92 -22.09
N VAL C 184 -5.02 14.45 -22.00
CA VAL C 184 -5.35 13.16 -21.33
C VAL C 184 -6.16 12.32 -22.30
N PRO C 185 -6.20 10.97 -22.11
CA PRO C 185 -7.11 10.14 -22.88
C PRO C 185 -8.54 10.64 -22.60
N ASP C 186 -9.37 10.71 -23.64
CA ASP C 186 -10.76 11.23 -23.53
C ASP C 186 -11.73 10.09 -23.21
N PRO C 187 -12.32 10.06 -22.00
CA PRO C 187 -13.21 8.95 -21.63
C PRO C 187 -14.58 9.02 -22.35
N SER C 188 -14.88 10.15 -23.00
CA SER C 188 -16.15 10.35 -23.74
C SER C 188 -16.02 9.82 -25.17
N ARG C 189 -14.83 9.41 -25.60
CA ARG C 189 -14.64 8.80 -26.95
C ARG C 189 -13.91 7.47 -26.75
N ASN C 190 -12.96 7.10 -27.60
CA ASN C 190 -12.13 5.88 -27.41
C ASN C 190 -13.03 4.64 -27.37
N GLU C 191 -14.06 4.62 -28.21
CA GLU C 191 -14.95 3.44 -28.41
C GLU C 191 -14.11 2.22 -28.85
N ASN C 192 -13.04 2.45 -29.61
CA ASN C 192 -12.30 1.38 -30.30
C ASN C 192 -10.85 1.32 -29.81
N THR C 193 -10.60 1.83 -28.61
CA THR C 193 -9.27 1.85 -27.93
C THR C 193 -9.47 1.46 -26.45
N ARG C 194 -8.49 0.79 -25.86
CA ARG C 194 -8.45 0.57 -24.38
C ARG C 194 -7.21 1.29 -23.84
N TYR C 195 -7.37 2.06 -22.78
CA TYR C 195 -6.26 2.86 -22.22
C TYR C 195 -6.26 2.75 -20.69
N PHE C 196 -5.06 2.96 -20.14
CA PHE C 196 -4.72 2.72 -18.72
C PHE C 196 -3.59 3.67 -18.36
N GLY C 197 -3.82 4.48 -17.34
CA GLY C 197 -2.84 5.48 -16.86
C GLY C 197 -2.88 5.63 -15.35
N THR C 198 -1.70 5.83 -14.75
CA THR C 198 -1.58 6.30 -13.36
C THR C 198 -0.66 7.49 -13.28
N PHE C 199 -1.16 8.54 -12.64
CA PHE C 199 -0.35 9.73 -12.28
C PHE C 199 -0.07 9.71 -10.76
N THR C 200 1.18 9.89 -10.37
CA THR C 200 1.61 10.04 -8.96
C THR C 200 2.46 11.31 -8.85
N GLY C 201 1.98 12.31 -8.12
CA GLY C 201 2.63 13.63 -8.06
C GLY C 201 3.34 13.82 -6.73
N GLY C 202 4.41 14.59 -6.70
CA GLY C 202 5.11 14.89 -5.44
C GLY C 202 6.62 14.90 -5.60
N GLU C 203 7.32 15.79 -4.88
CA GLU C 203 8.80 15.96 -5.08
C GLU C 203 9.55 14.67 -4.75
N ASN C 204 9.10 13.89 -3.78
CA ASN C 204 9.89 12.76 -3.19
C ASN C 204 9.25 11.39 -3.49
N VAL C 205 8.26 11.32 -4.38
CA VAL C 205 7.57 10.05 -4.76
C VAL C 205 8.60 9.06 -5.28
N PRO C 206 8.68 7.84 -4.71
CA PRO C 206 9.53 6.79 -5.27
C PRO C 206 8.93 6.14 -6.51
N PRO C 207 9.68 5.95 -7.61
CA PRO C 207 9.23 5.11 -8.69
C PRO C 207 9.00 3.70 -8.13
N VAL C 208 7.93 3.03 -8.55
CA VAL C 208 7.65 1.60 -8.23
C VAL C 208 7.28 0.94 -9.57
N LEU C 209 8.15 0.11 -10.12
CA LEU C 209 7.92 -0.50 -11.44
C LEU C 209 8.10 -2.02 -11.33
N HIS C 210 7.18 -2.74 -11.95
CA HIS C 210 7.09 -4.21 -11.91
C HIS C 210 7.45 -4.75 -13.29
N VAL C 211 8.20 -5.85 -13.34
CA VAL C 211 8.40 -6.59 -14.61
C VAL C 211 7.99 -8.05 -14.39
N THR C 212 7.34 -8.63 -15.39
CA THR C 212 7.05 -10.08 -15.43
C THR C 212 6.51 -10.40 -16.82
N ASN C 213 6.84 -11.59 -17.31
CA ASN C 213 6.33 -12.03 -18.64
C ASN C 213 5.10 -12.88 -18.38
N THR C 214 4.54 -12.83 -17.18
CA THR C 214 3.42 -13.73 -16.83
C THR C 214 2.12 -12.95 -16.80
N ALA C 215 2.14 -11.65 -17.13
CA ALA C 215 0.96 -10.76 -16.95
C ALA C 215 0.36 -10.38 -18.31
N THR C 216 -0.96 -10.54 -18.44
CA THR C 216 -1.72 -10.20 -19.67
C THR C 216 -2.93 -9.32 -19.32
N THR C 217 -3.14 -8.24 -20.06
CA THR C 217 -4.38 -7.43 -20.02
C THR C 217 -5.29 -7.87 -21.17
N VAL C 218 -6.52 -8.30 -20.86
CA VAL C 218 -7.57 -8.66 -21.87
C VAL C 218 -8.26 -7.39 -22.37
N LEU C 219 -8.40 -7.23 -23.68
CA LEU C 219 -8.85 -5.98 -24.32
C LEU C 219 -10.31 -6.13 -24.79
N LEU C 220 -10.96 -7.25 -24.48
CA LEU C 220 -12.37 -7.51 -24.85
C LEU C 220 -13.30 -6.65 -23.99
N ASP C 221 -14.33 -6.03 -24.57
CA ASP C 221 -15.38 -5.29 -23.80
C ASP C 221 -16.31 -6.33 -23.13
N GLU C 222 -17.39 -5.85 -22.49
CA GLU C 222 -18.34 -6.70 -21.70
C GLU C 222 -19.03 -7.71 -22.62
N GLN C 223 -19.05 -7.46 -23.93
CA GLN C 223 -19.70 -8.33 -24.95
C GLN C 223 -18.65 -9.13 -25.72
N GLY C 224 -17.38 -9.13 -25.27
CA GLY C 224 -16.35 -10.04 -25.80
C GLY C 224 -15.74 -9.55 -27.11
N VAL C 225 -15.84 -8.25 -27.40
CA VAL C 225 -15.29 -7.64 -28.63
C VAL C 225 -14.08 -6.76 -28.25
N GLY C 226 -12.97 -6.95 -28.94
CA GLY C 226 -11.75 -6.15 -28.74
C GLY C 226 -11.72 -5.01 -29.74
N PRO C 227 -10.74 -4.10 -29.63
CA PRO C 227 -10.47 -3.11 -30.67
C PRO C 227 -10.40 -3.82 -32.04
N LEU C 228 -11.10 -3.27 -33.03
CA LEU C 228 -11.12 -3.73 -34.43
C LEU C 228 -10.23 -2.81 -35.26
N CYS C 229 -9.28 -3.36 -35.99
CA CYS C 229 -8.29 -2.56 -36.75
C CYS C 229 -8.87 -2.22 -38.12
N LYS C 230 -9.61 -1.12 -38.19
CA LYS C 230 -10.03 -0.49 -39.47
C LYS C 230 -8.74 -0.06 -40.20
N ALA C 231 -8.68 -0.31 -41.51
CA ALA C 231 -7.56 0.04 -42.41
C ALA C 231 -6.30 -0.77 -42.09
N ASP C 232 -6.46 -2.00 -41.57
CA ASP C 232 -5.35 -2.97 -41.29
C ASP C 232 -4.22 -2.28 -40.52
N SER C 233 -4.57 -1.44 -39.53
CA SER C 233 -3.62 -0.68 -38.70
C SER C 233 -3.95 -0.80 -37.20
N LEU C 234 -2.93 -1.09 -36.40
CA LEU C 234 -3.03 -1.22 -34.93
C LEU C 234 -2.25 -0.05 -34.33
N TYR C 235 -2.82 0.63 -33.34
CA TYR C 235 -2.24 1.85 -32.74
C TYR C 235 -1.82 1.53 -31.30
N VAL C 236 -0.55 1.82 -31.01
CA VAL C 236 0.00 1.73 -29.63
C VAL C 236 0.39 3.14 -29.23
N SER C 237 0.18 3.47 -27.98
CA SER C 237 0.46 4.79 -27.37
C SER C 237 0.96 4.57 -25.95
N ALA C 238 1.84 5.46 -25.49
CA ALA C 238 2.49 5.38 -24.18
C ALA C 238 2.95 6.76 -23.73
N ALA C 239 3.01 6.93 -22.41
CA ALA C 239 3.87 7.91 -21.72
C ALA C 239 4.41 7.24 -20.45
N ASP C 240 5.73 7.30 -20.30
CA ASP C 240 6.42 6.64 -19.17
C ASP C 240 7.46 7.61 -18.64
N ILE C 241 6.97 8.66 -17.98
CA ILE C 241 7.80 9.66 -17.25
C ILE C 241 8.06 9.05 -15.89
N CYS C 242 9.31 8.69 -15.62
CA CYS C 242 9.69 7.85 -14.46
C CYS C 242 9.92 8.72 -13.23
N GLY C 243 10.26 9.98 -13.44
CA GLY C 243 10.57 10.92 -12.35
C GLY C 243 11.57 11.98 -12.81
N LEU C 244 12.12 12.74 -11.86
CA LEU C 244 13.13 13.79 -12.10
C LEU C 244 14.53 13.31 -11.72
N PHE C 245 15.48 13.54 -12.62
CA PHE C 245 16.93 13.35 -12.39
C PHE C 245 17.49 14.68 -11.86
N THR C 246 18.13 14.67 -10.70
CA THR C 246 18.69 15.91 -10.09
C THR C 246 20.19 15.93 -10.34
N ASN C 247 20.66 16.86 -11.18
CA ASN C 247 22.10 17.06 -11.46
C ASN C 247 22.81 17.55 -10.21
N SER C 248 24.14 17.40 -10.15
CA SER C 248 24.99 17.89 -9.05
C SER C 248 24.78 19.40 -8.85
N SER C 249 24.55 20.15 -9.93
CA SER C 249 24.23 21.61 -9.87
C SER C 249 22.92 21.88 -9.11
N GLY C 250 21.99 20.92 -9.08
CA GLY C 250 20.64 21.14 -8.52
C GLY C 250 19.57 21.22 -9.59
N THR C 251 19.98 21.32 -10.87
CA THR C 251 19.05 21.34 -12.03
C THR C 251 18.38 19.97 -12.17
N GLN C 252 17.15 19.93 -12.69
CA GLN C 252 16.33 18.70 -12.74
C GLN C 252 15.87 18.45 -14.18
N GLN C 253 15.80 17.19 -14.56
CA GLN C 253 15.39 16.78 -15.92
C GLN C 253 14.46 15.59 -15.73
N TRP C 254 13.38 15.52 -16.52
CA TRP C 254 12.57 14.29 -16.65
C TRP C 254 13.44 13.14 -17.19
N ARG C 255 13.25 11.93 -16.67
CA ARG C 255 13.79 10.70 -17.27
C ARG C 255 12.61 9.85 -17.68
N GLY C 256 12.62 9.37 -18.93
CA GLY C 256 11.60 8.43 -19.46
C GLY C 256 12.23 7.14 -19.93
N LEU C 257 11.42 6.09 -20.11
CA LEU C 257 11.89 4.77 -20.60
C LEU C 257 10.93 4.29 -21.68
N ALA C 258 11.44 3.46 -22.56
CA ALA C 258 10.68 2.78 -23.63
C ALA C 258 9.62 1.86 -23.01
N ARG C 259 8.58 1.58 -23.79
CA ARG C 259 7.58 0.56 -23.41
C ARG C 259 7.49 -0.52 -24.49
N TYR C 260 7.47 -1.77 -24.06
CA TYR C 260 7.26 -2.96 -24.92
C TYR C 260 5.77 -3.29 -24.95
N PHE C 261 5.31 -3.72 -26.11
CA PHE C 261 3.95 -4.23 -26.36
C PHE C 261 4.04 -5.52 -27.17
N LYS C 262 3.38 -6.58 -26.70
CA LYS C 262 3.07 -7.80 -27.47
C LYS C 262 1.55 -7.92 -27.54
N ILE C 263 0.97 -7.80 -28.73
CA ILE C 263 -0.51 -7.81 -28.90
C ILE C 263 -0.90 -9.07 -29.68
N ARG C 264 -1.81 -9.87 -29.09
CA ARG C 264 -2.45 -11.05 -29.75
C ARG C 264 -3.72 -10.56 -30.45
N LEU C 265 -3.82 -10.80 -31.75
CA LEU C 265 -5.02 -10.49 -32.54
C LEU C 265 -5.60 -11.79 -33.11
N ARG C 266 -6.91 -11.77 -33.36
CA ARG C 266 -7.60 -12.87 -34.07
C ARG C 266 -8.43 -12.24 -35.18
N LYS C 267 -8.87 -13.06 -36.13
CA LYS C 267 -9.62 -12.60 -37.31
C LYS C 267 -11.08 -12.54 -36.88
N ARG C 268 -11.75 -11.44 -37.19
CA ARG C 268 -13.21 -11.27 -36.88
C ARG C 268 -13.96 -10.91 -38.16
N SER C 269 -15.16 -11.48 -38.34
CA SER C 269 -16.02 -11.24 -39.53
C SER C 269 -16.98 -10.08 -39.24
N VAL C 270 -17.12 -9.16 -40.19
CA VAL C 270 -17.97 -7.93 -40.07
C VAL C 270 -19.05 -7.96 -41.16
N VAL D 7 22.67 -26.72 -2.80
CA VAL D 7 21.96 -27.32 -3.98
C VAL D 7 21.64 -28.78 -3.69
N GLU D 8 20.36 -29.13 -3.59
CA GLU D 8 19.86 -30.52 -3.40
C GLU D 8 18.88 -30.81 -4.54
N VAL D 9 19.07 -31.93 -5.23
CA VAL D 9 18.16 -32.47 -6.28
C VAL D 9 17.60 -33.80 -5.71
N LEU D 10 16.34 -33.82 -5.28
CA LEU D 10 15.70 -34.93 -4.52
C LEU D 10 14.54 -35.54 -5.34
N GLU D 11 14.64 -36.84 -5.64
CA GLU D 11 13.52 -37.69 -6.15
C GLU D 11 12.52 -37.91 -5.01
N VAL D 12 11.49 -37.06 -4.94
CA VAL D 12 10.40 -37.08 -3.91
C VAL D 12 9.45 -38.25 -4.23
N LYS D 13 9.15 -38.45 -5.52
CA LYS D 13 8.34 -39.57 -6.05
C LYS D 13 8.96 -40.03 -7.37
N THR D 14 8.96 -41.34 -7.61
CA THR D 14 9.52 -41.99 -8.81
C THR D 14 8.41 -42.47 -9.75
N GLY D 15 8.78 -42.82 -10.97
CA GLY D 15 7.85 -43.41 -11.96
C GLY D 15 7.20 -42.36 -12.85
N VAL D 16 6.04 -42.66 -13.43
CA VAL D 16 5.44 -41.84 -14.53
C VAL D 16 5.07 -40.45 -13.97
N ASP D 17 4.49 -40.42 -12.76
CA ASP D 17 4.07 -39.19 -12.04
C ASP D 17 5.20 -38.75 -11.09
N ALA D 18 6.45 -39.00 -11.49
CA ALA D 18 7.67 -38.63 -10.72
C ALA D 18 7.64 -37.13 -10.44
N ILE D 19 7.96 -36.73 -9.22
CA ILE D 19 8.21 -35.29 -8.88
C ILE D 19 9.66 -35.19 -8.40
N THR D 20 10.42 -34.24 -8.93
CA THR D 20 11.76 -33.88 -8.38
C THR D 20 11.68 -32.48 -7.80
N GLU D 21 12.19 -32.28 -6.57
CA GLU D 21 12.34 -30.96 -5.94
C GLU D 21 13.82 -30.59 -6.00
N VAL D 22 14.09 -29.42 -6.57
CA VAL D 22 15.43 -28.80 -6.62
C VAL D 22 15.41 -27.67 -5.61
N GLU D 23 16.30 -27.74 -4.63
CA GLU D 23 16.46 -26.67 -3.63
C GLU D 23 17.81 -25.99 -3.86
N CYS D 24 17.88 -24.68 -3.68
CA CYS D 24 19.17 -23.99 -3.71
C CYS D 24 19.09 -22.57 -3.17
N PHE D 25 20.20 -22.14 -2.64
CA PHE D 25 20.42 -20.80 -2.06
C PHE D 25 21.37 -20.12 -3.04
N LEU D 26 20.91 -19.08 -3.78
CA LEU D 26 21.74 -18.29 -4.71
C LEU D 26 22.28 -17.06 -3.96
N ASN D 27 23.58 -16.99 -3.78
CA ASN D 27 24.24 -15.86 -3.08
C ASN D 27 24.14 -14.61 -3.94
N PRO D 28 24.05 -13.43 -3.29
CA PRO D 28 24.00 -12.17 -4.04
C PRO D 28 25.43 -11.85 -4.51
N GLU D 29 25.52 -10.94 -5.48
CA GLU D 29 26.79 -10.49 -6.10
C GLU D 29 26.83 -8.98 -6.10
N MET D 30 27.07 -8.39 -4.93
CA MET D 30 26.94 -6.94 -4.72
C MET D 30 28.27 -6.24 -5.04
N GLY D 31 29.37 -6.99 -5.16
CA GLY D 31 30.70 -6.43 -5.45
C GLY D 31 31.79 -6.97 -4.53
N ASP D 32 31.49 -7.16 -3.23
CA ASP D 32 32.37 -7.76 -2.20
C ASP D 32 33.69 -7.01 -2.19
N PRO D 33 33.78 -5.76 -1.69
CA PRO D 33 34.99 -4.95 -1.90
C PRO D 33 36.21 -5.47 -1.13
N ASP D 34 36.04 -6.20 -0.02
CA ASP D 34 37.16 -6.85 0.70
C ASP D 34 36.63 -8.15 1.31
N GLU D 35 37.53 -8.97 1.88
CA GLU D 35 37.21 -10.35 2.32
C GLU D 35 36.16 -10.33 3.41
N ASN D 36 36.02 -9.21 4.13
CA ASN D 36 35.14 -9.13 5.32
C ASN D 36 33.75 -8.60 4.93
N LEU D 37 33.59 -8.03 3.74
CA LEU D 37 32.35 -7.32 3.35
C LEU D 37 31.65 -8.06 2.23
N ARG D 38 31.70 -9.38 2.29
CA ARG D 38 30.85 -10.26 1.46
C ARG D 38 29.40 -9.83 1.68
N GLY D 39 28.68 -9.61 0.58
CA GLY D 39 27.27 -9.16 0.60
C GLY D 39 27.09 -7.65 0.49
N PHE D 40 28.17 -6.89 0.42
CA PHE D 40 28.14 -5.41 0.31
C PHE D 40 28.85 -5.01 -0.98
N SER D 41 28.55 -3.85 -1.56
CA SER D 41 29.40 -3.22 -2.59
C SER D 41 30.49 -2.35 -1.94
N LEU D 42 31.46 -1.97 -2.76
CA LEU D 42 32.33 -0.78 -2.61
C LEU D 42 31.43 0.44 -2.39
N LYS D 43 31.88 1.37 -1.57
CA LYS D 43 31.23 2.68 -1.40
C LYS D 43 30.92 3.32 -2.75
N LEU D 44 29.76 3.95 -2.82
CA LEU D 44 29.30 4.61 -4.06
C LEU D 44 30.06 5.92 -4.23
N SER D 45 30.54 6.15 -5.45
CA SER D 45 30.94 7.48 -5.97
C SER D 45 29.67 8.27 -6.31
N ALA D 46 29.80 9.59 -6.40
CA ALA D 46 28.71 10.47 -6.88
C ALA D 46 29.29 11.59 -7.76
N GLU D 47 28.45 12.11 -8.66
CA GLU D 47 28.59 13.41 -9.37
C GLU D 47 29.65 13.29 -10.46
N ASN D 48 29.89 12.08 -10.98
CA ASN D 48 30.78 11.90 -12.15
C ASN D 48 30.07 12.50 -13.36
N ASP D 49 30.72 13.39 -14.11
CA ASP D 49 30.15 13.91 -15.38
C ASP D 49 29.84 12.70 -16.25
N PHE D 50 28.82 12.77 -17.10
CA PHE D 50 28.49 11.66 -18.03
C PHE D 50 29.70 11.33 -18.91
N SER D 51 30.48 12.35 -19.28
CA SER D 51 31.65 12.23 -20.18
C SER D 51 32.81 11.51 -19.46
N SER D 52 32.75 11.41 -18.14
CA SER D 52 33.88 10.94 -17.30
C SER D 52 33.36 9.99 -16.21
N ASP D 53 32.68 8.91 -16.60
CA ASP D 53 31.95 8.02 -15.66
C ASP D 53 32.55 6.61 -15.76
N SER D 54 33.44 6.25 -14.83
CA SER D 54 34.26 5.01 -14.89
C SER D 54 34.11 4.27 -13.58
N PRO D 55 32.96 3.59 -13.37
CA PRO D 55 32.71 2.93 -12.09
C PRO D 55 33.66 1.76 -11.85
N GLU D 56 34.12 1.59 -10.61
CA GLU D 56 34.98 0.45 -10.22
C GLU D 56 34.12 -0.82 -10.19
N ARG D 57 34.74 -1.92 -10.58
CA ARG D 57 34.14 -3.28 -10.62
C ARG D 57 33.37 -3.56 -9.32
N LYS D 58 33.96 -3.29 -8.17
CA LYS D 58 33.44 -3.79 -6.88
C LYS D 58 32.30 -2.87 -6.39
N MET D 59 32.03 -1.78 -7.09
CA MET D 59 30.92 -0.86 -6.76
C MET D 59 29.61 -1.29 -7.44
N LEU D 60 29.68 -2.24 -8.39
CA LEU D 60 28.55 -2.55 -9.32
C LEU D 60 27.94 -3.91 -8.96
N PRO D 61 26.75 -3.93 -8.32
CA PRO D 61 26.02 -5.19 -8.18
C PRO D 61 25.69 -5.84 -9.53
N CYS D 62 25.81 -7.16 -9.57
CA CYS D 62 25.56 -7.97 -10.78
C CYS D 62 24.44 -8.99 -10.50
N TYR D 63 23.75 -9.45 -11.54
CA TYR D 63 22.83 -10.60 -11.48
C TYR D 63 23.60 -11.83 -11.02
N SER D 64 22.93 -12.61 -10.18
CA SER D 64 23.29 -13.98 -9.76
C SER D 64 22.62 -14.98 -10.68
N THR D 65 23.25 -16.10 -10.97
CA THR D 65 22.65 -17.15 -11.82
C THR D 65 23.37 -18.46 -11.56
N ALA D 66 22.66 -19.56 -11.78
CA ALA D 66 23.27 -20.90 -11.73
C ALA D 66 22.45 -21.82 -12.63
N ARG D 67 23.17 -22.76 -13.21
CA ARG D 67 22.61 -23.85 -14.01
C ARG D 67 22.69 -25.11 -13.16
N ILE D 68 21.55 -25.77 -12.96
CA ILE D 68 21.42 -27.01 -12.15
C ILE D 68 21.16 -28.17 -13.10
N PRO D 69 22.15 -29.08 -13.26
CA PRO D 69 21.98 -30.30 -14.07
C PRO D 69 20.97 -31.23 -13.40
N LEU D 70 20.05 -31.76 -14.20
CA LEU D 70 19.01 -32.70 -13.72
C LEU D 70 19.32 -34.09 -14.25
N PRO D 71 18.78 -35.16 -13.63
CA PRO D 71 18.99 -36.52 -14.12
C PRO D 71 18.50 -36.70 -15.56
N ASN D 72 19.25 -37.42 -16.41
CA ASN D 72 18.81 -37.72 -17.81
C ASN D 72 17.62 -38.69 -17.77
N LEU D 73 16.60 -38.45 -18.58
CA LEU D 73 15.33 -39.23 -18.52
C LEU D 73 15.21 -40.21 -19.69
N ASN D 74 16.12 -40.16 -20.67
CA ASN D 74 15.93 -40.84 -21.98
C ASN D 74 17.02 -41.92 -22.17
N GLU D 75 16.69 -43.17 -21.86
CA GLU D 75 17.52 -44.38 -22.13
C GLU D 75 17.85 -44.47 -23.65
N ASP D 76 16.87 -44.25 -24.52
CA ASP D 76 17.01 -44.39 -26.00
C ASP D 76 16.71 -43.04 -26.68
N LEU D 77 17.74 -42.41 -27.26
CA LEU D 77 17.66 -41.05 -27.85
C LEU D 77 17.08 -41.12 -29.27
N THR D 78 16.80 -42.34 -29.74
CA THR D 78 16.23 -42.55 -31.10
C THR D 78 14.69 -42.63 -31.02
N CYS D 79 14.12 -43.00 -29.86
CA CYS D 79 12.66 -43.16 -29.58
C CYS D 79 11.82 -42.01 -30.18
N GLY D 80 10.56 -42.28 -30.56
CA GLY D 80 9.62 -41.29 -31.14
C GLY D 80 9.23 -40.20 -30.15
N ASN D 81 9.08 -40.56 -28.87
CA ASN D 81 8.79 -39.60 -27.76
C ASN D 81 10.02 -39.54 -26.84
N LEU D 82 10.40 -38.32 -26.43
CA LEU D 82 11.44 -38.04 -25.41
C LEU D 82 10.80 -37.41 -24.17
N LEU D 83 11.31 -37.70 -22.97
CA LEU D 83 10.89 -37.05 -21.70
C LEU D 83 11.76 -35.81 -21.41
N MET D 84 11.14 -34.74 -20.91
CA MET D 84 11.85 -33.53 -20.40
C MET D 84 11.37 -33.19 -18.99
N TRP D 85 12.27 -32.69 -18.15
CA TRP D 85 11.85 -32.13 -16.84
C TRP D 85 11.11 -30.82 -17.11
N GLU D 86 9.94 -30.67 -16.49
CA GLU D 86 9.08 -29.47 -16.63
C GLU D 86 8.94 -28.83 -15.24
N ALA D 87 9.29 -27.55 -15.11
CA ALA D 87 9.20 -26.80 -13.84
C ALA D 87 7.76 -26.34 -13.66
N VAL D 88 7.11 -26.76 -12.58
CA VAL D 88 5.64 -26.57 -12.34
CA VAL D 88 5.65 -26.51 -12.40
C VAL D 88 5.40 -25.42 -11.35
N THR D 89 6.17 -25.40 -10.26
CA THR D 89 5.99 -24.38 -9.21
C THR D 89 7.36 -23.94 -8.70
N VAL D 90 7.37 -22.77 -8.07
CA VAL D 90 8.56 -22.32 -7.30
C VAL D 90 8.09 -21.66 -6.03
N GLN D 91 8.79 -21.96 -4.93
CA GLN D 91 8.70 -21.17 -3.68
C GLN D 91 10.05 -20.49 -3.53
N THR D 92 10.04 -19.20 -3.17
CA THR D 92 11.27 -18.38 -3.11
C THR D 92 11.12 -17.33 -2.02
N GLU D 93 12.21 -17.03 -1.33
CA GLU D 93 12.25 -15.85 -0.44
C GLU D 93 13.69 -15.42 -0.25
N VAL D 94 13.83 -14.17 0.21
CA VAL D 94 15.14 -13.57 0.50
C VAL D 94 15.51 -14.03 1.89
N ILE D 95 16.76 -14.40 2.06
CA ILE D 95 17.26 -15.07 3.30
C ILE D 95 18.12 -14.10 4.12
N GLY D 96 17.80 -13.93 5.41
CA GLY D 96 18.53 -13.08 6.36
C GLY D 96 18.01 -11.65 6.44
N ILE D 97 16.73 -11.43 6.20
CA ILE D 97 16.16 -10.04 6.22
C ILE D 97 16.30 -9.44 7.62
N THR D 98 16.23 -10.24 8.70
CA THR D 98 16.34 -9.71 10.08
C THR D 98 17.77 -9.21 10.39
N SER D 99 18.78 -9.57 9.60
CA SER D 99 20.16 -9.06 9.80
C SER D 99 20.14 -7.52 9.79
N MET D 100 19.16 -6.91 9.13
CA MET D 100 19.06 -5.44 9.08
C MET D 100 18.62 -4.84 10.43
N LEU D 101 18.29 -5.64 11.44
CA LEU D 101 17.99 -5.14 12.81
C LEU D 101 19.28 -4.91 13.63
N ASN D 102 20.44 -5.25 13.08
CA ASN D 102 21.74 -4.85 13.68
C ASN D 102 21.96 -3.38 13.36
N LEU D 103 21.60 -2.50 14.28
CA LEU D 103 21.84 -1.04 14.10
C LEU D 103 23.03 -0.57 14.95
N HIS D 104 23.80 -1.50 15.50
CA HIS D 104 24.94 -1.21 16.41
C HIS D 104 26.26 -1.23 15.65
N ALA D 105 26.33 -1.95 14.53
CA ALA D 105 27.56 -2.09 13.72
C ALA D 105 27.56 -1.14 12.52
N GLY D 106 28.59 -0.28 12.48
CA GLY D 106 29.08 0.35 11.25
C GLY D 106 28.27 1.55 10.78
N SER D 107 26.98 1.63 11.13
CA SER D 107 26.02 2.57 10.51
C SER D 107 26.03 3.91 11.24
N GLN D 108 25.88 4.99 10.48
CA GLN D 108 25.77 6.38 10.96
C GLN D 108 24.60 6.50 11.93
N LYS D 109 24.84 7.04 13.12
CA LYS D 109 23.75 7.33 14.09
C LYS D 109 22.74 8.21 13.40
N VAL D 110 21.46 7.98 13.67
CA VAL D 110 20.35 8.80 13.08
C VAL D 110 20.40 10.22 13.63
N HIS D 111 20.84 10.39 14.88
CA HIS D 111 21.02 11.72 15.51
C HIS D 111 21.94 11.52 16.70
N GLU D 112 22.33 12.59 17.41
CA GLU D 112 23.18 12.47 18.62
C GLU D 112 22.49 11.52 19.62
N HIS D 113 23.21 10.50 20.07
CA HIS D 113 22.79 9.50 21.10
C HIS D 113 21.77 8.49 20.52
N GLY D 114 21.45 8.57 19.22
CA GLY D 114 20.52 7.64 18.56
C GLY D 114 21.15 6.32 18.11
N GLY D 115 20.32 5.35 17.70
CA GLY D 115 20.81 4.11 17.09
C GLY D 115 21.31 4.33 15.69
N GLY D 116 21.94 3.31 15.11
CA GLY D 116 22.40 3.31 13.72
C GLY D 116 21.25 3.50 12.72
N LYS D 117 21.58 4.08 11.58
CA LYS D 117 20.62 4.27 10.46
C LYS D 117 20.32 2.92 9.80
N PRO D 118 19.03 2.52 9.71
CA PRO D 118 18.66 1.33 8.95
C PRO D 118 19.14 1.39 7.50
N ILE D 119 19.35 0.22 6.92
CA ILE D 119 19.45 0.07 5.44
C ILE D 119 18.14 0.55 4.82
N GLN D 120 18.24 1.37 3.78
CA GLN D 120 17.09 1.97 3.09
C GLN D 120 17.54 2.57 1.76
N GLY D 121 16.57 2.91 0.91
CA GLY D 121 16.80 3.55 -0.38
C GLY D 121 16.50 2.59 -1.48
N SER D 122 16.94 2.90 -2.68
CA SER D 122 16.62 2.16 -3.93
C SER D 122 16.82 0.65 -3.74
N ASN D 123 15.89 -0.14 -4.23
CA ASN D 123 16.01 -1.60 -4.06
C ASN D 123 15.44 -2.23 -5.32
N PHE D 124 15.85 -3.47 -5.55
CA PHE D 124 15.42 -4.26 -6.71
C PHE D 124 15.40 -5.70 -6.24
N HIS D 125 14.26 -6.36 -6.41
CA HIS D 125 14.05 -7.77 -6.03
C HIS D 125 13.51 -8.49 -7.26
N PHE D 126 14.23 -9.51 -7.69
CA PHE D 126 14.01 -10.17 -8.99
C PHE D 126 14.42 -11.62 -8.87
N PHE D 127 13.64 -12.48 -9.50
CA PHE D 127 14.02 -13.89 -9.72
C PHE D 127 13.45 -14.36 -11.05
N ALA D 128 14.08 -15.40 -11.58
CA ALA D 128 13.61 -16.09 -12.80
C ALA D 128 13.87 -17.59 -12.66
N VAL D 129 13.00 -18.37 -13.27
CA VAL D 129 13.18 -19.84 -13.32
C VAL D 129 12.89 -20.25 -14.75
N GLY D 130 13.82 -20.94 -15.39
CA GLY D 130 13.67 -21.26 -16.82
C GLY D 130 14.37 -22.55 -17.21
N GLY D 131 14.05 -23.04 -18.41
CA GLY D 131 14.75 -24.20 -19.01
C GLY D 131 15.79 -23.76 -20.02
N ASP D 132 15.99 -22.45 -20.16
CA ASP D 132 17.05 -21.84 -21.00
C ASP D 132 17.63 -20.69 -20.19
N PRO D 133 18.84 -20.22 -20.51
CA PRO D 133 19.40 -19.05 -19.84
C PRO D 133 18.40 -17.88 -19.93
N LEU D 134 18.29 -17.09 -18.86
CA LEU D 134 17.46 -15.85 -18.89
C LEU D 134 17.99 -14.96 -20.01
N GLU D 135 17.09 -14.43 -20.82
CA GLU D 135 17.47 -13.50 -21.91
C GLU D 135 17.28 -12.07 -21.43
N MET D 136 18.25 -11.21 -21.75
CA MET D 136 18.31 -9.85 -21.20
C MET D 136 18.46 -8.83 -22.34
N GLN D 137 17.94 -7.64 -22.07
CA GLN D 137 17.99 -6.44 -22.93
C GLN D 137 18.78 -5.38 -22.17
N GLY D 138 19.75 -4.77 -22.83
CA GLY D 138 20.59 -3.71 -22.25
C GLY D 138 19.89 -2.36 -22.35
N VAL D 139 19.93 -1.61 -21.26
CA VAL D 139 19.57 -0.16 -21.20
C VAL D 139 20.50 0.51 -20.21
N LEU D 140 21.05 1.68 -20.55
CA LEU D 140 22.02 2.39 -19.71
C LEU D 140 21.43 3.74 -19.30
N MET D 141 21.76 4.20 -18.09
CA MET D 141 21.52 5.60 -17.67
C MET D 141 22.30 6.52 -18.62
N ASN D 142 23.54 6.12 -18.93
CA ASN D 142 24.55 6.97 -19.59
C ASN D 142 25.32 6.10 -20.56
N TYR D 143 25.07 6.20 -21.88
CA TYR D 143 25.69 5.33 -22.91
C TYR D 143 27.24 5.47 -22.85
N ARG D 144 27.75 6.60 -22.36
CA ARG D 144 29.21 6.92 -22.39
C ARG D 144 29.88 6.34 -21.14
N THR D 145 29.14 5.61 -20.27
CA THR D 145 29.79 5.01 -19.08
C THR D 145 30.90 4.07 -19.59
N LYS D 146 32.07 4.12 -18.95
CA LYS D 146 33.19 3.18 -19.20
C LYS D 146 33.14 2.13 -18.10
N TYR D 147 32.72 0.92 -18.44
CA TYR D 147 32.49 -0.16 -17.45
C TYR D 147 33.79 -0.94 -17.30
N PRO D 148 34.06 -1.46 -16.09
CA PRO D 148 35.35 -2.06 -15.80
C PRO D 148 35.52 -3.50 -16.30
N ASP D 149 36.78 -3.86 -16.53
CA ASP D 149 37.22 -5.25 -16.78
C ASP D 149 36.51 -6.17 -15.78
N GLY D 150 35.93 -7.25 -16.28
CA GLY D 150 35.25 -8.28 -15.47
C GLY D 150 33.73 -8.15 -15.52
N THR D 151 33.21 -7.03 -16.04
CA THR D 151 31.75 -6.87 -16.34
C THR D 151 31.48 -7.17 -17.81
N ILE D 152 30.26 -7.63 -18.12
CA ILE D 152 29.70 -7.74 -19.49
C ILE D 152 28.54 -6.74 -19.59
N THR D 153 28.73 -5.73 -20.45
CA THR D 153 27.84 -4.57 -20.61
C THR D 153 27.58 -4.37 -22.10
N PRO D 154 26.54 -3.59 -22.47
CA PRO D 154 26.19 -3.39 -23.88
C PRO D 154 27.38 -2.94 -24.76
N LYS D 155 27.57 -3.65 -25.88
CA LYS D 155 28.68 -3.49 -26.86
C LYS D 155 28.32 -2.34 -27.81
N ASN D 156 29.27 -1.42 -27.99
CA ASN D 156 29.16 -0.24 -28.91
C ASN D 156 27.84 0.48 -28.63
N PRO D 157 27.64 0.96 -27.39
CA PRO D 157 26.40 1.65 -27.05
C PRO D 157 26.32 2.98 -27.82
N THR D 158 25.11 3.46 -28.06
CA THR D 158 24.84 4.79 -28.64
C THR D 158 23.88 5.53 -27.72
N ALA D 159 23.61 6.80 -28.00
CA ALA D 159 22.61 7.60 -27.25
C ALA D 159 21.28 6.83 -27.20
N GLN D 160 20.93 6.09 -28.27
CA GLN D 160 19.71 5.25 -28.35
C GLN D 160 19.75 4.11 -27.31
N SER D 161 20.92 3.71 -26.82
CA SER D 161 21.09 2.70 -25.74
C SER D 161 20.54 3.23 -24.39
N GLN D 162 20.25 4.54 -24.25
CA GLN D 162 19.64 5.14 -23.03
C GLN D 162 18.11 4.93 -23.07
N VAL D 163 17.57 4.61 -24.24
CA VAL D 163 16.15 4.20 -24.43
C VAL D 163 16.17 2.74 -24.89
N MET D 164 15.64 2.37 -26.06
CA MET D 164 15.70 0.98 -26.55
C MET D 164 16.61 0.86 -27.78
N ASN D 165 17.71 0.09 -27.64
CA ASN D 165 18.63 -0.30 -28.74
C ASN D 165 18.61 -1.83 -28.86
N THR D 166 17.93 -2.38 -29.86
CA THR D 166 17.66 -3.83 -30.01
C THR D 166 18.96 -4.61 -30.24
N ASP D 167 20.08 -3.93 -30.48
CA ASP D 167 21.40 -4.59 -30.52
C ASP D 167 21.75 -5.25 -29.17
N HIS D 168 21.31 -4.71 -28.04
CA HIS D 168 21.84 -5.14 -26.72
C HIS D 168 21.07 -6.35 -26.21
N LYS D 169 21.28 -7.52 -26.82
CA LYS D 169 20.67 -8.81 -26.39
C LYS D 169 21.78 -9.66 -25.75
N ALA D 170 21.53 -10.27 -24.59
CA ALA D 170 22.49 -11.20 -23.96
C ALA D 170 21.71 -12.32 -23.28
N TYR D 171 22.40 -13.43 -23.06
CA TYR D 171 21.99 -14.48 -22.12
C TYR D 171 22.65 -14.15 -20.78
N LEU D 172 21.91 -14.27 -19.68
CA LEU D 172 22.55 -14.27 -18.33
C LEU D 172 23.28 -15.60 -18.20
N ASP D 173 24.53 -15.63 -18.70
CA ASP D 173 25.32 -16.87 -18.96
C ASP D 173 26.60 -16.82 -18.14
N LYS D 174 26.69 -15.90 -17.17
CA LYS D 174 27.87 -15.80 -16.28
C LYS D 174 27.46 -15.17 -14.96
N ASN D 175 27.79 -15.83 -13.86
CA ASN D 175 27.54 -15.33 -12.48
C ASN D 175 28.47 -14.16 -12.19
N ASN D 176 27.97 -13.14 -11.47
CA ASN D 176 28.78 -12.00 -10.98
C ASN D 176 29.47 -11.30 -12.17
N ALA D 177 28.77 -11.02 -13.28
CA ALA D 177 29.37 -10.39 -14.49
C ALA D 177 28.46 -9.32 -15.13
N TYR D 178 27.15 -9.54 -15.14
CA TYR D 178 26.17 -8.64 -15.79
C TYR D 178 25.65 -7.63 -14.76
N PRO D 179 26.09 -6.35 -14.82
CA PRO D 179 25.67 -5.39 -13.80
C PRO D 179 24.15 -5.18 -13.87
N VAL D 180 23.51 -5.13 -12.70
CA VAL D 180 22.05 -4.92 -12.64
C VAL D 180 21.72 -3.61 -13.36
N GLU D 181 22.53 -2.56 -13.20
CA GLU D 181 22.23 -1.21 -13.77
C GLU D 181 22.24 -1.22 -15.29
N CYS D 182 22.72 -2.28 -15.96
CA CYS D 182 22.87 -2.31 -17.44
C CYS D 182 21.82 -3.17 -18.13
N TRP D 183 21.19 -4.07 -17.40
CA TRP D 183 20.41 -5.18 -18.00
C TRP D 183 19.07 -5.35 -17.31
N VAL D 184 18.05 -5.68 -18.10
CA VAL D 184 16.75 -6.13 -17.58
C VAL D 184 16.37 -7.40 -18.30
N PRO D 185 15.44 -8.20 -17.73
CA PRO D 185 14.87 -9.33 -18.45
C PRO D 185 14.19 -8.79 -19.71
N ASP D 186 14.23 -9.57 -20.81
CA ASP D 186 13.75 -9.13 -22.14
C ASP D 186 12.35 -9.70 -22.38
N PRO D 187 11.27 -8.87 -22.34
CA PRO D 187 9.90 -9.38 -22.47
C PRO D 187 9.62 -9.86 -23.90
N SER D 188 10.47 -9.51 -24.88
CA SER D 188 10.30 -9.95 -26.31
C SER D 188 10.83 -11.37 -26.53
N ARG D 189 11.58 -11.93 -25.56
CA ARG D 189 12.07 -13.33 -25.64
C ARG D 189 11.62 -14.08 -24.39
N ASN D 190 12.46 -14.95 -23.82
CA ASN D 190 12.12 -15.70 -22.59
C ASN D 190 10.80 -16.50 -22.75
N GLU D 191 10.63 -17.21 -23.85
CA GLU D 191 9.45 -18.11 -24.06
C GLU D 191 9.50 -19.25 -23.06
N ASN D 192 10.69 -19.66 -22.64
CA ASN D 192 10.92 -20.86 -21.80
C ASN D 192 11.41 -20.46 -20.40
N THR D 193 11.17 -19.21 -19.97
CA THR D 193 11.52 -18.70 -18.61
C THR D 193 10.33 -17.91 -18.05
N ARG D 194 10.11 -17.96 -16.73
CA ARG D 194 9.17 -17.06 -16.02
C ARG D 194 10.02 -16.14 -15.14
N TYR D 195 9.88 -14.83 -15.30
CA TYR D 195 10.63 -13.84 -14.46
C TYR D 195 9.67 -12.86 -13.79
N PHE D 196 10.09 -12.31 -12.65
CA PHE D 196 9.32 -11.42 -11.75
C PHE D 196 10.31 -10.45 -11.10
N GLY D 197 10.11 -9.16 -11.30
CA GLY D 197 10.92 -8.15 -10.58
C GLY D 197 10.15 -6.90 -10.21
N THR D 198 10.58 -6.25 -9.13
CA THR D 198 10.05 -4.95 -8.66
C THR D 198 11.24 -4.06 -8.34
N PHE D 199 11.24 -2.89 -8.95
CA PHE D 199 12.17 -1.81 -8.65
C PHE D 199 11.43 -0.75 -7.86
N THR D 200 12.02 -0.32 -6.76
CA THR D 200 11.54 0.79 -5.90
C THR D 200 12.70 1.77 -5.74
N GLY D 201 12.57 2.97 -6.30
CA GLY D 201 13.64 3.97 -6.32
C GLY D 201 13.42 5.05 -5.29
N GLY D 202 14.48 5.53 -4.64
CA GLY D 202 14.36 6.72 -3.79
C GLY D 202 15.28 6.65 -2.60
N GLU D 203 15.73 7.80 -2.13
CA GLU D 203 16.74 7.91 -1.07
C GLU D 203 16.27 7.25 0.23
N ASN D 204 14.99 7.38 0.58
CA ASN D 204 14.48 6.93 1.92
C ASN D 204 13.48 5.77 1.81
N VAL D 205 13.36 5.13 0.64
CA VAL D 205 12.49 3.92 0.42
C VAL D 205 12.76 2.90 1.52
N PRO D 206 11.74 2.48 2.30
CA PRO D 206 11.87 1.41 3.28
C PRO D 206 11.87 0.04 2.62
N PRO D 207 12.83 -0.85 2.93
CA PRO D 207 12.73 -2.23 2.47
C PRO D 207 11.51 -2.90 3.12
N VAL D 208 10.72 -3.63 2.31
CA VAL D 208 9.54 -4.39 2.78
C VAL D 208 9.70 -5.81 2.25
N LEU D 209 9.98 -6.78 3.10
CA LEU D 209 10.30 -8.17 2.67
C LEU D 209 9.47 -9.15 3.50
N HIS D 210 8.81 -10.06 2.80
CA HIS D 210 7.92 -11.08 3.40
C HIS D 210 8.61 -12.43 3.32
N VAL D 211 8.44 -13.25 4.35
CA VAL D 211 8.89 -14.67 4.38
C VAL D 211 7.69 -15.53 4.82
N THR D 212 7.51 -16.65 4.14
CA THR D 212 6.56 -17.71 4.52
C THR D 212 6.87 -18.95 3.71
N ASN D 213 6.69 -20.13 4.31
CA ASN D 213 6.87 -21.41 3.59
C ASN D 213 5.52 -21.84 3.01
N THR D 214 4.48 -20.99 3.04
CA THR D 214 3.12 -21.36 2.57
C THR D 214 2.80 -20.77 1.18
N ALA D 215 3.71 -20.01 0.55
CA ALA D 215 3.42 -19.30 -0.71
C ALA D 215 4.11 -20.00 -1.89
N THR D 216 3.37 -20.26 -2.97
CA THR D 216 3.88 -20.99 -4.13
C THR D 216 3.53 -20.22 -5.39
N THR D 217 4.50 -20.00 -6.29
CA THR D 217 4.24 -19.41 -7.63
C THR D 217 4.12 -20.55 -8.65
N VAL D 218 3.01 -20.61 -9.38
CA VAL D 218 2.80 -21.61 -10.46
C VAL D 218 3.51 -21.12 -11.72
N LEU D 219 4.26 -21.99 -12.38
CA LEU D 219 5.14 -21.62 -13.53
C LEU D 219 4.52 -22.03 -14.87
N LEU D 220 3.32 -22.62 -14.83
CA LEU D 220 2.57 -23.06 -16.04
C LEU D 220 2.12 -21.83 -16.83
N ASP D 221 2.25 -21.87 -18.16
CA ASP D 221 1.68 -20.84 -19.06
C ASP D 221 0.17 -21.09 -19.25
N GLU D 222 -0.45 -20.32 -20.14
CA GLU D 222 -1.89 -20.38 -20.48
C GLU D 222 -2.27 -21.79 -20.98
N GLN D 223 -1.34 -22.50 -21.63
CA GLN D 223 -1.57 -23.88 -22.15
C GLN D 223 -1.30 -24.93 -21.06
N GLY D 224 -1.01 -24.52 -19.82
CA GLY D 224 -0.69 -25.50 -18.75
C GLY D 224 0.70 -26.11 -18.88
N VAL D 225 1.64 -25.44 -19.54
CA VAL D 225 3.04 -25.94 -19.77
C VAL D 225 4.05 -25.07 -19.01
N GLY D 226 4.85 -25.72 -18.16
CA GLY D 226 5.98 -25.09 -17.44
C GLY D 226 7.21 -24.94 -18.33
N PRO D 227 8.21 -24.14 -17.90
CA PRO D 227 9.53 -24.19 -18.51
C PRO D 227 9.99 -25.64 -18.70
N LEU D 228 10.52 -25.95 -19.90
CA LEU D 228 11.02 -27.31 -20.25
C LEU D 228 12.54 -27.27 -20.24
N CYS D 229 13.16 -28.13 -19.44
CA CYS D 229 14.63 -28.09 -19.20
C CYS D 229 15.40 -28.73 -20.34
N LYS D 230 15.84 -27.84 -21.24
CA LYS D 230 16.66 -28.09 -22.45
C LYS D 230 17.98 -28.67 -21.95
N ALA D 231 18.34 -29.82 -22.49
CA ALA D 231 19.62 -30.50 -22.16
C ALA D 231 19.69 -30.69 -20.65
N ASP D 232 18.54 -31.00 -20.04
CA ASP D 232 18.43 -31.43 -18.61
C ASP D 232 19.02 -30.33 -17.71
N SER D 233 18.75 -29.07 -18.03
CA SER D 233 19.36 -27.90 -17.36
C SER D 233 18.24 -27.02 -16.80
N LEU D 234 18.28 -26.74 -15.50
CA LEU D 234 17.33 -25.79 -14.85
C LEU D 234 18.13 -24.55 -14.48
N TYR D 235 17.60 -23.39 -14.84
CA TYR D 235 18.28 -22.10 -14.63
C TYR D 235 17.54 -21.28 -13.57
N VAL D 236 18.30 -20.83 -12.57
CA VAL D 236 17.82 -19.92 -11.50
C VAL D 236 18.64 -18.62 -11.61
N SER D 237 17.93 -17.48 -11.57
CA SER D 237 18.52 -16.12 -11.63
C SER D 237 17.91 -15.25 -10.55
N ALA D 238 18.67 -14.31 -10.02
CA ALA D 238 18.18 -13.40 -8.95
C ALA D 238 19.00 -12.11 -8.91
N ALA D 239 18.36 -11.07 -8.43
CA ALA D 239 18.97 -9.81 -7.96
C ALA D 239 18.15 -9.34 -6.77
N ASP D 240 18.78 -9.18 -5.62
CA ASP D 240 18.13 -8.76 -4.35
C ASP D 240 18.99 -7.68 -3.72
N ILE D 241 19.00 -6.49 -4.33
CA ILE D 241 19.56 -5.24 -3.74
C ILE D 241 18.58 -4.73 -2.70
N CYS D 242 18.90 -4.80 -1.42
CA CYS D 242 17.95 -4.48 -0.33
C CYS D 242 17.85 -2.98 -0.08
N GLY D 243 18.86 -2.21 -0.50
CA GLY D 243 19.01 -0.79 -0.21
C GLY D 243 20.46 -0.42 0.02
N LEU D 244 20.68 0.78 0.57
CA LEU D 244 22.01 1.34 0.91
C LEU D 244 22.23 1.30 2.40
N PHE D 245 23.38 0.76 2.80
CA PHE D 245 23.97 0.82 4.16
C PHE D 245 24.76 2.15 4.22
N THR D 246 24.49 3.00 5.20
CA THR D 246 25.20 4.30 5.37
C THR D 246 26.18 4.16 6.53
N ASN D 247 27.48 4.19 6.20
CA ASN D 247 28.61 4.18 7.17
C ASN D 247 28.57 5.45 8.03
N SER D 248 29.21 5.40 9.18
CA SER D 248 29.34 6.56 10.11
C SER D 248 29.98 7.76 9.38
N SER D 249 30.85 7.52 8.40
CA SER D 249 31.50 8.55 7.54
C SER D 249 30.45 9.25 6.66
N GLY D 250 29.36 8.57 6.35
CA GLY D 250 28.36 9.05 5.38
C GLY D 250 28.49 8.33 4.06
N THR D 251 29.55 7.55 3.85
CA THR D 251 29.68 6.75 2.62
C THR D 251 28.60 5.65 2.61
N GLN D 252 28.18 5.24 1.43
CA GLN D 252 27.03 4.31 1.25
C GLN D 252 27.49 3.10 0.44
N GLN D 253 26.98 1.92 0.81
CA GLN D 253 27.26 0.66 0.10
C GLN D 253 25.93 -0.07 -0.12
N TRP D 254 25.77 -0.67 -1.29
CA TRP D 254 24.67 -1.62 -1.57
C TRP D 254 24.78 -2.79 -0.60
N ARG D 255 23.64 -3.20 -0.06
CA ARG D 255 23.54 -4.46 0.72
C ARG D 255 22.63 -5.43 -0.04
N GLY D 256 23.07 -6.67 -0.21
CA GLY D 256 22.27 -7.72 -0.87
C GLY D 256 22.14 -8.92 0.03
N LEU D 257 21.14 -9.75 -0.24
CA LEU D 257 20.90 -11.01 0.49
C LEU D 257 20.71 -12.17 -0.50
N ALA D 258 21.08 -13.38 -0.07
CA ALA D 258 20.84 -14.62 -0.81
C ALA D 258 19.34 -14.82 -1.04
N ARG D 259 19.02 -15.55 -2.10
CA ARG D 259 17.63 -15.98 -2.40
C ARG D 259 17.54 -17.52 -2.40
N TYR D 260 16.58 -18.04 -1.67
CA TYR D 260 16.23 -19.47 -1.66
C TYR D 260 15.25 -19.76 -2.81
N PHE D 261 15.43 -20.93 -3.43
CA PHE D 261 14.50 -21.51 -4.42
C PHE D 261 14.20 -22.96 -4.04
N LYS D 262 12.93 -23.31 -4.09
CA LYS D 262 12.46 -24.72 -4.11
C LYS D 262 11.56 -24.89 -5.34
N ILE D 263 12.03 -25.64 -6.32
CA ILE D 263 11.38 -25.78 -7.64
C ILE D 263 10.87 -27.22 -7.74
N ARG D 264 9.60 -27.39 -8.10
CA ARG D 264 8.98 -28.73 -8.25
C ARG D 264 8.94 -29.02 -9.75
N LEU D 265 9.46 -30.17 -10.18
CA LEU D 265 9.48 -30.57 -11.63
C LEU D 265 8.76 -31.91 -11.82
N ARG D 266 8.12 -32.10 -12.97
CA ARG D 266 7.52 -33.39 -13.37
C ARG D 266 8.11 -33.73 -14.74
N LYS D 267 7.85 -34.94 -15.24
CA LYS D 267 8.33 -35.43 -16.55
C LYS D 267 7.25 -35.19 -17.60
N ARG D 268 7.58 -34.46 -18.65
CA ARG D 268 6.64 -34.21 -19.77
C ARG D 268 7.16 -35.00 -20.98
N SER D 269 6.31 -35.79 -21.65
CA SER D 269 6.68 -36.48 -22.91
C SER D 269 6.58 -35.46 -24.05
N VAL D 270 7.59 -35.36 -24.89
CA VAL D 270 7.59 -34.41 -26.04
C VAL D 270 7.95 -35.23 -27.29
N LYS D 271 7.44 -34.81 -28.45
CA LYS D 271 7.80 -35.35 -29.81
C LYS D 271 9.31 -35.21 -30.03
N ASN D 272 9.97 -36.27 -30.51
CA ASN D 272 11.44 -36.31 -30.77
C ASN D 272 11.70 -35.52 -32.07
N PRO D 273 12.34 -34.33 -32.01
CA PRO D 273 12.68 -33.57 -33.22
C PRO D 273 14.06 -33.87 -33.83
N VAL E 7 6.13 -40.29 8.76
CA VAL E 7 4.71 -40.51 9.21
C VAL E 7 3.83 -40.71 7.96
N GLU E 8 3.16 -41.85 7.82
CA GLU E 8 2.15 -42.05 6.75
C GLU E 8 0.81 -41.54 7.30
N VAL E 9 0.28 -40.49 6.67
CA VAL E 9 -0.91 -39.77 7.20
C VAL E 9 -2.15 -40.45 6.63
N LEU E 10 -3.08 -40.87 7.48
CA LEU E 10 -4.38 -41.47 7.06
C LEU E 10 -5.49 -40.43 7.23
N GLU E 11 -6.70 -40.87 7.58
CA GLU E 11 -7.90 -39.98 7.57
C GLU E 11 -7.97 -39.18 8.88
N VAL E 12 -8.76 -38.12 8.85
CA VAL E 12 -9.19 -37.36 10.06
C VAL E 12 -10.16 -38.25 10.85
N LYS E 13 -9.96 -38.38 12.16
CA LYS E 13 -10.88 -39.15 13.07
C LYS E 13 -12.06 -38.26 13.44
N THR E 14 -13.30 -38.53 12.97
CA THR E 14 -14.46 -37.57 13.05
C THR E 14 -15.25 -37.67 14.38
N ILE E 19 -12.13 -32.30 17.84
CA ILE E 19 -11.76 -30.86 17.61
C ILE E 19 -11.64 -30.12 18.95
N THR E 20 -10.43 -29.78 19.38
CA THR E 20 -10.16 -28.91 20.55
C THR E 20 -9.48 -27.59 20.12
N GLU E 21 -9.52 -26.59 20.97
CA GLU E 21 -8.76 -25.34 20.78
C GLU E 21 -7.77 -25.17 21.93
N VAL E 22 -6.56 -24.72 21.64
CA VAL E 22 -5.60 -24.23 22.68
C VAL E 22 -5.24 -22.77 22.39
N GLU E 23 -4.87 -22.04 23.43
CA GLU E 23 -4.51 -20.60 23.28
C GLU E 23 -3.32 -20.26 24.17
N CYS E 24 -2.61 -19.20 23.81
CA CYS E 24 -1.37 -18.73 24.47
CA CYS E 24 -1.56 -18.64 24.68
C CYS E 24 -1.23 -17.22 24.23
N PHE E 25 -0.85 -16.45 25.21
CA PHE E 25 -0.34 -15.07 25.02
C PHE E 25 1.16 -15.21 25.19
N LEU E 26 1.95 -15.04 24.13
CA LEU E 26 3.43 -15.16 24.15
C LEU E 26 4.05 -13.77 24.35
N ASN E 27 4.72 -13.57 25.48
CA ASN E 27 5.38 -12.29 25.79
C ASN E 27 6.56 -12.04 24.85
N PRO E 28 6.83 -10.77 24.48
CA PRO E 28 7.97 -10.45 23.64
C PRO E 28 9.24 -10.44 24.51
N GLU E 29 10.40 -10.60 23.88
CA GLU E 29 11.74 -10.70 24.52
C GLU E 29 12.66 -9.66 23.87
N MET E 30 12.45 -8.39 24.22
CA MET E 30 13.11 -7.20 23.63
C MET E 30 14.43 -6.89 24.33
N GLY E 31 14.73 -7.51 25.47
CA GLY E 31 16.01 -7.38 26.21
C GLY E 31 15.76 -7.01 27.66
N ASP E 32 14.74 -6.19 27.94
CA ASP E 32 14.20 -5.91 29.30
C ASP E 32 15.31 -5.33 30.20
N PRO E 33 15.83 -4.11 29.93
CA PRO E 33 17.07 -3.63 30.58
C PRO E 33 16.98 -3.39 32.10
N ASP E 34 15.80 -3.12 32.65
CA ASP E 34 15.61 -3.10 34.13
C ASP E 34 14.18 -3.57 34.43
N GLU E 35 13.85 -3.68 35.71
CA GLU E 35 12.56 -4.24 36.21
C GLU E 35 11.36 -3.40 35.74
N ASN E 36 11.56 -2.13 35.42
CA ASN E 36 10.49 -1.23 34.95
C ASN E 36 10.36 -1.17 33.42
N LEU E 37 11.35 -1.65 32.66
CA LEU E 37 11.37 -1.45 31.19
C LEU E 37 11.14 -2.79 30.47
N ARG E 38 10.29 -3.63 31.07
CA ARG E 38 9.73 -4.87 30.48
C ARG E 38 9.08 -4.49 29.14
N GLY E 39 9.48 -5.15 28.05
CA GLY E 39 8.95 -4.90 26.70
C GLY E 39 9.79 -3.94 25.89
N PHE E 40 10.86 -3.37 26.48
CA PHE E 40 11.79 -2.44 25.81
C PHE E 40 13.16 -3.12 25.75
N SER E 41 14.00 -2.72 24.81
CA SER E 41 15.45 -3.06 24.80
C SER E 41 16.21 -2.01 25.61
N LEU E 42 17.47 -2.33 25.91
CA LEU E 42 18.51 -1.36 26.32
C LEU E 42 18.63 -0.31 25.21
N LYS E 43 19.01 0.92 25.59
CA LYS E 43 19.39 2.01 24.67
C LYS E 43 20.29 1.40 23.58
N LEU E 44 20.06 1.80 22.33
CA LEU E 44 20.85 1.32 21.17
CA LEU E 44 20.84 1.34 21.15
C LEU E 44 22.16 2.10 21.10
N SER E 45 23.25 1.37 20.97
CA SER E 45 24.60 1.88 20.62
C SER E 45 24.63 2.12 19.10
N ALA E 46 25.59 2.93 18.63
CA ALA E 46 25.75 3.22 17.20
C ALA E 46 27.21 3.39 16.82
N GLU E 47 27.50 3.06 15.59
CA GLU E 47 28.76 3.37 14.86
C GLU E 47 29.91 2.50 15.36
N ASN E 48 29.66 1.34 15.98
CA ASN E 48 30.76 0.39 16.33
C ASN E 48 31.42 -0.05 15.02
N ASP E 49 32.75 0.02 14.93
CA ASP E 49 33.48 -0.63 13.83
C ASP E 49 33.08 -2.11 13.80
N PHE E 50 33.01 -2.71 12.61
CA PHE E 50 32.76 -4.17 12.45
C PHE E 50 33.78 -5.00 13.23
N SER E 51 35.02 -4.51 13.35
CA SER E 51 36.11 -5.25 14.06
C SER E 51 35.99 -5.11 15.58
N SER E 52 35.11 -4.27 16.11
CA SER E 52 34.90 -4.14 17.58
C SER E 52 33.42 -3.87 17.86
N ASP E 53 32.59 -4.88 17.59
CA ASP E 53 31.10 -4.82 17.70
C ASP E 53 30.67 -5.83 18.78
N SER E 54 30.52 -5.39 20.03
CA SER E 54 30.19 -6.23 21.21
C SER E 54 28.87 -5.81 21.82
N PRO E 55 27.71 -6.11 21.18
CA PRO E 55 26.41 -5.72 21.72
C PRO E 55 26.18 -6.34 23.09
N GLU E 56 25.61 -5.57 24.03
CA GLU E 56 25.18 -6.14 25.35
C GLU E 56 23.92 -6.97 25.16
N ARG E 57 23.74 -7.97 26.01
CA ARG E 57 22.59 -8.91 25.95
CA ARG E 57 22.60 -8.90 25.93
C ARG E 57 21.28 -8.12 25.91
N LYS E 58 21.13 -7.14 26.80
CA LYS E 58 19.83 -6.47 27.03
C LYS E 58 19.43 -5.54 25.86
N MET E 59 20.33 -5.34 24.90
CA MET E 59 20.10 -4.50 23.71
C MET E 59 19.48 -5.32 22.56
N LEU E 60 19.55 -6.66 22.61
CA LEU E 60 19.26 -7.56 21.47
C LEU E 60 17.89 -8.22 21.66
N PRO E 61 16.86 -7.82 20.90
CA PRO E 61 15.61 -8.58 20.94
C PRO E 61 15.88 -10.01 20.47
N CYS E 62 15.17 -10.95 21.08
CA CYS E 62 15.23 -12.40 20.79
C CYS E 62 13.86 -12.92 20.35
N TYR E 63 13.87 -14.04 19.62
CA TYR E 63 12.63 -14.78 19.28
C TYR E 63 12.00 -15.32 20.58
N SER E 64 10.68 -15.23 20.66
CA SER E 64 9.86 -15.83 21.74
CA SER E 64 9.92 -15.86 21.76
C SER E 64 9.36 -17.19 21.27
N THR E 65 9.24 -18.15 22.19
CA THR E 65 8.68 -19.47 21.84
C THR E 65 8.04 -20.09 23.08
N ALA E 66 6.97 -20.85 22.92
CA ALA E 66 6.38 -21.68 24.00
C ALA E 66 5.96 -23.02 23.42
N ARG E 67 6.05 -24.04 24.27
CA ARG E 67 5.63 -25.44 23.99
C ARG E 67 4.31 -25.65 24.70
N ILE E 68 3.25 -26.02 23.97
CA ILE E 68 1.91 -26.34 24.54
C ILE E 68 1.81 -27.86 24.54
N PRO E 69 1.79 -28.49 25.72
CA PRO E 69 1.69 -29.95 25.82
C PRO E 69 0.24 -30.41 25.60
N LEU E 70 0.07 -31.57 24.98
CA LEU E 70 -1.26 -32.14 24.67
C LEU E 70 -1.26 -33.57 25.21
N PRO E 71 -2.45 -34.09 25.61
CA PRO E 71 -2.56 -35.50 26.02
C PRO E 71 -2.30 -36.43 24.84
N ASN E 72 -1.59 -37.52 25.08
CA ASN E 72 -1.45 -38.66 24.14
C ASN E 72 -2.83 -39.22 23.83
N LEU E 73 -3.04 -39.69 22.61
CA LEU E 73 -4.40 -40.11 22.12
C LEU E 73 -4.48 -41.62 21.99
N ASN E 74 -3.38 -42.32 22.23
CA ASN E 74 -3.28 -43.77 21.92
C ASN E 74 -3.60 -44.56 23.19
N GLU E 75 -4.86 -45.03 23.32
CA GLU E 75 -5.31 -45.95 24.42
C GLU E 75 -4.35 -47.14 24.49
N ASP E 76 -3.83 -47.59 23.33
CA ASP E 76 -2.96 -48.78 23.16
C ASP E 76 -2.01 -48.52 21.98
N LEU E 77 -0.69 -48.63 22.18
CA LEU E 77 0.34 -48.45 21.12
C LEU E 77 0.49 -49.77 20.37
N GLY E 80 -1.80 -50.77 14.76
CA GLY E 80 -1.19 -50.37 13.49
C GLY E 80 -1.48 -48.90 13.14
N ASN E 81 -2.63 -48.38 13.54
CA ASN E 81 -3.03 -46.96 13.36
C ASN E 81 -2.89 -46.24 14.70
N LEU E 82 -2.10 -45.17 14.74
CA LEU E 82 -2.05 -44.25 15.92
C LEU E 82 -2.88 -42.99 15.63
N LEU E 83 -3.12 -42.20 16.67
CA LEU E 83 -3.72 -40.85 16.56
C LEU E 83 -2.72 -39.79 17.00
N MET E 84 -2.64 -38.69 16.24
CA MET E 84 -1.86 -37.47 16.57
C MET E 84 -2.79 -36.25 16.46
N TRP E 85 -2.52 -35.26 17.29
CA TRP E 85 -3.17 -33.94 17.17
C TRP E 85 -2.63 -33.23 15.92
N GLU E 86 -3.51 -32.54 15.20
CA GLU E 86 -3.18 -31.85 13.94
C GLU E 86 -3.65 -30.42 14.08
N ALA E 87 -2.76 -29.47 13.82
CA ALA E 87 -3.14 -28.04 13.83
C ALA E 87 -3.78 -27.66 12.49
N VAL E 88 -4.99 -27.14 12.48
CA VAL E 88 -5.81 -26.82 11.28
CA VAL E 88 -5.70 -26.83 11.20
C VAL E 88 -5.75 -25.31 10.99
N THR E 89 -6.00 -24.51 12.01
CA THR E 89 -6.08 -23.05 11.82
C THR E 89 -5.44 -22.35 13.01
N VAL E 90 -5.05 -21.09 12.80
CA VAL E 90 -4.61 -20.22 13.93
C VAL E 90 -5.22 -18.83 13.74
N GLN E 91 -5.71 -18.24 14.83
CA GLN E 91 -6.04 -16.81 14.95
C GLN E 91 -4.94 -16.18 15.78
N THR E 92 -4.32 -15.11 15.28
CA THR E 92 -3.17 -14.51 15.97
C THR E 92 -3.33 -13.00 15.85
N GLU E 93 -2.85 -12.28 16.85
CA GLU E 93 -2.99 -10.82 16.91
C GLU E 93 -1.89 -10.28 17.82
N VAL E 94 -1.37 -9.11 17.47
CA VAL E 94 -0.42 -8.36 18.35
C VAL E 94 -1.26 -7.63 19.40
N ILE E 95 -0.86 -7.73 20.67
CA ILE E 95 -1.66 -7.27 21.83
C ILE E 95 -1.07 -5.97 22.42
N GLY E 96 -1.85 -4.89 22.43
CA GLY E 96 -1.51 -3.60 23.07
C GLY E 96 -1.14 -2.53 22.06
N ILE E 97 -1.61 -2.60 20.82
CA ILE E 97 -1.14 -1.65 19.77
C ILE E 97 -1.52 -0.20 20.13
N THR E 98 -2.64 0.03 20.83
CA THR E 98 -3.10 1.39 21.24
C THR E 98 -2.16 2.00 22.29
N SER E 99 -1.28 1.23 22.93
CA SER E 99 -0.37 1.76 23.97
C SER E 99 0.57 2.80 23.34
N MET E 100 0.78 2.72 22.04
CA MET E 100 1.62 3.70 21.32
C MET E 100 0.89 5.04 21.19
N LEU E 101 -0.34 5.17 21.69
CA LEU E 101 -1.06 6.46 21.74
C LEU E 101 -0.69 7.24 23.02
N ASN E 102 0.13 6.67 23.90
CA ASN E 102 0.74 7.41 25.02
C ASN E 102 1.93 8.20 24.44
N LEU E 103 1.72 9.47 24.10
CA LEU E 103 2.79 10.39 23.65
C LEU E 103 3.17 11.39 24.78
N HIS E 104 2.78 11.12 26.03
CA HIS E 104 3.09 12.00 27.20
C HIS E 104 4.28 11.47 28.01
N ALA E 105 4.56 10.17 27.95
CA ALA E 105 5.57 9.48 28.80
C ALA E 105 6.87 9.30 27.99
N GLY E 106 7.97 9.89 28.44
CA GLY E 106 9.35 9.49 28.11
C GLY E 106 9.85 9.92 26.72
N SER E 107 8.96 10.04 25.73
CA SER E 107 9.33 10.27 24.32
C SER E 107 9.74 11.73 24.11
N GLN E 108 10.74 11.95 23.25
CA GLN E 108 11.19 13.31 22.84
C GLN E 108 10.05 14.08 22.19
N LYS E 109 9.87 15.34 22.56
CA LYS E 109 8.91 16.23 21.86
C LYS E 109 9.29 16.26 20.38
N VAL E 110 8.31 16.26 19.48
CA VAL E 110 8.47 16.37 18.00
C VAL E 110 8.97 17.78 17.63
N HIS E 111 8.63 18.79 18.43
CA HIS E 111 9.10 20.19 18.30
C HIS E 111 8.78 20.92 19.61
N GLU E 112 9.27 22.14 19.78
CA GLU E 112 8.94 22.93 21.00
C GLU E 112 7.41 23.04 21.14
N HIS E 113 6.90 22.71 22.33
CA HIS E 113 5.47 22.79 22.75
C HIS E 113 4.64 21.66 22.15
N GLY E 114 5.25 20.72 21.42
CA GLY E 114 4.54 19.59 20.77
C GLY E 114 4.40 18.40 21.71
N GLY E 115 3.64 17.40 21.27
CA GLY E 115 3.52 16.09 21.93
C GLY E 115 4.74 15.22 21.72
N GLY E 116 4.78 14.07 22.36
CA GLY E 116 5.87 13.10 22.18
C GLY E 116 5.95 12.53 20.77
N LYS E 117 7.14 12.06 20.44
CA LYS E 117 7.41 11.38 19.16
C LYS E 117 6.87 9.95 19.23
N PRO E 118 5.99 9.56 18.28
CA PRO E 118 5.54 8.18 18.17
C PRO E 118 6.67 7.16 18.03
N ILE E 119 6.47 5.96 18.55
CA ILE E 119 7.29 4.79 18.13
C ILE E 119 7.20 4.65 16.61
N GLN E 120 8.34 4.45 15.97
CA GLN E 120 8.42 4.36 14.49
C GLN E 120 9.79 3.79 14.14
N GLY E 121 9.97 3.48 12.86
CA GLY E 121 11.23 2.93 12.32
C GLY E 121 11.11 1.45 12.08
N SER E 122 12.24 0.79 11.92
CA SER E 122 12.35 -0.64 11.54
C SER E 122 11.47 -1.52 12.42
N ASN E 123 10.74 -2.45 11.81
CA ASN E 123 9.85 -3.34 12.57
C ASN E 123 9.86 -4.71 11.90
N PHE E 124 9.51 -5.72 12.68
CA PHE E 124 9.47 -7.13 12.22
C PHE E 124 8.34 -7.81 12.98
N HIS E 125 7.43 -8.44 12.23
CA HIS E 125 6.22 -9.12 12.73
C HIS E 125 6.19 -10.53 12.15
N PHE E 126 6.27 -11.51 13.04
CA PHE E 126 6.59 -12.90 12.65
C PHE E 126 5.87 -13.83 13.62
N PHE E 127 5.28 -14.90 13.10
CA PHE E 127 4.73 -15.99 13.94
C PHE E 127 4.90 -17.31 13.21
N ALA E 128 4.90 -18.38 14.01
CA ALA E 128 4.94 -19.75 13.47
C ALA E 128 4.19 -20.68 14.41
N VAL E 129 3.60 -21.71 13.81
CA VAL E 129 2.90 -22.82 14.52
C VAL E 129 3.41 -24.10 13.90
N GLY E 130 3.92 -25.02 14.72
CA GLY E 130 4.40 -26.30 14.23
C GLY E 130 4.23 -27.42 15.23
N GLY E 131 4.45 -28.64 14.74
CA GLY E 131 4.54 -29.85 15.59
C GLY E 131 5.97 -30.13 16.00
N ASP E 132 6.92 -29.28 15.60
CA ASP E 132 8.36 -29.38 15.99
C ASP E 132 8.83 -27.96 16.28
N PRO E 133 9.91 -27.76 17.06
CA PRO E 133 10.43 -26.41 17.23
C PRO E 133 10.77 -25.81 15.86
N LEU E 134 10.58 -24.50 15.71
CA LEU E 134 10.97 -23.72 14.51
C LEU E 134 12.42 -24.01 14.12
N GLU E 135 12.64 -24.25 12.84
CA GLU E 135 13.99 -24.47 12.31
C GLU E 135 14.46 -23.14 11.71
N MET E 136 15.68 -22.73 12.07
CA MET E 136 16.18 -21.37 11.68
C MET E 136 17.50 -21.48 10.92
N GLN E 137 17.80 -20.47 10.11
CA GLN E 137 19.05 -20.31 9.35
C GLN E 137 19.73 -19.04 9.87
N GLY E 138 21.03 -19.08 10.16
CA GLY E 138 21.78 -17.89 10.62
C GLY E 138 22.25 -17.05 9.45
N VAL E 139 22.08 -15.72 9.55
CA VAL E 139 22.66 -14.70 8.64
C VAL E 139 23.00 -13.48 9.49
N LEU E 140 24.21 -12.92 9.33
CA LEU E 140 24.71 -11.80 10.15
C LEU E 140 24.94 -10.58 9.26
N MET E 141 24.65 -9.40 9.76
CA MET E 141 25.11 -8.11 9.17
C MET E 141 26.66 -8.10 9.14
N ASN E 142 27.27 -8.57 10.23
CA ASN E 142 28.73 -8.47 10.53
C ASN E 142 29.18 -9.80 11.14
N TYR E 143 29.91 -10.61 10.38
CA TYR E 143 30.31 -11.97 10.85
C TYR E 143 31.23 -11.84 12.07
N ARG E 144 31.82 -10.67 12.32
CA ARG E 144 32.81 -10.47 13.41
C ARG E 144 32.14 -9.99 14.69
N THR E 145 30.82 -9.77 14.68
CA THR E 145 30.08 -9.33 15.87
C THR E 145 30.44 -10.30 17.02
N LYS E 146 30.75 -9.75 18.20
CA LYS E 146 30.98 -10.51 19.44
C LYS E 146 29.71 -10.51 20.27
N TYR E 147 29.01 -11.62 20.26
CA TYR E 147 27.67 -11.72 20.88
C TYR E 147 27.86 -12.06 22.35
N PRO E 148 26.97 -11.57 23.24
CA PRO E 148 27.14 -11.75 24.67
C PRO E 148 26.62 -13.06 25.26
N ASP E 149 27.18 -13.42 26.42
CA ASP E 149 26.75 -14.59 27.23
C ASP E 149 25.23 -14.57 27.37
N GLY E 150 24.60 -15.74 27.25
CA GLY E 150 23.14 -15.90 27.32
C GLY E 150 22.49 -15.93 25.94
N THR E 151 23.20 -15.49 24.90
CA THR E 151 22.68 -15.58 23.51
C THR E 151 23.21 -16.83 22.85
N ILE E 152 22.47 -17.32 21.86
CA ILE E 152 22.88 -18.44 20.99
C ILE E 152 22.90 -17.88 19.57
N THR E 153 24.05 -17.91 18.90
CA THR E 153 24.29 -17.17 17.64
C THR E 153 25.13 -18.07 16.75
N PRO E 154 25.20 -17.77 15.43
CA PRO E 154 25.97 -18.65 14.55
C PRO E 154 27.38 -18.98 15.05
N LYS E 155 27.73 -20.27 15.10
CA LYS E 155 29.03 -20.79 15.60
C LYS E 155 30.04 -20.72 14.45
N ASN E 156 31.25 -20.25 14.74
CA ASN E 156 32.38 -20.20 13.78
C ASN E 156 31.94 -19.53 12.49
N PRO E 157 31.35 -18.31 12.57
CA PRO E 157 30.91 -17.62 11.37
C PRO E 157 32.13 -17.24 10.52
N THR E 158 31.91 -17.09 9.23
CA THR E 158 32.90 -16.54 8.28
C THR E 158 32.24 -15.39 7.54
N ALA E 159 32.95 -14.80 6.58
CA ALA E 159 32.40 -13.71 5.74
C ALA E 159 31.17 -14.25 5.02
N GLN E 160 31.14 -15.55 4.70
CA GLN E 160 30.01 -16.18 3.96
C GLN E 160 28.75 -16.16 4.85
N SER E 161 28.89 -16.03 6.15
CA SER E 161 27.77 -15.87 7.11
C SER E 161 27.03 -14.54 6.91
N GLN E 162 27.57 -13.59 6.12
CA GLN E 162 26.87 -12.32 5.78
C GLN E 162 25.94 -12.54 4.59
N VAL E 163 26.14 -13.63 3.86
CA VAL E 163 25.17 -14.08 2.83
C VAL E 163 24.57 -15.40 3.32
N MET E 164 24.77 -16.50 2.62
CA MET E 164 24.24 -17.82 3.06
C MET E 164 25.38 -18.77 3.35
N ASN E 165 25.48 -19.17 4.61
CA ASN E 165 26.41 -20.20 5.14
C ASN E 165 25.56 -21.33 5.71
N THR E 166 25.46 -22.44 4.99
CA THR E 166 24.54 -23.54 5.36
C THR E 166 24.96 -24.21 6.68
N ASP E 167 26.14 -23.96 7.23
CA ASP E 167 26.50 -24.49 8.58
C ASP E 167 25.55 -23.95 9.67
N HIS E 168 24.98 -22.76 9.52
CA HIS E 168 24.23 -22.09 10.62
C HIS E 168 22.78 -22.58 10.66
N LYS E 169 22.59 -23.78 11.19
CA LYS E 169 21.25 -24.38 11.39
C LYS E 169 20.95 -24.43 12.89
N ALA E 170 19.80 -23.95 13.32
CA ALA E 170 19.41 -23.97 14.75
C ALA E 170 17.95 -24.40 14.91
N TYR E 171 17.63 -24.90 16.08
CA TYR E 171 16.25 -25.07 16.58
C TYR E 171 15.93 -23.87 17.48
N LEU E 172 14.75 -23.28 17.35
CA LEU E 172 14.25 -22.33 18.36
C LEU E 172 13.79 -23.15 19.59
N ASP E 173 14.76 -23.53 20.42
CA ASP E 173 14.60 -24.57 21.47
C ASP E 173 14.82 -23.87 22.82
N LYS E 174 14.83 -22.54 22.82
CA LYS E 174 15.03 -21.79 24.07
C LYS E 174 14.41 -20.40 23.88
N ASN E 175 13.62 -19.99 24.86
CA ASN E 175 12.96 -18.67 24.91
C ASN E 175 14.03 -17.64 25.30
N ASN E 176 13.93 -16.44 24.72
CA ASN E 176 14.79 -15.28 25.04
C ASN E 176 16.27 -15.62 24.92
N ALA E 177 16.70 -16.29 23.85
CA ALA E 177 18.12 -16.65 23.67
C ALA E 177 18.61 -16.40 22.24
N TYR E 178 17.76 -16.58 21.22
CA TYR E 178 18.18 -16.52 19.79
C TYR E 178 17.95 -15.10 19.27
N PRO E 179 18.98 -14.24 19.09
CA PRO E 179 18.72 -12.84 18.73
C PRO E 179 18.01 -12.77 17.37
N VAL E 180 17.01 -11.91 17.26
CA VAL E 180 16.24 -11.73 15.99
C VAL E 180 17.23 -11.35 14.87
N GLU E 181 18.21 -10.49 15.14
CA GLU E 181 19.21 -10.01 14.14
C GLU E 181 20.10 -11.12 13.57
N CYS E 182 20.17 -12.32 14.18
CA CYS E 182 21.08 -13.42 13.77
C CYS E 182 20.35 -14.54 13.02
N TRP E 183 19.03 -14.61 13.09
CA TRP E 183 18.30 -15.85 12.71
C TRP E 183 17.05 -15.51 11.91
N VAL E 184 16.74 -16.36 10.92
CA VAL E 184 15.48 -16.28 10.15
C VAL E 184 14.89 -17.68 10.13
N PRO E 185 13.56 -17.80 9.97
CA PRO E 185 12.98 -19.13 9.68
C PRO E 185 13.68 -19.70 8.45
N ASP E 186 14.01 -20.99 8.49
CA ASP E 186 14.69 -21.71 7.39
C ASP E 186 13.69 -22.30 6.38
N PRO E 187 13.59 -21.76 5.13
CA PRO E 187 12.63 -22.28 4.15
C PRO E 187 13.09 -23.63 3.58
N SER E 188 14.34 -24.04 3.82
CA SER E 188 14.85 -25.36 3.36
C SER E 188 14.45 -26.48 4.35
N ARG E 189 13.91 -26.16 5.52
CA ARG E 189 13.41 -27.16 6.51
CA ARG E 189 13.41 -27.17 6.51
C ARG E 189 11.96 -26.80 6.87
N ASN E 190 11.56 -26.87 8.14
CA ASN E 190 10.19 -26.54 8.58
C ASN E 190 9.12 -27.31 7.77
N GLU E 191 9.33 -28.59 7.50
CA GLU E 191 8.34 -29.49 6.86
C GLU E 191 7.06 -29.57 7.72
N ASN E 192 7.17 -29.43 9.05
CA ASN E 192 6.06 -29.65 10.02
C ASN E 192 5.74 -28.37 10.76
N THR E 193 6.06 -27.22 10.16
CA THR E 193 5.78 -25.89 10.77
C THR E 193 5.33 -24.94 9.66
N ARG E 194 4.36 -24.07 9.95
CA ARG E 194 4.01 -22.97 9.03
C ARG E 194 4.50 -21.67 9.64
N TYR E 195 5.15 -20.82 8.85
CA TYR E 195 5.67 -19.53 9.38
C TYR E 195 5.33 -18.39 8.43
N PHE E 196 5.20 -17.18 9.01
CA PHE E 196 4.82 -15.94 8.29
C PHE E 196 5.56 -14.76 8.92
N GLY E 197 6.24 -13.93 8.12
CA GLY E 197 6.99 -12.77 8.63
C GLY E 197 7.03 -11.63 7.65
N THR E 198 6.94 -10.41 8.15
CA THR E 198 7.19 -9.17 7.36
C THR E 198 8.22 -8.30 8.09
N PHE E 199 9.30 -8.00 7.37
CA PHE E 199 10.31 -7.00 7.78
C PHE E 199 10.06 -5.67 7.05
N THR E 200 9.96 -4.57 7.78
CA THR E 200 9.87 -3.21 7.21
C THR E 200 10.98 -2.36 7.80
N GLY E 201 11.96 -1.95 6.98
CA GLY E 201 13.16 -1.27 7.49
C GLY E 201 13.09 0.23 7.26
N GLY E 202 13.62 1.04 8.16
CA GLY E 202 13.77 2.48 7.86
C GLY E 202 13.67 3.33 9.10
N GLU E 203 14.21 4.52 9.00
CA GLU E 203 14.32 5.48 10.12
C GLU E 203 12.91 5.84 10.60
N ASN E 204 12.03 6.17 9.67
CA ASN E 204 10.74 6.89 9.89
C ASN E 204 9.54 6.03 9.51
N VAL E 205 9.70 4.73 9.29
CA VAL E 205 8.61 3.79 8.87
C VAL E 205 7.48 3.86 9.89
N PRO E 206 6.22 4.17 9.49
CA PRO E 206 5.09 4.11 10.41
C PRO E 206 4.69 2.69 10.77
N PRO E 207 4.48 2.35 12.05
CA PRO E 207 3.85 1.08 12.36
C PRO E 207 2.42 1.06 11.80
N VAL E 208 2.04 -0.03 11.16
CA VAL E 208 0.64 -0.28 10.67
C VAL E 208 0.22 -1.62 11.25
N LEU E 209 -0.71 -1.61 12.20
CA LEU E 209 -1.10 -2.88 12.86
C LEU E 209 -2.64 -3.01 12.91
N HIS E 210 -3.12 -4.20 12.60
CA HIS E 210 -4.54 -4.54 12.44
C HIS E 210 -4.93 -5.53 13.53
N VAL E 211 -6.11 -5.35 14.10
CA VAL E 211 -6.74 -6.35 15.02
C VAL E 211 -8.14 -6.66 14.47
N THR E 212 -8.50 -7.93 14.53
CA THR E 212 -9.87 -8.41 14.24
C THR E 212 -9.91 -9.84 14.74
N ASN E 213 -11.00 -10.22 15.36
CA ASN E 213 -11.23 -11.65 15.71
C ASN E 213 -11.93 -12.37 14.55
N THR E 214 -11.97 -11.81 13.35
CA THR E 214 -12.68 -12.42 12.20
C THR E 214 -11.69 -13.09 11.23
N ALA E 215 -10.39 -13.01 11.49
CA ALA E 215 -9.29 -13.43 10.58
C ALA E 215 -8.74 -14.77 11.07
N THR E 216 -8.68 -15.76 10.18
CA THR E 216 -8.12 -17.10 10.49
C THR E 216 -7.06 -17.44 9.44
N THR E 217 -5.89 -17.94 9.84
CA THR E 217 -4.91 -18.51 8.90
C THR E 217 -5.11 -20.03 8.88
N VAL E 218 -5.33 -20.63 7.71
CA VAL E 218 -5.44 -22.10 7.55
C VAL E 218 -4.02 -22.67 7.48
N LEU E 219 -3.71 -23.69 8.27
CA LEU E 219 -2.35 -24.30 8.37
C LEU E 219 -2.22 -25.57 7.54
N LEU E 220 -3.26 -25.98 6.81
CA LEU E 220 -3.25 -27.22 5.98
C LEU E 220 -2.32 -26.96 4.81
N ASP E 221 -1.52 -27.95 4.44
CA ASP E 221 -0.65 -27.89 3.24
C ASP E 221 -1.48 -28.27 2.01
N GLU E 222 -0.80 -28.49 0.88
CA GLU E 222 -1.41 -28.71 -0.45
C GLU E 222 -2.25 -29.99 -0.41
N GLN E 223 -1.92 -30.91 0.49
CA GLN E 223 -2.58 -32.23 0.62
C GLN E 223 -3.67 -32.19 1.72
N GLY E 224 -3.92 -31.04 2.37
CA GLY E 224 -4.97 -30.91 3.40
C GLY E 224 -4.49 -31.39 4.76
N VAL E 225 -3.18 -31.32 5.01
CA VAL E 225 -2.56 -31.83 6.27
C VAL E 225 -1.89 -30.66 6.98
N GLY E 226 -2.31 -30.39 8.21
CA GLY E 226 -1.69 -29.37 9.06
C GLY E 226 -0.46 -29.93 9.77
N PRO E 227 0.26 -29.06 10.52
CA PRO E 227 1.34 -29.53 11.38
C PRO E 227 0.82 -30.64 12.29
N LEU E 228 1.61 -31.70 12.46
CA LEU E 228 1.25 -32.87 13.31
C LEU E 228 2.08 -32.85 14.59
N CYS E 229 1.43 -32.93 15.75
CA CYS E 229 2.10 -32.96 17.07
C CYS E 229 2.63 -34.38 17.32
N LYS E 230 3.71 -34.71 16.65
CA LYS E 230 4.28 -36.08 16.58
C LYS E 230 4.64 -36.54 17.99
N ALA E 231 5.07 -35.62 18.87
CA ALA E 231 5.48 -35.93 20.26
C ALA E 231 4.50 -35.29 21.25
N ASP E 232 3.23 -35.11 20.86
CA ASP E 232 2.15 -34.54 21.70
C ASP E 232 2.50 -33.14 22.22
N SER E 233 3.16 -32.34 21.40
CA SER E 233 3.56 -30.94 21.71
C SER E 233 3.22 -30.05 20.52
N LEU E 234 2.71 -28.86 20.79
CA LEU E 234 2.50 -27.81 19.75
C LEU E 234 3.45 -26.64 20.04
N TYR E 235 4.14 -26.13 19.02
CA TYR E 235 5.12 -25.03 19.18
C TYR E 235 4.59 -23.75 18.54
N VAL E 236 4.62 -22.67 19.33
CA VAL E 236 4.28 -21.28 18.87
C VAL E 236 5.55 -20.45 19.01
N SER E 237 5.83 -19.63 18.01
CA SER E 237 7.05 -18.82 17.93
C SER E 237 6.66 -17.43 17.46
N ALA E 238 7.28 -16.38 18.00
CA ALA E 238 6.96 -15.02 17.54
C ALA E 238 8.18 -14.10 17.62
N ALA E 239 8.10 -13.02 16.87
CA ALA E 239 8.91 -11.81 17.10
C ALA E 239 8.07 -10.62 16.66
N ASP E 240 7.89 -9.63 17.53
CA ASP E 240 7.01 -8.46 17.22
C ASP E 240 7.72 -7.22 17.75
N ILE E 241 8.75 -6.82 17.02
CA ILE E 241 9.46 -5.51 17.22
C ILE E 241 8.65 -4.44 16.50
N CYS E 242 8.02 -3.53 17.26
CA CYS E 242 7.02 -2.61 16.67
C CYS E 242 7.72 -1.40 16.09
N GLY E 243 8.93 -1.13 16.55
CA GLY E 243 9.70 0.05 16.11
C GLY E 243 10.59 0.54 17.23
N LEU E 244 11.09 1.78 17.09
CA LEU E 244 12.00 2.40 18.07
C LEU E 244 11.28 3.50 18.85
N PHE E 245 11.46 3.47 20.16
CA PHE E 245 11.01 4.51 21.12
C PHE E 245 12.17 5.50 21.27
N THR E 246 11.97 6.79 20.99
CA THR E 246 13.00 7.85 21.13
C THR E 246 12.79 8.61 22.46
N ASN E 247 13.70 8.44 23.40
CA ASN E 247 13.70 9.14 24.71
C ASN E 247 13.97 10.63 24.48
N SER E 248 13.56 11.46 25.45
CA SER E 248 13.85 12.93 25.50
CA SER E 248 13.84 12.93 25.49
C SER E 248 15.34 13.17 25.29
N SER E 249 16.18 12.29 25.83
CA SER E 249 17.66 12.38 25.73
C SER E 249 18.16 12.20 24.29
N GLY E 250 17.36 11.62 23.38
CA GLY E 250 17.82 11.23 22.04
C GLY E 250 18.09 9.73 21.93
N THR E 251 18.28 9.01 23.04
CA THR E 251 18.53 7.55 22.99
C THR E 251 17.30 6.86 22.41
N GLN E 252 17.50 5.70 21.80
CA GLN E 252 16.44 4.86 21.19
C GLN E 252 16.47 3.46 21.83
N GLN E 253 15.28 2.88 21.96
CA GLN E 253 15.04 1.52 22.49
C GLN E 253 13.99 0.85 21.61
N TRP E 254 14.21 -0.40 21.28
CA TRP E 254 13.16 -1.22 20.65
C TRP E 254 11.96 -1.34 21.61
N ARG E 255 10.77 -1.38 21.03
CA ARG E 255 9.55 -1.70 21.81
C ARG E 255 8.88 -2.89 21.14
N GLY E 256 8.47 -3.87 21.93
CA GLY E 256 7.76 -5.05 21.40
C GLY E 256 6.48 -5.26 22.16
N LEU E 257 5.63 -6.11 21.61
CA LEU E 257 4.32 -6.41 22.21
C LEU E 257 4.10 -7.92 22.17
N ALA E 258 3.26 -8.40 23.07
CA ALA E 258 2.91 -9.81 23.18
C ALA E 258 2.09 -10.22 21.94
N ARG E 259 2.05 -11.52 21.64
CA ARG E 259 1.22 -12.05 20.53
C ARG E 259 0.31 -13.14 21.07
N TYR E 260 -0.97 -13.07 20.72
CA TYR E 260 -2.00 -14.08 21.04
C TYR E 260 -2.03 -15.15 19.93
N PHE E 261 -2.17 -16.40 20.33
CA PHE E 261 -2.43 -17.54 19.40
C PHE E 261 -3.71 -18.26 19.86
N LYS E 262 -4.66 -18.55 18.96
CA LYS E 262 -5.72 -19.59 19.20
C LYS E 262 -5.66 -20.60 18.05
N ILE E 263 -5.34 -21.85 18.36
CA ILE E 263 -5.07 -22.92 17.38
C ILE E 263 -6.18 -23.96 17.50
N ARG E 264 -6.90 -24.18 16.40
CA ARG E 264 -7.87 -25.28 16.33
C ARG E 264 -7.10 -26.57 15.99
N LEU E 265 -7.32 -27.63 16.77
CA LEU E 265 -6.65 -28.95 16.58
C LEU E 265 -7.71 -30.00 16.30
N ARG E 266 -7.40 -30.97 15.45
CA ARG E 266 -8.29 -32.14 15.27
C ARG E 266 -7.45 -33.40 15.42
N LYS E 267 -8.11 -34.56 15.54
CA LYS E 267 -7.40 -35.85 15.68
C LYS E 267 -7.18 -36.44 14.28
N ARG E 268 -5.95 -36.84 14.00
CA ARG E 268 -5.51 -37.41 12.70
C ARG E 268 -4.97 -38.82 12.91
N SER E 269 -5.50 -39.81 12.17
CA SER E 269 -4.96 -41.19 12.10
C SER E 269 -3.66 -41.20 11.29
N VAL E 270 -2.68 -42.00 11.70
CA VAL E 270 -1.36 -42.20 11.03
C VAL E 270 -0.97 -43.67 11.19
N LYS E 271 -0.12 -44.20 10.31
CA LYS E 271 0.34 -45.62 10.38
C LYS E 271 1.53 -45.71 11.37
N ASN E 272 1.44 -46.65 12.34
CA ASN E 272 2.57 -47.21 13.15
C ASN E 272 2.02 -48.16 14.22
#